data_8UC1
#
_entry.id   8UC1
#
_cell.length_a   1.00
_cell.length_b   1.00
_cell.length_c   1.00
_cell.angle_alpha   90.00
_cell.angle_beta   90.00
_cell.angle_gamma   90.00
#
_symmetry.space_group_name_H-M   'P 1'
#
loop_
_entity.id
_entity.type
_entity.pdbx_description
1 polymer Prestin
2 non-polymer 'CHLORIDE ION'
#
_entity_poly.entity_id   1
_entity_poly.type   'polypeptide(L)'
_entity_poly.pdbx_seq_one_letter_code
;MDHVEETEILAATQRYYVERPIFSHPVLQERLHKKDKISESIGDKLKQAFTCTPKKIRNIIYMFLPITKWLPAYRFKEYV
LGDIVSGISTGVLQLPQGLAFAMLAAVPPVFGLYSSFYPVIMYCFFGTSRHISIGPFAVISLMIGGVAVRLVPDDIVIPG
GVNATNSTEARDALRVKVAMSVTLLTGIIQFCLGVCRFGFVAIYLTEPLVRGFTTAAAVHVFTSMLKYLFGVKTKRYSGI
FSVVYSTVAVLQNVKNLNVCSLGVGLMVFGLLLGGKEFNERFKEKLPAPIPLEFFAVVMGTGISAGFSLHESYNVDVVGT
LPLGLLPPANPDTSLFHLVYVDAIAIAIVGFSVTISMAKTLANKHGYQVDGNQELIALGLCNSTGSLFQTFAISCSLSRS
LVQEGTGGKTQLAGCLASLMILLVILATGFLFESLPQAVLSAIVIVNLKGMFMQFSDLPFFWRTSKIELTIWLTTFVSSL
FLGLDYGLITAVIIALMTVIYRTQSPSYIVLGQLPDTDVYIDIDAYEEVKEVPGIKIFQINAPIYYANSDLYSSALKRKT
GVNPAFILGARRKAMKKYAKEVGNANMANATVVKVDAEVDAEDGTKPEEEEDEIKYPPIVTKSTLPEELQRFMPPGDNVH
TIILDFTQVNFMDSVGVKTLAGIVKEYGDVGIYVYLAGCSAQVVSDLTQNQFFENPALLDLLFHSIHDAVLGSQVREALA
EQEATAAPPQEDSEPNATPEA
;
_entity_poly.pdbx_strand_id   A,B
#
loop_
_chem_comp.id
_chem_comp.type
_chem_comp.name
_chem_comp.formula
CL non-polymer 'CHLORIDE ION' 'Cl -1'
#
# COMPACT_ATOMS: atom_id res chain seq x y z
N GLN A 14 -33.33 18.75 29.39
CA GLN A 14 -32.53 18.50 30.59
C GLN A 14 -32.26 17.00 30.77
N ARG A 15 -33.20 16.17 30.36
CA ARG A 15 -33.08 14.74 30.46
C ARG A 15 -33.31 14.09 29.11
N TYR A 16 -32.64 12.96 28.88
CA TYR A 16 -32.79 12.21 27.64
C TYR A 16 -34.11 11.44 27.70
N TYR A 17 -35.10 11.92 26.97
CA TYR A 17 -36.43 11.32 26.94
C TYR A 17 -36.88 11.20 25.50
N VAL A 18 -36.95 9.96 24.99
CA VAL A 18 -37.50 9.68 23.67
C VAL A 18 -38.55 8.58 23.82
N GLU A 19 -39.66 8.72 23.10
CA GLU A 19 -40.72 7.72 23.06
C GLU A 19 -41.11 7.56 21.59
N ARG A 20 -40.44 6.66 20.90
CA ARG A 20 -40.66 6.43 19.47
C ARG A 20 -40.81 4.94 19.21
N PRO A 21 -41.50 4.56 18.14
CA PRO A 21 -41.62 3.14 17.82
C PRO A 21 -40.27 2.56 17.42
N ILE A 22 -40.20 1.23 17.47
CA ILE A 22 -38.95 0.53 17.16
C ILE A 22 -38.65 0.75 15.68
N PHE A 23 -37.60 1.52 15.40
CA PHE A 23 -37.28 1.93 14.03
C PHE A 23 -36.39 0.86 13.38
N SER A 24 -37.03 -0.17 12.82
CA SER A 24 -36.33 -1.07 11.93
C SER A 24 -36.15 -0.39 10.57
N HIS A 25 -35.50 -1.09 9.64
CA HIS A 25 -35.29 -0.50 8.32
C HIS A 25 -36.60 -0.21 7.58
N PRO A 26 -37.55 -1.15 7.46
CA PRO A 26 -38.79 -0.81 6.75
C PRO A 26 -39.57 0.33 7.39
N VAL A 27 -39.62 0.39 8.72
CA VAL A 27 -40.39 1.45 9.38
C VAL A 27 -39.77 2.80 9.12
N LEU A 28 -38.45 2.91 9.30
CA LEU A 28 -37.78 4.18 9.05
C LEU A 28 -37.88 4.59 7.60
N GLN A 29 -37.74 3.64 6.67
CA GLN A 29 -37.83 3.97 5.25
C GLN A 29 -39.23 4.41 4.87
N GLU A 30 -40.25 3.80 5.48
CA GLU A 30 -41.62 4.22 5.21
C GLU A 30 -41.94 5.59 5.79
N ARG A 31 -41.35 5.92 6.95
CA ARG A 31 -41.61 7.22 7.56
C ARG A 31 -40.90 8.37 6.85
N LEU A 32 -40.00 8.08 5.91
CA LEU A 32 -39.21 9.11 5.25
C LEU A 32 -39.54 9.19 3.77
N HIS A 33 -39.20 10.34 3.17
CA HIS A 33 -39.35 10.55 1.75
C HIS A 33 -38.08 11.18 1.21
N LYS A 34 -37.65 10.68 0.05
CA LYS A 34 -36.40 11.15 -0.54
C LYS A 34 -36.54 12.58 -1.05
N LYS A 35 -35.47 13.35 -0.89
CA LYS A 35 -35.42 14.74 -1.33
C LYS A 35 -34.79 14.82 -2.70
N ASP A 36 -35.31 15.71 -3.55
CA ASP A 36 -34.83 15.83 -4.92
C ASP A 36 -33.36 16.20 -4.96
N LYS A 37 -32.60 15.49 -5.78
CA LYS A 37 -31.17 15.74 -5.93
C LYS A 37 -30.91 17.06 -6.64
N ILE A 38 -29.75 17.66 -6.42
CA ILE A 38 -29.35 18.87 -7.11
C ILE A 38 -28.63 18.47 -8.39
N SER A 39 -28.56 19.40 -9.33
CA SER A 39 -27.95 19.12 -10.63
C SER A 39 -26.45 18.85 -10.48
N GLU A 40 -25.99 17.79 -11.15
CA GLU A 40 -24.56 17.44 -11.20
C GLU A 40 -24.22 17.23 -12.67
N SER A 41 -23.33 18.06 -13.19
CA SER A 41 -22.91 18.01 -14.60
C SER A 41 -21.44 18.38 -14.69
N ILE A 42 -20.64 17.48 -15.28
CA ILE A 42 -19.24 17.80 -15.56
C ILE A 42 -19.15 18.99 -16.50
N GLY A 43 -20.08 19.05 -17.47
CA GLY A 43 -20.13 20.20 -18.34
C GLY A 43 -20.32 21.51 -17.59
N ASP A 44 -21.18 21.48 -16.56
CA ASP A 44 -21.36 22.66 -15.73
C ASP A 44 -20.11 22.97 -14.92
N LYS A 45 -19.37 21.93 -14.52
CA LYS A 45 -18.10 22.15 -13.83
C LYS A 45 -17.12 22.88 -14.73
N LEU A 46 -17.06 22.48 -16.01
CA LEU A 46 -16.15 23.15 -16.94
C LEU A 46 -16.66 24.53 -17.32
N LYS A 47 -17.97 24.73 -17.29
CA LYS A 47 -18.61 25.97 -17.72
C LYS A 47 -18.05 27.19 -17.02
N GLN A 48 -18.18 27.25 -15.69
CA GLN A 48 -17.75 28.44 -14.96
C GLN A 48 -16.24 28.62 -15.02
N ALA A 49 -15.51 27.53 -15.25
CA ALA A 49 -14.05 27.62 -15.35
C ALA A 49 -13.63 28.46 -16.54
N PHE A 50 -14.30 28.28 -17.67
CA PHE A 50 -13.94 29.00 -18.89
C PHE A 50 -14.53 30.41 -18.94
N THR A 51 -15.35 30.79 -17.97
CA THR A 51 -15.87 32.15 -17.89
C THR A 51 -14.92 33.01 -17.07
N CYS A 52 -14.53 34.15 -17.62
CA CYS A 52 -13.56 35.03 -16.98
C CYS A 52 -14.25 36.00 -16.03
N THR A 53 -13.78 36.03 -14.79
CA THR A 53 -14.26 36.95 -13.77
C THR A 53 -13.06 37.65 -13.16
N PRO A 54 -13.20 38.93 -12.78
CA PRO A 54 -12.06 39.66 -12.23
C PRO A 54 -11.53 39.05 -10.94
N LYS A 55 -12.42 38.54 -10.09
CA LYS A 55 -11.99 37.94 -8.83
C LYS A 55 -11.14 36.70 -9.07
N LYS A 56 -11.56 35.85 -10.02
CA LYS A 56 -10.79 34.65 -10.31
C LYS A 56 -9.49 34.99 -11.04
N ILE A 57 -9.50 36.08 -11.81
CA ILE A 57 -8.26 36.55 -12.43
C ILE A 57 -7.27 36.97 -11.35
N ARG A 58 -7.75 37.72 -10.36
CA ARG A 58 -6.89 38.12 -9.24
C ARG A 58 -6.42 36.90 -8.46
N ASN A 59 -7.32 35.93 -8.34
CA ASN A 59 -7.00 34.68 -7.59
C ASN A 59 -5.98 33.88 -8.41
N ILE A 60 -6.11 33.81 -9.73
CA ILE A 60 -5.08 33.11 -10.54
C ILE A 60 -3.72 33.75 -10.25
N ILE A 61 -3.65 35.08 -10.26
CA ILE A 61 -2.37 35.80 -10.03
C ILE A 61 -1.91 35.55 -8.59
N TYR A 62 -2.81 35.63 -7.61
CA TYR A 62 -2.37 35.50 -6.19
C TYR A 62 -1.96 34.05 -5.93
N MET A 63 -2.31 33.18 -6.87
CA MET A 63 -1.98 31.75 -6.70
C MET A 63 -0.65 31.48 -7.38
N PHE A 64 -0.38 32.11 -8.55
CA PHE A 64 0.88 31.84 -9.31
C PHE A 64 1.98 32.82 -8.90
N LEU A 65 1.61 34.08 -8.61
CA LEU A 65 2.62 35.03 -8.17
C LEU A 65 2.34 35.40 -6.72
N PRO A 66 2.72 34.56 -5.76
CA PRO A 66 2.40 34.86 -4.35
C PRO A 66 3.04 36.12 -3.82
N ILE A 67 4.12 36.60 -4.46
CA ILE A 67 4.77 37.83 -3.99
C ILE A 67 3.83 39.02 -4.13
N THR A 68 2.91 38.97 -5.09
CA THR A 68 1.94 40.04 -5.25
C THR A 68 1.01 40.15 -4.04
N LYS A 69 0.84 39.07 -3.29
CA LYS A 69 -0.08 39.08 -2.15
C LYS A 69 0.56 39.71 -0.92
N TRP A 70 1.65 39.12 -0.42
CA TRP A 70 2.22 39.53 0.85
C TRP A 70 3.12 40.75 0.76
N LEU A 71 3.91 40.88 -0.31
CA LEU A 71 4.89 41.97 -0.37
C LEU A 71 4.26 43.35 -0.29
N PRO A 72 3.18 43.67 -1.03
CA PRO A 72 2.53 44.97 -0.81
C PRO A 72 1.94 45.12 0.58
N ALA A 73 1.66 44.03 1.27
CA ALA A 73 1.11 44.06 2.62
C ALA A 73 2.17 43.81 3.69
N TYR A 74 3.45 43.88 3.33
CA TYR A 74 4.51 43.67 4.30
C TYR A 74 4.46 44.72 5.39
N ARG A 75 4.58 44.27 6.65
CA ARG A 75 4.54 45.17 7.80
C ARG A 75 5.96 45.61 8.15
N PHE A 76 6.19 46.92 8.10
CA PHE A 76 7.50 47.48 8.40
C PHE A 76 7.73 47.71 9.89
N LYS A 77 6.69 47.61 10.71
CA LYS A 77 6.82 47.97 12.12
C LYS A 77 7.61 46.92 12.89
N GLU A 78 7.30 45.64 12.68
CA GLU A 78 7.84 44.57 13.51
C GLU A 78 8.74 43.60 12.76
N TYR A 79 8.43 43.32 11.50
CA TYR A 79 9.14 42.27 10.77
C TYR A 79 10.53 42.68 10.30
N VAL A 80 10.82 43.98 10.20
CA VAL A 80 12.03 44.42 9.52
C VAL A 80 13.28 43.92 10.24
N LEU A 81 13.35 44.15 11.56
CA LEU A 81 14.55 43.78 12.31
C LEU A 81 14.74 42.27 12.33
N GLY A 82 13.66 41.52 12.57
CA GLY A 82 13.76 40.07 12.59
C GLY A 82 14.19 39.50 11.26
N ASP A 83 13.61 40.01 10.16
CA ASP A 83 14.02 39.55 8.83
C ASP A 83 15.46 39.92 8.52
N ILE A 84 15.93 41.10 8.93
CA ILE A 84 17.31 41.48 8.69
C ILE A 84 18.26 40.52 9.42
N VAL A 85 17.98 40.26 10.69
CA VAL A 85 18.84 39.37 11.48
C VAL A 85 18.82 37.97 10.89
N SER A 86 17.62 37.48 10.55
CA SER A 86 17.49 36.14 9.99
C SER A 86 18.21 36.02 8.65
N GLY A 87 18.10 37.05 7.81
CA GLY A 87 18.79 37.02 6.53
C GLY A 87 20.29 37.02 6.68
N ILE A 88 20.80 37.84 7.59
CA ILE A 88 22.23 37.84 7.87
C ILE A 88 22.69 36.45 8.30
N SER A 89 21.99 35.85 9.27
CA SER A 89 22.41 34.55 9.77
C SER A 89 22.32 33.47 8.70
N THR A 90 21.25 33.49 7.90
CA THR A 90 21.06 32.42 6.93
C THR A 90 22.01 32.56 5.75
N GLY A 91 22.41 33.80 5.40
CA GLY A 91 23.43 33.95 4.37
C GLY A 91 24.81 33.57 4.86
N VAL A 92 25.12 33.92 6.11
CA VAL A 92 26.37 33.50 6.72
C VAL A 92 26.44 31.98 6.79
N LEU A 93 25.31 31.31 6.94
CA LEU A 93 25.29 29.86 6.84
C LEU A 93 25.33 29.36 5.40
N GLN A 94 24.74 30.11 4.46
CA GLN A 94 24.73 29.71 3.06
C GLN A 94 26.14 29.60 2.51
N LEU A 95 26.99 30.58 2.85
CA LEU A 95 28.31 30.64 2.22
C LEU A 95 29.10 29.34 2.42
N PRO A 96 29.36 28.89 3.67
CA PRO A 96 30.17 27.67 3.83
C PRO A 96 29.41 26.42 3.41
N GLN A 97 28.11 26.37 3.72
CA GLN A 97 27.30 25.26 3.25
C GLN A 97 27.28 25.19 1.73
N GLY A 98 27.14 26.34 1.08
CA GLY A 98 27.15 26.36 -0.38
C GLY A 98 28.47 25.88 -0.95
N LEU A 99 29.59 26.35 -0.40
CA LEU A 99 30.89 25.91 -0.89
C LEU A 99 31.09 24.41 -0.67
N ALA A 100 30.75 23.91 0.51
CA ALA A 100 30.95 22.50 0.81
C ALA A 100 30.06 21.62 -0.08
N PHE A 101 28.81 22.05 -0.31
CA PHE A 101 27.91 21.26 -1.12
C PHE A 101 28.29 21.32 -2.60
N ALA A 102 28.93 22.41 -3.02
CA ALA A 102 29.55 22.42 -4.35
C ALA A 102 30.69 21.42 -4.41
N MET A 103 31.48 21.33 -3.34
CA MET A 103 32.54 20.32 -3.29
C MET A 103 31.97 18.91 -3.37
N LEU A 104 30.81 18.70 -2.75
CA LEU A 104 30.17 17.39 -2.76
C LEU A 104 29.71 16.95 -4.15
N ALA A 105 29.43 17.91 -5.05
CA ALA A 105 28.83 17.61 -6.34
C ALA A 105 29.86 17.44 -7.45
N ALA A 106 31.12 17.22 -7.11
CA ALA A 106 32.19 17.00 -8.10
C ALA A 106 32.27 18.18 -9.09
N VAL A 107 32.02 19.37 -8.59
CA VAL A 107 32.06 20.59 -9.40
C VAL A 107 32.90 21.62 -8.68
N PRO A 108 33.42 22.60 -9.42
CA PRO A 108 34.22 23.64 -8.76
C PRO A 108 33.41 24.34 -7.69
N PRO A 109 34.06 24.79 -6.62
CA PRO A 109 33.32 25.34 -5.48
C PRO A 109 32.53 26.60 -5.81
N VAL A 110 32.89 27.29 -6.88
CA VAL A 110 32.19 28.58 -7.21
C VAL A 110 30.73 28.28 -7.54
N PHE A 111 30.46 27.17 -8.23
CA PHE A 111 29.11 26.88 -8.67
C PHE A 111 28.15 26.72 -7.51
N GLY A 112 28.68 26.47 -6.31
CA GLY A 112 27.84 26.53 -5.12
C GLY A 112 27.34 27.94 -4.83
N LEU A 113 28.18 28.94 -5.11
CA LEU A 113 27.76 30.32 -4.92
C LEU A 113 26.67 30.71 -5.92
N TYR A 114 26.79 30.27 -7.17
CA TYR A 114 25.74 30.49 -8.14
C TYR A 114 24.47 29.73 -7.75
N SER A 115 24.63 28.52 -7.22
CA SER A 115 23.50 27.73 -6.76
C SER A 115 22.77 28.39 -5.59
N SER A 116 23.41 29.32 -4.89
CA SER A 116 22.82 29.97 -3.73
C SER A 116 22.36 31.40 -4.01
N PHE A 117 22.43 31.85 -5.26
CA PHE A 117 21.98 33.20 -5.60
C PHE A 117 20.82 33.21 -6.58
N TYR A 118 20.97 32.54 -7.73
CA TYR A 118 19.93 32.60 -8.76
C TYR A 118 18.60 32.00 -8.33
N PRO A 119 18.55 30.79 -7.75
CA PRO A 119 17.23 30.24 -7.36
C PRO A 119 16.66 30.85 -6.09
N VAL A 120 17.45 31.55 -5.28
CA VAL A 120 16.90 32.15 -4.06
C VAL A 120 16.04 33.36 -4.40
N ILE A 121 16.49 34.20 -5.32
CA ILE A 121 15.75 35.42 -5.64
C ILE A 121 14.41 35.08 -6.30
N MET A 122 14.37 34.02 -7.10
CA MET A 122 13.16 33.66 -7.82
C MET A 122 12.10 33.07 -6.91
N TYR A 123 12.51 32.27 -5.92
CA TYR A 123 11.56 31.69 -4.98
C TYR A 123 10.84 32.78 -4.19
N CYS A 124 11.50 33.93 -3.99
CA CYS A 124 10.81 35.06 -3.39
C CYS A 124 9.65 35.53 -4.27
N PHE A 125 9.80 35.44 -5.60
CA PHE A 125 8.72 35.82 -6.49
C PHE A 125 7.65 34.75 -6.57
N PHE A 126 8.03 33.47 -6.56
CA PHE A 126 7.11 32.39 -6.88
C PHE A 126 6.78 31.46 -5.71
N GLY A 127 7.55 31.50 -4.63
CA GLY A 127 7.34 30.54 -3.55
C GLY A 127 6.20 30.90 -2.64
N THR A 128 5.90 29.98 -1.71
CA THR A 128 4.82 30.14 -0.76
C THR A 128 5.29 30.33 0.67
N SER A 129 6.08 29.40 1.19
CA SER A 129 6.50 29.47 2.58
C SER A 129 7.45 30.65 2.79
N ARG A 130 7.23 31.39 3.88
CA ARG A 130 8.01 32.58 4.21
C ARG A 130 9.11 32.28 5.23
N HIS A 131 9.28 31.01 5.60
CA HIS A 131 10.37 30.67 6.53
C HIS A 131 11.31 29.62 5.96
N ILE A 132 11.38 29.43 4.65
CA ILE A 132 12.12 28.34 4.05
C ILE A 132 13.31 28.92 3.28
N SER A 133 14.45 28.26 3.41
CA SER A 133 15.69 28.69 2.75
C SER A 133 16.02 27.68 1.65
N ILE A 134 16.15 28.17 0.42
CA ILE A 134 16.39 27.31 -0.73
C ILE A 134 17.84 27.44 -1.18
N GLY A 135 18.69 26.54 -0.70
CA GLY A 135 20.08 26.48 -1.14
C GLY A 135 20.46 25.07 -1.50
N PRO A 136 21.70 24.85 -1.93
CA PRO A 136 22.12 23.51 -2.30
C PRO A 136 22.01 22.54 -1.14
N PHE A 137 21.72 21.28 -1.46
CA PHE A 137 21.55 20.25 -0.45
C PHE A 137 22.50 19.10 -0.76
N ALA A 138 22.99 18.45 0.30
CA ALA A 138 24.10 17.51 0.14
C ALA A 138 23.71 16.29 -0.67
N VAL A 139 22.56 15.69 -0.36
CA VAL A 139 22.18 14.44 -1.02
C VAL A 139 21.93 14.68 -2.50
N ILE A 140 21.24 15.78 -2.84
CA ILE A 140 21.09 16.13 -4.24
C ILE A 140 22.45 16.43 -4.87
N SER A 141 23.31 17.13 -4.13
CA SER A 141 24.66 17.38 -4.62
C SER A 141 25.42 16.08 -4.82
N LEU A 142 25.26 15.12 -3.91
CA LEU A 142 25.89 13.82 -4.08
C LEU A 142 25.36 13.09 -5.31
N MET A 143 24.05 13.15 -5.54
CA MET A 143 23.49 12.51 -6.73
C MET A 143 24.04 13.12 -8.01
N ILE A 144 24.10 14.46 -8.07
CA ILE A 144 24.66 15.13 -9.23
C ILE A 144 26.13 14.82 -9.41
N GLY A 145 26.89 14.76 -8.32
CA GLY A 145 28.30 14.40 -8.42
C GLY A 145 28.48 12.99 -8.95
N GLY A 146 27.59 12.09 -8.52
CA GLY A 146 27.63 10.72 -9.04
C GLY A 146 27.30 10.71 -10.53
N VAL A 147 26.31 11.51 -10.93
CA VAL A 147 25.92 11.58 -12.38
C VAL A 147 27.13 12.07 -13.17
N ALA A 148 27.76 13.16 -12.72
CA ALA A 148 28.95 13.70 -13.41
C ALA A 148 30.04 12.62 -13.48
N VAL A 149 30.30 11.92 -12.38
CA VAL A 149 31.37 10.93 -12.38
C VAL A 149 31.09 9.83 -13.39
N ARG A 150 29.83 9.38 -13.42
CA ARG A 150 29.47 8.25 -14.30
C ARG A 150 29.66 8.64 -15.77
N LEU A 151 29.16 9.81 -16.15
CA LEU A 151 29.24 10.22 -17.56
C LEU A 151 30.67 10.56 -17.95
N VAL A 152 31.38 11.33 -17.13
CA VAL A 152 32.79 11.62 -17.40
C VAL A 152 33.62 11.19 -16.20
N PRO A 153 34.42 10.14 -16.33
CA PRO A 153 35.19 9.65 -15.19
C PRO A 153 36.40 10.53 -14.90
N ASP A 154 37.01 10.25 -13.75
CA ASP A 154 38.21 11.00 -13.35
C ASP A 154 39.35 10.76 -14.33
N ASP A 155 39.52 9.52 -14.78
CA ASP A 155 40.59 9.18 -15.71
C ASP A 155 40.04 9.28 -17.14
N ILE A 156 40.00 10.51 -17.65
CA ILE A 156 39.53 10.80 -18.99
C ILE A 156 40.65 11.52 -19.75
N VAL A 157 40.88 11.08 -20.97
CA VAL A 157 41.92 11.67 -21.82
C VAL A 157 41.31 12.82 -22.60
N ILE A 158 41.86 14.02 -22.40
CA ILE A 158 41.38 15.22 -23.08
C ILE A 158 42.14 15.33 -24.40
N PRO A 159 41.45 15.38 -25.55
CA PRO A 159 42.16 15.50 -26.83
C PRO A 159 42.80 16.86 -27.07
N GLY A 160 42.60 17.83 -26.18
CA GLY A 160 43.21 19.14 -26.37
C GLY A 160 44.72 19.10 -26.30
N GLY A 161 45.27 18.36 -25.35
CA GLY A 161 46.72 18.29 -25.21
C GLY A 161 47.29 19.63 -24.84
N VAL A 162 48.29 20.07 -25.61
CA VAL A 162 48.94 21.38 -25.45
C VAL A 162 49.59 21.50 -24.08
N ASN A 163 48.78 21.48 -23.02
CA ASN A 163 49.28 21.65 -21.68
C ASN A 163 50.14 20.44 -21.27
N ALA A 164 50.73 20.53 -20.08
CA ALA A 164 51.60 19.50 -19.56
C ALA A 164 50.76 18.35 -18.99
N THR A 165 51.40 17.45 -18.26
CA THR A 165 50.70 16.31 -17.69
C THR A 165 49.62 16.77 -16.71
N ASN A 166 48.49 16.06 -16.74
CA ASN A 166 47.34 16.30 -15.87
C ASN A 166 46.60 17.59 -16.25
N SER A 167 45.27 17.55 -16.20
CA SER A 167 44.44 18.70 -16.52
C SER A 167 43.15 18.61 -15.72
N THR A 168 42.66 19.76 -15.27
CA THR A 168 41.47 19.83 -14.46
C THR A 168 40.38 20.73 -15.02
N GLU A 169 40.72 21.71 -15.85
CA GLU A 169 39.73 22.68 -16.31
C GLU A 169 38.71 22.03 -17.25
N ALA A 170 39.18 21.27 -18.24
CA ALA A 170 38.27 20.65 -19.20
C ALA A 170 37.37 19.62 -18.52
N ARG A 171 37.93 18.81 -17.62
CA ARG A 171 37.12 17.81 -16.93
C ARG A 171 36.06 18.47 -16.06
N ASP A 172 36.42 19.54 -15.35
CA ASP A 172 35.45 20.24 -14.53
C ASP A 172 34.37 20.90 -15.38
N ALA A 173 34.76 21.46 -16.53
CA ALA A 173 33.75 22.05 -17.42
C ALA A 173 32.79 21.00 -17.94
N LEU A 174 33.29 19.82 -18.30
CA LEU A 174 32.39 18.76 -18.75
C LEU A 174 31.48 18.28 -17.62
N ARG A 175 32.02 18.20 -16.40
CA ARG A 175 31.19 17.82 -15.25
C ARG A 175 30.09 18.84 -15.01
N VAL A 176 30.42 20.13 -15.10
CA VAL A 176 29.41 21.14 -14.85
C VAL A 176 28.40 21.19 -15.99
N LYS A 177 28.79 20.79 -17.20
CA LYS A 177 27.81 20.68 -18.28
C LYS A 177 26.85 19.52 -18.05
N VAL A 178 27.37 18.40 -17.52
CA VAL A 178 26.50 17.29 -17.16
C VAL A 178 25.52 17.74 -16.07
N ALA A 179 26.02 18.50 -15.08
CA ALA A 179 25.14 19.04 -14.06
C ALA A 179 24.12 20.02 -14.66
N MET A 180 24.52 20.75 -15.69
CA MET A 180 23.57 21.71 -16.33
C MET A 180 22.44 20.94 -17.02
N SER A 181 22.71 19.79 -17.66
CA SER A 181 21.64 18.99 -18.25
C SER A 181 20.77 18.34 -17.17
N VAL A 182 21.41 17.82 -16.12
CA VAL A 182 20.67 17.15 -15.06
C VAL A 182 19.69 18.11 -14.39
N THR A 183 20.16 19.31 -14.04
CA THR A 183 19.29 20.24 -13.34
C THR A 183 18.24 20.83 -14.27
N LEU A 184 18.54 20.99 -15.55
CA LEU A 184 17.50 21.47 -16.48
C LEU A 184 16.39 20.42 -16.56
N LEU A 185 16.75 19.14 -16.71
CA LEU A 185 15.72 18.11 -16.76
C LEU A 185 14.94 18.06 -15.45
N THR A 186 15.63 18.22 -14.32
CA THR A 186 14.96 18.22 -13.02
C THR A 186 13.94 19.35 -12.94
N GLY A 187 14.33 20.55 -13.39
CA GLY A 187 13.41 21.68 -13.35
C GLY A 187 12.22 21.48 -14.27
N ILE A 188 12.46 20.95 -15.47
CA ILE A 188 11.35 20.69 -16.39
C ILE A 188 10.37 19.69 -15.80
N ILE A 189 10.90 18.60 -15.21
CA ILE A 189 10.04 17.58 -14.62
C ILE A 189 9.24 18.16 -13.45
N GLN A 190 9.90 18.96 -12.60
CA GLN A 190 9.19 19.54 -11.47
C GLN A 190 8.10 20.49 -11.91
N PHE A 191 8.37 21.31 -12.93
CA PHE A 191 7.35 22.21 -13.45
C PHE A 191 6.18 21.44 -14.04
N CYS A 192 6.47 20.38 -14.80
CA CYS A 192 5.40 19.58 -15.39
C CYS A 192 4.54 18.91 -14.31
N LEU A 193 5.18 18.40 -13.26
CA LEU A 193 4.42 17.82 -12.16
C LEU A 193 3.58 18.87 -11.46
N GLY A 194 4.14 20.07 -11.25
CA GLY A 194 3.40 21.11 -10.56
C GLY A 194 2.19 21.58 -11.33
N VAL A 195 2.31 21.72 -12.66
CA VAL A 195 1.19 22.18 -13.46
C VAL A 195 0.16 21.08 -13.66
N CYS A 196 0.54 19.82 -13.42
CA CYS A 196 -0.39 18.70 -13.50
C CYS A 196 -0.99 18.34 -12.15
N ARG A 197 -0.94 19.25 -11.19
CA ARG A 197 -1.58 19.08 -9.87
C ARG A 197 -1.03 17.86 -9.14
N PHE A 198 0.28 17.89 -8.88
CA PHE A 198 0.96 16.83 -8.13
C PHE A 198 1.14 17.18 -6.67
N GLY A 199 0.60 18.30 -6.20
CA GLY A 199 0.75 18.68 -4.81
C GLY A 199 -0.11 17.89 -3.85
N PHE A 200 -1.01 17.06 -4.37
CA PHE A 200 -1.84 16.23 -3.49
C PHE A 200 -1.01 15.14 -2.81
N VAL A 201 0.07 14.70 -3.45
CA VAL A 201 0.87 13.60 -2.90
C VAL A 201 1.60 14.01 -1.63
N ALA A 202 1.65 15.32 -1.33
CA ALA A 202 2.27 15.77 -0.09
C ALA A 202 1.49 15.35 1.14
N ILE A 203 0.23 14.93 0.97
CA ILE A 203 -0.58 14.50 2.10
C ILE A 203 -0.14 13.15 2.66
N TYR A 204 0.64 12.39 1.89
CA TYR A 204 1.06 11.05 2.30
C TYR A 204 2.39 11.04 3.04
N LEU A 205 2.95 12.23 3.31
CA LEU A 205 4.22 12.33 4.08
C LEU A 205 3.89 12.71 5.51
N THR A 206 3.66 11.72 6.38
CA THR A 206 3.28 11.98 7.79
C THR A 206 4.44 12.66 8.52
N GLU A 207 4.21 13.12 9.76
CA GLU A 207 5.32 13.71 10.56
C GLU A 207 6.32 12.59 10.88
N PRO A 208 5.90 11.42 11.40
CA PRO A 208 6.82 10.31 11.64
C PRO A 208 7.65 9.91 10.41
N LEU A 209 7.08 9.99 9.21
CA LEU A 209 7.80 9.58 7.97
C LEU A 209 8.69 10.72 7.50
N VAL A 210 8.37 11.96 7.86
CA VAL A 210 9.21 13.10 7.52
C VAL A 210 10.40 13.21 8.46
N ARG A 211 10.15 13.03 9.76
CA ARG A 211 11.24 13.15 10.73
C ARG A 211 12.25 12.02 10.57
N GLY A 212 11.80 10.79 10.31
CA GLY A 212 12.73 9.71 10.06
C GLY A 212 13.55 9.95 8.81
N PHE A 213 12.90 10.40 7.74
CA PHE A 213 13.60 10.72 6.51
C PHE A 213 14.66 11.79 6.74
N THR A 214 14.31 12.84 7.48
CA THR A 214 15.23 13.93 7.71
C THR A 214 16.42 13.49 8.57
N THR A 215 16.17 12.66 9.59
CA THR A 215 17.28 12.18 10.41
C THR A 215 18.20 11.25 9.62
N ALA A 216 17.62 10.43 8.74
CA ALA A 216 18.45 9.60 7.86
C ALA A 216 19.31 10.47 6.95
N ALA A 217 18.73 11.55 6.42
CA ALA A 217 19.51 12.49 5.62
C ALA A 217 20.63 13.12 6.45
N ALA A 218 20.35 13.41 7.73
CA ALA A 218 21.37 13.94 8.61
C ALA A 218 22.54 12.97 8.75
N VAL A 219 22.24 11.69 8.97
CA VAL A 219 23.31 10.70 9.10
C VAL A 219 24.09 10.58 7.80
N HIS A 220 23.38 10.62 6.67
CA HIS A 220 24.06 10.56 5.37
C HIS A 220 25.02 11.73 5.19
N VAL A 221 24.58 12.93 5.55
CA VAL A 221 25.45 14.11 5.42
C VAL A 221 26.65 13.99 6.35
N PHE A 222 26.44 13.53 7.57
CA PHE A 222 27.54 13.35 8.51
C PHE A 222 28.60 12.40 7.94
N THR A 223 28.16 11.24 7.47
CA THR A 223 29.11 10.27 6.94
C THR A 223 29.75 10.74 5.64
N SER A 224 29.05 11.58 4.87
CA SER A 224 29.62 12.10 3.64
C SER A 224 30.72 13.11 3.93
N MET A 225 30.52 14.00 4.90
CA MET A 225 31.51 15.02 5.20
C MET A 225 32.58 14.55 6.18
N LEU A 226 32.44 13.35 6.74
CA LEU A 226 33.54 12.76 7.49
C LEU A 226 34.81 12.67 6.66
N LYS A 227 34.67 12.43 5.35
CA LYS A 227 35.83 12.30 4.47
C LYS A 227 36.65 13.59 4.45
N TYR A 228 35.98 14.73 4.30
CA TYR A 228 36.68 16.00 4.29
C TYR A 228 37.14 16.40 5.69
N LEU A 229 36.40 16.00 6.73
CA LEU A 229 36.84 16.30 8.08
C LEU A 229 38.16 15.58 8.40
N PHE A 230 38.31 14.35 7.91
CA PHE A 230 39.50 13.56 8.19
C PHE A 230 40.65 13.80 7.21
N GLY A 231 40.42 14.58 6.16
CA GLY A 231 41.46 14.82 5.18
C GLY A 231 41.79 13.63 4.29
N VAL A 232 40.93 12.60 4.29
CA VAL A 232 41.19 11.36 3.56
C VAL A 232 40.71 11.53 2.13
N LYS A 233 41.35 10.84 1.18
CA LYS A 233 41.10 10.99 -0.25
C LYS A 233 40.53 9.71 -0.83
N THR A 234 39.49 9.16 -0.21
CA THR A 234 38.90 7.91 -0.66
C THR A 234 37.93 8.16 -1.83
N LYS A 235 37.12 7.16 -2.15
CA LYS A 235 36.25 7.18 -3.32
C LYS A 235 34.96 7.92 -2.97
N ARG A 236 33.96 7.86 -3.85
CA ARG A 236 32.67 8.52 -3.70
C ARG A 236 31.55 7.48 -3.85
N TYR A 237 31.64 6.41 -3.06
CA TYR A 237 30.65 5.34 -3.11
C TYR A 237 29.24 5.89 -2.92
N SER A 238 28.32 5.46 -3.77
CA SER A 238 26.95 5.96 -3.77
C SER A 238 26.01 4.79 -4.00
N GLY A 239 24.73 5.10 -4.17
CA GLY A 239 23.73 4.06 -4.39
C GLY A 239 23.34 3.34 -3.11
N ILE A 240 22.93 2.09 -3.27
CA ILE A 240 22.54 1.27 -2.13
C ILE A 240 23.75 1.05 -1.22
N PHE A 241 23.49 0.98 0.08
CA PHE A 241 24.52 0.73 1.09
C PHE A 241 25.63 1.78 1.04
N SER A 242 25.25 3.02 0.74
CA SER A 242 26.27 4.06 0.53
C SER A 242 26.91 4.49 1.84
N VAL A 243 26.11 4.66 2.90
CA VAL A 243 26.64 5.19 4.15
C VAL A 243 27.69 4.26 4.73
N VAL A 244 27.39 2.96 4.77
CA VAL A 244 28.33 2.00 5.33
C VAL A 244 29.60 1.92 4.49
N TYR A 245 29.45 1.91 3.16
CA TYR A 245 30.63 1.84 2.29
C TYR A 245 31.52 3.06 2.49
N SER A 246 30.92 4.25 2.54
CA SER A 246 31.71 5.47 2.73
C SER A 246 32.39 5.48 4.08
N THR A 247 31.68 5.08 5.14
CA THR A 247 32.28 5.13 6.47
C THR A 247 33.38 4.08 6.63
N VAL A 248 33.22 2.89 6.03
CA VAL A 248 34.30 1.92 6.13
C VAL A 248 35.49 2.34 5.27
N ALA A 249 35.25 2.98 4.12
CA ALA A 249 36.35 3.49 3.32
C ALA A 249 37.11 4.57 4.08
N VAL A 250 36.39 5.42 4.82
CA VAL A 250 37.07 6.43 5.64
C VAL A 250 37.86 5.76 6.77
N LEU A 251 37.27 4.78 7.43
CA LEU A 251 37.94 4.14 8.56
C LEU A 251 39.20 3.40 8.14
N GLN A 252 39.15 2.69 7.00
CA GLN A 252 40.33 1.97 6.54
C GLN A 252 41.47 2.92 6.20
N ASN A 253 41.16 4.04 5.55
CA ASN A 253 42.17 4.98 5.10
C ASN A 253 42.47 6.07 6.12
N VAL A 254 42.06 5.89 7.38
CA VAL A 254 42.31 6.90 8.40
C VAL A 254 43.81 7.03 8.70
N LYS A 255 44.62 6.05 8.29
CA LYS A 255 46.06 6.13 8.50
C LYS A 255 46.71 7.23 7.68
N ASN A 256 46.05 7.70 6.63
CA ASN A 256 46.55 8.79 5.79
C ASN A 256 45.94 10.13 6.17
N LEU A 257 45.53 10.28 7.44
CA LEU A 257 44.93 11.52 7.89
C LEU A 257 45.97 12.62 7.98
N ASN A 258 45.50 13.87 7.87
CA ASN A 258 46.34 15.04 7.99
C ASN A 258 46.17 15.61 9.40
N VAL A 259 47.26 15.61 10.17
CA VAL A 259 47.19 16.07 11.56
C VAL A 259 46.78 17.54 11.62
N CYS A 260 47.34 18.34 10.71
CA CYS A 260 47.04 19.80 10.72
C CYS A 260 45.57 20.00 10.37
N SER A 261 45.10 19.40 9.27
CA SER A 261 43.73 19.61 8.84
C SER A 261 42.74 19.08 9.87
N LEU A 262 43.03 17.90 10.44
CA LEU A 262 42.16 17.36 11.47
C LEU A 262 42.14 18.27 12.69
N GLY A 263 43.29 18.81 13.07
CA GLY A 263 43.33 19.70 14.22
C GLY A 263 42.55 20.98 14.00
N VAL A 264 42.71 21.61 12.83
CA VAL A 264 41.99 22.85 12.57
C VAL A 264 40.50 22.58 12.46
N GLY A 265 40.11 21.47 11.84
CA GLY A 265 38.70 21.11 11.80
C GLY A 265 38.12 20.85 13.17
N LEU A 266 38.87 20.16 14.03
CA LEU A 266 38.38 19.86 15.37
C LEU A 266 38.25 21.13 16.21
N MET A 267 39.22 22.04 16.13
CA MET A 267 39.10 23.27 16.91
C MET A 267 37.97 24.15 16.36
N VAL A 268 37.78 24.15 15.04
CA VAL A 268 36.65 24.89 14.47
C VAL A 268 35.32 24.31 14.97
N PHE A 269 35.22 22.98 14.98
CA PHE A 269 34.00 22.33 15.46
C PHE A 269 33.77 22.63 16.94
N GLY A 270 34.84 22.60 17.74
CA GLY A 270 34.70 22.92 19.16
C GLY A 270 34.26 24.36 19.38
N LEU A 271 34.85 25.30 18.64
CA LEU A 271 34.44 26.69 18.75
C LEU A 271 32.99 26.86 18.34
N LEU A 272 32.57 26.18 17.27
CA LEU A 272 31.18 26.28 16.83
C LEU A 272 30.23 25.71 17.87
N LEU A 273 30.57 24.57 18.46
CA LEU A 273 29.70 23.98 19.48
C LEU A 273 29.62 24.88 20.71
N GLY A 274 30.75 25.44 21.12
CA GLY A 274 30.74 26.36 22.26
C GLY A 274 29.92 27.60 21.99
N GLY A 275 30.04 28.16 20.79
CA GLY A 275 29.24 29.32 20.43
C GLY A 275 27.75 29.00 20.37
N LYS A 276 27.40 27.83 19.85
CA LYS A 276 26.00 27.42 19.83
C LYS A 276 25.44 27.26 21.24
N GLU A 277 26.21 26.64 22.13
CA GLU A 277 25.78 26.52 23.52
C GLU A 277 25.64 27.88 24.19
N PHE A 278 26.58 28.78 23.91
CA PHE A 278 26.50 30.14 24.46
C PHE A 278 25.26 30.87 23.96
N ASN A 279 24.95 30.74 22.66
CA ASN A 279 23.77 31.38 22.12
C ASN A 279 22.50 30.80 22.72
N GLU A 280 22.44 29.48 22.87
CA GLU A 280 21.26 28.85 23.46
C GLU A 280 21.06 29.26 24.91
N ARG A 281 22.15 29.29 25.68
CA ARG A 281 22.04 29.66 27.09
C ARG A 281 21.70 31.13 27.27
N PHE A 282 22.25 31.99 26.40
CA PHE A 282 22.06 33.43 26.50
C PHE A 282 21.01 33.95 25.53
N LYS A 283 19.94 33.17 25.31
CA LYS A 283 18.92 33.56 24.34
C LYS A 283 18.19 34.83 24.76
N GLU A 284 17.83 34.93 26.05
CA GLU A 284 16.97 36.02 26.49
C GLU A 284 17.70 37.36 26.46
N LYS A 285 18.90 37.42 27.03
CA LYS A 285 19.58 38.70 27.18
C LYS A 285 20.19 39.18 25.87
N LEU A 286 20.59 38.28 24.98
CA LEU A 286 21.16 38.68 23.70
C LEU A 286 20.04 39.14 22.76
N PRO A 287 20.10 40.36 22.23
CA PRO A 287 19.04 40.80 21.32
C PRO A 287 18.92 39.96 20.07
N ALA A 288 20.05 39.45 19.56
CA ALA A 288 20.05 38.63 18.36
C ALA A 288 21.24 37.69 18.39
N PRO A 289 21.08 36.45 17.95
CA PRO A 289 22.22 35.53 17.91
C PRO A 289 23.37 36.09 17.07
N ILE A 290 24.59 35.85 17.53
CA ILE A 290 25.78 36.32 16.85
C ILE A 290 26.04 35.46 15.61
N PRO A 291 26.56 36.03 14.52
CA PRO A 291 26.89 35.22 13.35
C PRO A 291 28.12 34.37 13.57
N LEU A 292 27.95 33.23 14.25
CA LEU A 292 29.09 32.41 14.65
C LEU A 292 29.83 31.85 13.44
N GLU A 293 29.10 31.41 12.41
CA GLU A 293 29.76 30.86 11.23
C GLU A 293 30.62 31.89 10.53
N PHE A 294 30.25 33.17 10.60
CA PHE A 294 31.08 34.22 10.03
C PHE A 294 32.43 34.29 10.73
N PHE A 295 32.42 34.26 12.06
CA PHE A 295 33.66 34.22 12.82
C PHE A 295 34.46 32.98 12.49
N ALA A 296 33.79 31.83 12.38
CA ALA A 296 34.50 30.58 12.09
C ALA A 296 35.19 30.64 10.73
N VAL A 297 34.46 31.07 9.69
CA VAL A 297 35.04 31.15 8.36
C VAL A 297 36.18 32.15 8.32
N VAL A 298 35.99 33.31 8.94
CA VAL A 298 37.02 34.35 8.93
C VAL A 298 38.27 33.84 9.63
N MET A 299 38.11 33.22 10.80
CA MET A 299 39.27 32.73 11.53
C MET A 299 39.97 31.62 10.76
N GLY A 300 39.21 30.71 10.16
CA GLY A 300 39.82 29.63 9.41
C GLY A 300 40.63 30.13 8.23
N THR A 301 40.05 31.02 7.43
CA THR A 301 40.77 31.53 6.27
C THR A 301 41.96 32.39 6.69
N GLY A 302 41.82 33.16 7.78
CA GLY A 302 42.93 33.97 8.24
C GLY A 302 44.10 33.11 8.71
N ILE A 303 43.81 32.07 9.49
CA ILE A 303 44.87 31.18 9.95
C ILE A 303 45.53 30.48 8.77
N SER A 304 44.72 29.99 7.82
CA SER A 304 45.28 29.28 6.68
C SER A 304 46.15 30.19 5.83
N ALA A 305 45.73 31.45 5.65
CA ALA A 305 46.53 32.38 4.85
C ALA A 305 47.81 32.78 5.56
N GLY A 306 47.71 33.14 6.85
CA GLY A 306 48.88 33.58 7.58
C GLY A 306 49.91 32.49 7.77
N PHE A 307 49.46 31.30 8.16
CA PHE A 307 50.37 30.19 8.43
C PHE A 307 50.71 29.38 7.19
N SER A 308 50.01 29.61 6.08
CA SER A 308 50.27 28.92 4.82
C SER A 308 50.21 27.41 4.99
N LEU A 309 49.08 26.93 5.51
CA LEU A 309 48.93 25.50 5.78
C LEU A 309 49.00 24.68 4.50
N HIS A 310 48.40 25.19 3.41
CA HIS A 310 48.34 24.42 2.18
C HIS A 310 49.73 24.11 1.63
N GLU A 311 50.60 25.12 1.59
CA GLU A 311 51.94 24.91 1.05
C GLU A 311 52.87 24.27 2.08
N SER A 312 52.49 24.29 3.36
CA SER A 312 53.36 23.77 4.41
C SER A 312 53.13 22.28 4.65
N TYR A 313 51.89 21.90 4.97
CA TYR A 313 51.59 20.54 5.42
C TYR A 313 50.52 19.86 4.58
N ASN A 314 50.27 20.34 3.36
CA ASN A 314 49.36 19.71 2.42
C ASN A 314 47.95 19.59 3.00
N VAL A 315 47.33 20.74 3.24
CA VAL A 315 45.96 20.83 3.73
C VAL A 315 45.05 21.11 2.55
N ASP A 316 43.94 20.37 2.47
CA ASP A 316 42.97 20.59 1.40
C ASP A 316 42.35 21.97 1.53
N VAL A 317 42.17 22.64 0.39
CA VAL A 317 41.67 24.01 0.35
C VAL A 317 40.54 24.10 -0.67
N VAL A 318 39.69 25.11 -0.51
CA VAL A 318 38.58 25.33 -1.44
C VAL A 318 39.11 25.57 -2.85
N GLY A 319 40.07 26.48 -2.98
CA GLY A 319 40.67 26.69 -4.30
C GLY A 319 40.59 28.14 -4.69
N THR A 320 40.39 28.42 -5.98
CA THR A 320 40.19 29.83 -6.42
C THR A 320 38.72 30.01 -6.78
N LEU A 321 38.04 30.95 -6.11
CA LEU A 321 36.62 31.23 -6.43
C LEU A 321 36.56 32.40 -7.42
N PRO A 322 36.13 32.17 -8.69
CA PRO A 322 36.09 33.23 -9.70
C PRO A 322 35.28 34.44 -9.24
N LEU A 323 35.59 35.63 -9.76
CA LEU A 323 34.87 36.88 -9.38
C LEU A 323 34.08 37.41 -10.58
N GLY A 324 32.78 37.06 -10.67
CA GLY A 324 31.94 37.62 -11.75
C GLY A 324 30.70 36.78 -12.01
N LEU A 325 29.66 37.37 -12.60
CA LEU A 325 28.41 36.61 -12.94
C LEU A 325 28.47 36.10 -14.38
N LEU A 326 28.39 34.78 -14.56
CA LEU A 326 28.49 34.19 -15.92
C LEU A 326 27.22 34.55 -16.68
N PRO A 327 27.30 34.94 -17.98
CA PRO A 327 26.12 35.39 -18.74
C PRO A 327 25.13 34.24 -18.96
N PRO A 328 23.82 34.50 -18.96
CA PRO A 328 22.85 33.42 -19.07
C PRO A 328 23.31 32.49 -20.20
N ALA A 329 23.23 31.17 -19.99
CA ALA A 329 23.74 30.23 -21.01
C ALA A 329 22.82 29.01 -21.12
N ASN A 330 22.39 28.69 -22.35
CA ASN A 330 21.46 27.54 -22.57
C ASN A 330 22.17 26.23 -22.21
N PRO A 331 21.59 25.37 -21.34
CA PRO A 331 22.19 24.11 -20.95
C PRO A 331 22.07 23.06 -22.07
N ASP A 332 22.96 22.07 -22.08
CA ASP A 332 22.85 20.97 -23.07
C ASP A 332 21.56 20.20 -22.82
N THR A 333 20.87 19.78 -23.89
CA THR A 333 19.64 18.95 -23.71
C THR A 333 19.95 17.53 -24.20
N SER A 334 21.07 17.35 -24.89
CA SER A 334 21.44 16.00 -25.44
C SER A 334 21.68 15.04 -24.28
N LEU A 335 22.31 15.50 -23.20
CA LEU A 335 22.64 14.60 -22.05
C LEU A 335 21.36 14.04 -21.45
N PHE A 336 20.20 14.61 -21.81
CA PHE A 336 18.91 14.16 -21.23
C PHE A 336 18.70 12.68 -21.55
N HIS A 337 19.53 12.12 -22.44
CA HIS A 337 19.36 10.71 -22.87
C HIS A 337 19.38 9.77 -21.66
N LEU A 338 20.37 9.92 -20.76
CA LEU A 338 20.50 9.00 -19.60
C LEU A 338 20.24 9.76 -18.30
N VAL A 339 20.64 11.03 -18.25
CA VAL A 339 20.47 11.83 -17.00
C VAL A 339 18.98 11.81 -16.62
N TYR A 340 18.11 11.38 -17.53
CA TYR A 340 16.65 11.36 -17.27
C TYR A 340 16.36 10.54 -16.01
N VAL A 341 16.91 9.32 -15.92
CA VAL A 341 16.62 8.43 -14.77
C VAL A 341 17.10 9.12 -13.49
N ASP A 342 18.17 9.91 -13.59
CA ASP A 342 18.69 10.65 -12.41
C ASP A 342 17.81 11.86 -12.15
N ALA A 343 17.69 12.76 -13.13
CA ALA A 343 16.87 13.98 -12.98
C ALA A 343 15.57 13.64 -12.25
N ILE A 344 14.87 12.59 -12.68
CA ILE A 344 13.55 12.27 -12.05
C ILE A 344 13.78 12.01 -10.56
N ALA A 345 14.81 11.23 -10.22
CA ALA A 345 15.05 10.89 -8.79
C ALA A 345 15.32 12.17 -8.00
N ILE A 346 16.17 13.06 -8.54
CA ILE A 346 16.51 14.32 -7.82
C ILE A 346 15.24 15.14 -7.62
N ALA A 347 14.38 15.23 -8.64
CA ALA A 347 13.14 16.05 -8.56
C ALA A 347 12.20 15.45 -7.52
N ILE A 348 12.13 14.12 -7.43
CA ILE A 348 11.29 13.47 -6.39
C ILE A 348 11.89 13.78 -5.01
N VAL A 349 13.16 13.43 -4.79
CA VAL A 349 13.79 13.63 -3.49
C VAL A 349 13.70 15.09 -3.08
N GLY A 350 14.00 16.00 -4.00
CA GLY A 350 13.96 17.42 -3.67
C GLY A 350 12.59 17.90 -3.29
N PHE A 351 11.57 17.51 -4.06
CA PHE A 351 10.20 17.89 -3.71
C PHE A 351 9.80 17.31 -2.36
N SER A 352 10.15 16.04 -2.12
CA SER A 352 9.78 15.42 -0.84
C SER A 352 10.39 16.19 0.32
N VAL A 353 11.68 16.52 0.22
CA VAL A 353 12.36 17.22 1.32
C VAL A 353 11.78 18.62 1.52
N THR A 354 11.60 19.36 0.42
CA THR A 354 11.14 20.73 0.57
C THR A 354 9.71 20.80 1.09
N ILE A 355 8.84 19.90 0.63
CA ILE A 355 7.47 19.92 1.13
C ILE A 355 7.43 19.40 2.56
N SER A 356 8.33 18.49 2.92
CA SER A 356 8.42 18.03 4.30
C SER A 356 8.70 19.20 5.23
N MET A 357 9.73 19.99 4.91
CA MET A 357 10.05 21.09 5.81
C MET A 357 9.06 22.26 5.69
N ALA A 358 8.46 22.46 4.52
CA ALA A 358 7.41 23.46 4.43
C ALA A 358 6.22 23.09 5.32
N LYS A 359 5.83 21.81 5.32
CA LYS A 359 4.76 21.36 6.18
C LYS A 359 5.16 21.46 7.66
N THR A 360 6.42 21.14 7.97
CA THR A 360 6.87 21.27 9.36
C THR A 360 6.77 22.71 9.83
N LEU A 361 7.23 23.65 9.00
CA LEU A 361 7.16 25.06 9.38
C LEU A 361 5.70 25.53 9.48
N ALA A 362 4.84 25.07 8.57
CA ALA A 362 3.44 25.43 8.64
C ALA A 362 2.78 24.91 9.91
N ASN A 363 3.07 23.66 10.28
CA ASN A 363 2.55 23.13 11.53
C ASN A 363 3.08 23.90 12.73
N LYS A 364 4.33 24.35 12.67
CA LYS A 364 4.89 25.15 13.74
C LYS A 364 4.20 26.50 13.86
N HIS A 365 3.86 27.12 12.71
CA HIS A 365 3.32 28.47 12.71
C HIS A 365 1.86 28.52 12.23
N GLY A 366 1.57 28.04 11.03
CA GLY A 366 0.22 28.07 10.51
C GLY A 366 0.01 29.09 9.42
N TYR A 367 0.01 28.65 8.16
CA TYR A 367 -0.18 29.51 7.00
C TYR A 367 -0.44 28.61 5.79
N GLN A 368 -0.45 29.20 4.60
CA GLN A 368 -0.66 28.46 3.37
C GLN A 368 0.62 27.72 2.98
N VAL A 369 0.50 26.42 2.76
CA VAL A 369 1.64 25.56 2.47
C VAL A 369 1.38 24.79 1.18
N ASP A 370 0.61 25.40 0.27
CA ASP A 370 0.18 24.77 -0.97
C ASP A 370 1.35 24.12 -1.69
N GLY A 371 1.29 22.79 -1.83
CA GLY A 371 2.38 22.07 -2.44
C GLY A 371 2.44 22.19 -3.95
N ASN A 372 1.29 22.45 -4.60
CA ASN A 372 1.29 22.62 -6.04
C ASN A 372 2.10 23.84 -6.45
N GLN A 373 1.86 24.98 -5.81
CA GLN A 373 2.64 26.17 -6.11
C GLN A 373 4.08 26.02 -5.63
N GLU A 374 4.30 25.24 -4.58
CA GLU A 374 5.68 24.94 -4.16
C GLU A 374 6.43 24.24 -5.29
N LEU A 375 5.81 23.21 -5.88
CA LEU A 375 6.45 22.49 -6.98
C LEU A 375 6.61 23.39 -8.19
N ILE A 376 5.62 24.24 -8.48
CA ILE A 376 5.74 25.18 -9.59
C ILE A 376 6.93 26.10 -9.39
N ALA A 377 7.05 26.66 -8.19
CA ALA A 377 8.12 27.61 -7.90
C ALA A 377 9.48 26.93 -7.98
N LEU A 378 9.60 25.71 -7.44
CA LEU A 378 10.88 25.02 -7.51
C LEU A 378 11.23 24.62 -8.94
N GLY A 379 10.24 24.19 -9.73
CA GLY A 379 10.52 23.87 -11.12
C GLY A 379 11.00 25.08 -11.89
N LEU A 380 10.35 26.23 -11.68
CA LEU A 380 10.78 27.45 -12.34
C LEU A 380 12.17 27.85 -11.89
N CYS A 381 12.45 27.75 -10.58
CA CYS A 381 13.76 28.12 -10.06
C CYS A 381 14.87 27.24 -10.65
N ASN A 382 14.64 25.93 -10.60
CA ASN A 382 15.70 24.98 -11.05
C ASN A 382 16.07 25.26 -12.52
N SER A 383 15.06 25.31 -13.41
CA SER A 383 15.30 25.52 -14.86
C SER A 383 15.84 26.94 -15.10
N THR A 384 15.16 27.95 -14.56
CA THR A 384 15.61 29.36 -14.77
C THR A 384 16.99 29.53 -14.14
N GLY A 385 17.43 28.56 -13.32
CA GLY A 385 18.79 28.60 -12.76
C GLY A 385 19.74 27.75 -13.57
N SER A 386 19.29 26.59 -14.05
CA SER A 386 20.13 25.70 -14.89
C SER A 386 20.73 26.49 -16.04
N LEU A 387 19.97 27.46 -16.56
CA LEU A 387 20.44 28.31 -17.69
C LEU A 387 21.51 29.30 -17.18
N PHE A 388 21.74 29.33 -15.87
CA PHE A 388 22.70 30.33 -15.31
C PHE A 388 23.88 29.62 -14.64
N GLN A 389 24.36 28.51 -15.22
CA GLN A 389 25.55 27.81 -14.67
C GLN A 389 25.32 27.47 -13.20
N THR A 390 24.24 26.77 -12.88
CA THR A 390 24.00 26.34 -11.48
C THR A 390 23.80 24.83 -11.44
N PHE A 391 23.16 24.32 -10.37
CA PHE A 391 22.84 22.87 -10.30
C PHE A 391 21.49 22.72 -9.59
N ALA A 392 21.17 21.50 -9.12
CA ALA A 392 19.85 21.27 -8.50
C ALA A 392 19.78 21.97 -7.14
N ILE A 393 18.68 22.67 -6.86
CA ILE A 393 18.58 23.44 -5.59
C ILE A 393 17.27 23.09 -4.89
N SER A 394 17.33 22.41 -3.74
CA SER A 394 16.10 22.13 -2.96
C SER A 394 16.14 22.97 -1.68
N CYS A 395 15.42 22.57 -0.63
CA CYS A 395 15.53 23.30 0.62
C CYS A 395 16.64 22.71 1.47
N SER A 396 17.47 23.58 2.04
CA SER A 396 18.46 23.12 3.01
C SER A 396 17.78 22.91 4.36
N LEU A 397 18.33 21.99 5.15
CA LEU A 397 17.66 21.56 6.37
C LEU A 397 18.14 22.34 7.60
N SER A 398 19.43 22.23 7.91
CA SER A 398 19.97 22.92 9.07
C SER A 398 19.83 24.43 8.91
N ARG A 399 20.05 24.92 7.69
CA ARG A 399 19.91 26.35 7.45
C ARG A 399 18.47 26.81 7.64
N SER A 400 17.50 26.01 7.19
CA SER A 400 16.10 26.37 7.39
C SER A 400 15.75 26.40 8.87
N LEU A 401 16.27 25.42 9.63
CA LEU A 401 16.04 25.42 11.07
C LEU A 401 16.66 26.65 11.72
N VAL A 402 17.86 27.03 11.30
CA VAL A 402 18.52 28.23 11.85
C VAL A 402 17.69 29.48 11.52
N GLN A 403 17.22 29.56 10.28
CA GLN A 403 16.44 30.74 9.87
C GLN A 403 15.15 30.85 10.66
N GLU A 404 14.47 29.72 10.89
CA GLU A 404 13.23 29.77 11.66
C GLU A 404 13.51 30.04 13.14
N GLY A 405 14.67 29.59 13.64
CA GLY A 405 14.97 29.80 15.05
C GLY A 405 15.38 31.23 15.37
N THR A 406 16.14 31.85 14.47
CA THR A 406 16.65 33.20 14.74
C THR A 406 15.52 34.21 14.87
N GLY A 407 14.39 33.95 14.21
CA GLY A 407 13.26 34.87 14.26
C GLY A 407 12.79 35.27 12.89
N GLY A 408 13.13 34.49 11.87
CA GLY A 408 12.70 34.77 10.51
C GLY A 408 11.20 34.83 10.37
N LYS A 409 10.69 35.92 9.79
CA LYS A 409 9.25 36.11 9.62
C LYS A 409 8.84 35.97 8.16
N THR A 410 9.57 36.58 7.23
CA THR A 410 9.18 36.60 5.83
C THR A 410 10.29 36.06 4.94
N GLN A 411 10.01 36.04 3.63
CA GLN A 411 10.98 35.54 2.67
C GLN A 411 12.00 36.59 2.27
N LEU A 412 11.80 37.85 2.70
CA LEU A 412 12.80 38.88 2.42
C LEU A 412 14.12 38.57 3.10
N ALA A 413 14.08 37.74 4.15
CA ALA A 413 15.31 37.28 4.78
C ALA A 413 16.14 36.47 3.80
N GLY A 414 15.49 35.59 3.03
CA GLY A 414 16.20 34.85 2.01
C GLY A 414 16.77 35.75 0.94
N CYS A 415 16.05 36.82 0.57
CA CYS A 415 16.55 37.76 -0.42
C CYS A 415 17.80 38.47 0.08
N LEU A 416 17.85 38.78 1.37
CA LEU A 416 19.05 39.39 1.94
C LEU A 416 20.24 38.44 1.87
N ALA A 417 19.99 37.16 2.15
CA ALA A 417 21.05 36.16 2.03
C ALA A 417 21.54 36.06 0.59
N SER A 418 20.60 36.08 -0.37
CA SER A 418 20.98 36.05 -1.77
C SER A 418 21.80 37.29 -2.14
N LEU A 419 21.43 38.46 -1.60
CA LEU A 419 22.17 39.67 -1.88
C LEU A 419 23.59 39.59 -1.32
N MET A 420 23.75 39.05 -0.11
CA MET A 420 25.08 38.95 0.48
C MET A 420 25.93 37.93 -0.28
N ILE A 421 25.32 36.84 -0.75
CA ILE A 421 26.05 35.89 -1.58
C ILE A 421 26.45 36.54 -2.90
N LEU A 422 25.60 37.39 -3.45
CA LEU A 422 25.96 38.14 -4.66
C LEU A 422 27.14 39.06 -4.40
N LEU A 423 27.15 39.71 -3.24
CA LEU A 423 28.30 40.54 -2.87
C LEU A 423 29.57 39.72 -2.76
N VAL A 424 29.45 38.52 -2.19
CA VAL A 424 30.61 37.63 -2.10
C VAL A 424 31.12 37.24 -3.49
N ILE A 425 30.20 36.93 -4.40
CA ILE A 425 30.59 36.59 -5.76
C ILE A 425 31.25 37.76 -6.46
N LEU A 426 30.74 38.98 -6.25
CA LEU A 426 31.18 40.14 -7.01
C LEU A 426 32.44 40.78 -6.46
N ALA A 427 32.60 40.81 -5.13
CA ALA A 427 33.71 41.53 -4.53
C ALA A 427 34.66 40.64 -3.74
N THR A 428 34.15 39.88 -2.76
CA THR A 428 35.00 39.16 -1.83
C THR A 428 35.14 37.68 -2.18
N GLY A 429 35.18 37.34 -3.47
CA GLY A 429 35.33 35.95 -3.87
C GLY A 429 36.72 35.40 -3.66
N PHE A 430 37.73 36.27 -3.58
CA PHE A 430 39.11 35.82 -3.43
C PHE A 430 39.56 35.74 -1.99
N LEU A 431 38.73 36.16 -1.03
CA LEU A 431 39.10 36.05 0.37
C LEU A 431 39.08 34.61 0.85
N PHE A 432 38.21 33.78 0.28
CA PHE A 432 38.02 32.41 0.72
C PHE A 432 38.79 31.41 -0.13
N GLU A 433 39.70 31.87 -0.97
CA GLU A 433 40.52 30.96 -1.76
C GLU A 433 41.50 30.16 -0.91
N SER A 434 41.70 30.55 0.35
CA SER A 434 42.58 29.84 1.26
C SER A 434 41.83 29.07 2.34
N LEU A 435 40.51 29.03 2.28
CA LEU A 435 39.72 28.38 3.33
C LEU A 435 39.86 26.87 3.26
N PRO A 436 40.32 26.21 4.32
CA PRO A 436 40.44 24.75 4.28
C PRO A 436 39.07 24.08 4.21
N GLN A 437 39.04 22.90 3.59
CA GLN A 437 37.81 22.13 3.50
C GLN A 437 37.40 21.56 4.85
N ALA A 438 38.34 21.38 5.77
CA ALA A 438 37.99 20.88 7.10
C ALA A 438 37.09 21.86 7.84
N VAL A 439 37.30 23.17 7.63
CA VAL A 439 36.43 24.16 8.25
C VAL A 439 35.01 24.02 7.72
N LEU A 440 34.86 23.85 6.41
CA LEU A 440 33.54 23.64 5.84
C LEU A 440 32.88 22.38 6.38
N SER A 441 33.65 21.30 6.49
CA SER A 441 33.10 20.05 7.00
C SER A 441 32.64 20.21 8.46
N ALA A 442 33.45 20.90 9.27
CA ALA A 442 33.05 21.12 10.66
C ALA A 442 31.81 21.99 10.75
N ILE A 443 31.72 23.03 9.91
CA ILE A 443 30.56 23.92 9.94
C ILE A 443 29.30 23.15 9.55
N VAL A 444 29.39 22.31 8.51
CA VAL A 444 28.23 21.53 8.10
C VAL A 444 27.84 20.53 9.19
N ILE A 445 28.83 19.86 9.79
CA ILE A 445 28.54 18.83 10.79
C ILE A 445 27.90 19.45 12.03
N VAL A 446 28.42 20.59 12.50
CA VAL A 446 27.92 21.17 13.73
C VAL A 446 26.48 21.64 13.58
N ASN A 447 26.05 21.93 12.36
CA ASN A 447 24.68 22.39 12.13
C ASN A 447 23.67 21.25 12.05
N LEU A 448 24.14 20.01 11.95
CA LEU A 448 23.25 18.85 12.00
C LEU A 448 22.73 18.58 13.41
N LYS A 449 23.22 19.29 14.42
CA LYS A 449 22.85 19.00 15.79
C LYS A 449 21.35 19.14 15.99
N GLY A 450 20.75 20.19 15.42
CA GLY A 450 19.31 20.35 15.52
C GLY A 450 18.56 19.23 14.82
N MET A 451 19.23 18.52 13.91
CA MET A 451 18.57 17.44 13.19
C MET A 451 18.80 16.10 13.87
N PHE A 452 19.90 15.96 14.60
CA PHE A 452 20.10 14.73 15.38
C PHE A 452 19.27 14.75 16.65
N MET A 453 18.74 15.91 17.02
CA MET A 453 17.88 16.03 18.20
C MET A 453 16.52 15.40 17.91
N GLN A 454 16.24 15.10 16.65
CA GLN A 454 15.00 14.43 16.29
C GLN A 454 14.97 12.98 16.73
N PHE A 455 16.07 12.45 17.24
CA PHE A 455 16.11 11.10 17.77
C PHE A 455 15.29 10.96 19.06
N SER A 456 14.87 12.08 19.65
CA SER A 456 14.04 12.03 20.85
C SER A 456 12.62 11.55 20.57
N ASP A 457 12.25 11.39 19.30
CA ASP A 457 10.91 10.91 18.98
C ASP A 457 10.74 9.43 19.30
N LEU A 458 11.83 8.68 19.43
CA LEU A 458 11.70 7.26 19.73
C LEU A 458 11.06 7.01 21.09
N PRO A 459 11.49 7.65 22.20
CA PRO A 459 10.73 7.46 23.46
C PRO A 459 9.32 8.00 23.40
N PHE A 460 9.13 9.17 22.80
CA PHE A 460 7.79 9.76 22.75
C PHE A 460 6.83 8.89 21.95
N PHE A 461 7.29 8.37 20.81
CA PHE A 461 6.41 7.51 20.02
C PHE A 461 6.28 6.13 20.64
N TRP A 462 7.28 5.68 21.39
CA TRP A 462 7.15 4.43 22.13
C TRP A 462 6.05 4.55 23.18
N ARG A 463 5.96 5.70 23.84
CA ARG A 463 4.90 5.91 24.82
C ARG A 463 3.55 6.17 24.15
N THR A 464 3.54 6.85 23.01
CA THR A 464 2.29 7.29 22.40
C THR A 464 1.63 6.21 21.54
N SER A 465 2.34 5.73 20.52
CA SER A 465 1.75 4.75 19.61
C SER A 465 2.87 3.93 18.98
N LYS A 466 2.77 2.61 19.10
CA LYS A 466 3.82 1.74 18.56
C LYS A 466 3.83 1.72 17.04
N ILE A 467 2.69 1.98 16.40
CA ILE A 467 2.65 1.97 14.94
C ILE A 467 3.41 3.18 14.38
N GLU A 468 3.25 4.34 15.02
CA GLU A 468 4.03 5.50 14.59
C GLU A 468 5.51 5.29 14.82
N LEU A 469 5.87 4.63 15.93
CA LEU A 469 7.27 4.29 16.16
C LEU A 469 7.77 3.33 15.09
N THR A 470 6.92 2.38 14.68
CA THR A 470 7.30 1.47 13.60
C THR A 470 7.55 2.23 12.31
N ILE A 471 6.68 3.19 11.99
CA ILE A 471 6.87 3.99 10.78
C ILE A 471 8.17 4.77 10.87
N TRP A 472 8.43 5.40 12.02
CA TRP A 472 9.66 6.16 12.22
C TRP A 472 10.90 5.28 12.03
N LEU A 473 10.94 4.14 12.73
CA LEU A 473 12.12 3.28 12.66
C LEU A 473 12.31 2.70 11.28
N THR A 474 11.22 2.28 10.62
CA THR A 474 11.36 1.68 9.30
C THR A 474 11.77 2.70 8.25
N THR A 475 11.27 3.94 8.34
CA THR A 475 11.74 4.94 7.39
C THR A 475 13.18 5.34 7.66
N PHE A 476 13.58 5.40 8.93
CA PHE A 476 14.98 5.68 9.23
C PHE A 476 15.88 4.60 8.65
N VAL A 477 15.55 3.33 8.90
CA VAL A 477 16.40 2.23 8.42
C VAL A 477 16.42 2.19 6.90
N SER A 478 15.24 2.33 6.28
CA SER A 478 15.15 2.23 4.82
C SER A 478 15.82 3.40 4.13
N SER A 479 15.81 4.58 4.72
CA SER A 479 16.49 5.73 4.12
C SER A 479 17.94 5.84 4.54
N LEU A 480 18.38 5.03 5.50
CA LEU A 480 19.79 4.97 5.87
C LEU A 480 20.55 3.90 5.12
N PHE A 481 20.12 2.64 5.21
CA PHE A 481 20.86 1.54 4.61
C PHE A 481 20.43 1.22 3.18
N LEU A 482 19.43 1.92 2.65
CA LEU A 482 18.93 1.58 1.30
C LEU A 482 18.73 2.86 0.49
N GLY A 483 19.70 3.77 0.55
CA GLY A 483 19.62 4.99 -0.21
C GLY A 483 18.55 5.94 0.27
N LEU A 484 18.55 7.18 -0.24
CA LEU A 484 17.54 8.15 0.16
C LEU A 484 16.47 8.34 -0.90
N ASP A 485 16.71 7.92 -2.13
CA ASP A 485 15.72 8.01 -3.20
C ASP A 485 14.79 6.81 -3.25
N TYR A 486 15.29 5.61 -2.95
CA TYR A 486 14.46 4.43 -2.82
C TYR A 486 13.93 4.21 -1.41
N GLY A 487 14.30 5.07 -0.47
CA GLY A 487 13.82 4.94 0.90
C GLY A 487 12.49 5.63 1.11
N LEU A 488 12.28 6.75 0.41
CA LEU A 488 11.03 7.49 0.57
C LEU A 488 9.84 6.68 0.08
N ILE A 489 9.96 6.03 -1.08
CA ILE A 489 8.87 5.22 -1.61
C ILE A 489 8.57 4.06 -0.69
N THR A 490 9.62 3.40 -0.19
CA THR A 490 9.43 2.30 0.75
C THR A 490 8.72 2.77 2.01
N ALA A 491 9.11 3.95 2.52
CA ALA A 491 8.47 4.47 3.73
C ALA A 491 7.00 4.78 3.49
N VAL A 492 6.68 5.39 2.35
CA VAL A 492 5.28 5.72 2.06
C VAL A 492 4.45 4.45 1.94
N ILE A 493 4.98 3.46 1.22
CA ILE A 493 4.25 2.20 1.08
C ILE A 493 4.05 1.54 2.43
N ILE A 494 5.08 1.57 3.29
CA ILE A 494 4.97 0.93 4.60
C ILE A 494 3.95 1.67 5.47
N ALA A 495 3.87 2.99 5.35
CA ALA A 495 2.84 3.72 6.08
C ALA A 495 1.44 3.31 5.63
N LEU A 496 1.24 3.17 4.31
CA LEU A 496 -0.06 2.72 3.83
C LEU A 496 -0.37 1.30 4.30
N MET A 497 0.62 0.42 4.32
CA MET A 497 0.39 -0.92 4.87
C MET A 497 0.13 -0.89 6.36
N THR A 498 0.65 0.11 7.08
CA THR A 498 0.29 0.23 8.49
C THR A 498 -1.17 0.58 8.65
N VAL A 499 -1.68 1.45 7.77
CA VAL A 499 -3.13 1.72 7.77
C VAL A 499 -3.91 0.44 7.51
N ILE A 500 -3.46 -0.34 6.52
CA ILE A 500 -4.13 -1.60 6.20
C ILE A 500 -4.09 -2.55 7.39
N TYR A 501 -2.96 -2.59 8.10
CA TYR A 501 -2.85 -3.42 9.29
C TYR A 501 -3.82 -2.99 10.37
N ARG A 502 -3.97 -1.68 10.56
CA ARG A 502 -4.97 -1.20 11.52
C ARG A 502 -6.36 -1.65 11.13
N THR A 503 -6.65 -1.68 9.83
CA THR A 503 -7.94 -2.22 9.39
C THR A 503 -8.01 -3.75 9.52
N GLN A 504 -6.91 -4.46 9.70
CA GLN A 504 -6.94 -5.95 9.68
C GLN A 504 -6.77 -6.52 11.08
N SER A 505 -6.50 -5.69 12.07
CA SER A 505 -6.47 -6.17 13.46
C SER A 505 -7.29 -5.23 14.32
N PRO A 506 -8.62 -5.29 14.19
CA PRO A 506 -9.47 -4.39 14.98
C PRO A 506 -9.71 -4.90 16.38
N SER A 507 -10.59 -4.24 17.12
CA SER A 507 -10.94 -4.67 18.46
C SER A 507 -12.32 -5.32 18.43
N TYR A 508 -12.35 -6.64 18.57
CA TYR A 508 -13.60 -7.38 18.60
C TYR A 508 -14.17 -7.32 20.01
N ILE A 509 -15.28 -6.60 20.16
CA ILE A 509 -15.84 -6.30 21.47
C ILE A 509 -17.24 -6.90 21.55
N VAL A 510 -17.49 -7.68 22.59
CA VAL A 510 -18.83 -8.17 22.89
C VAL A 510 -19.49 -7.18 23.84
N LEU A 511 -20.59 -6.59 23.40
CA LEU A 511 -21.22 -5.48 24.10
C LEU A 511 -22.19 -5.98 25.15
N GLY A 512 -22.55 -5.09 26.08
CA GLY A 512 -23.52 -5.40 27.11
C GLY A 512 -24.30 -4.16 27.45
N GLN A 513 -25.50 -4.37 28.00
CA GLN A 513 -26.47 -3.29 28.21
C GLN A 513 -26.32 -2.72 29.61
N LEU A 514 -26.11 -1.42 29.70
CA LEU A 514 -26.16 -0.74 30.99
C LEU A 514 -27.59 -0.77 31.51
N PRO A 515 -27.79 -1.09 32.79
CA PRO A 515 -29.16 -1.30 33.30
C PRO A 515 -30.01 -0.05 33.18
N ASP A 516 -31.28 -0.25 32.81
CA ASP A 516 -32.31 0.80 32.74
C ASP A 516 -31.94 1.91 31.77
N THR A 517 -30.95 1.71 30.91
CA THR A 517 -30.56 2.70 29.91
C THR A 517 -30.31 1.99 28.60
N ASP A 518 -30.08 2.78 27.55
CA ASP A 518 -29.80 2.27 26.22
C ASP A 518 -28.31 2.34 25.88
N VAL A 519 -27.46 2.55 26.87
CA VAL A 519 -26.02 2.61 26.61
C VAL A 519 -25.45 1.21 26.55
N TYR A 520 -24.81 0.88 25.44
CA TYR A 520 -24.21 -0.43 25.22
C TYR A 520 -22.70 -0.25 25.11
N ILE A 521 -21.98 -0.76 26.11
CA ILE A 521 -20.52 -0.66 26.16
C ILE A 521 -19.96 -2.05 26.44
N ASP A 522 -18.62 -2.12 26.50
CA ASP A 522 -17.93 -3.40 26.59
C ASP A 522 -18.31 -4.14 27.88
N ILE A 523 -18.33 -5.47 27.79
CA ILE A 523 -18.70 -6.29 28.94
C ILE A 523 -17.51 -6.66 29.81
N ASP A 524 -16.29 -6.66 29.26
CA ASP A 524 -15.09 -6.98 30.02
C ASP A 524 -14.42 -5.77 30.62
N ALA A 525 -15.02 -4.59 30.46
CA ALA A 525 -14.33 -3.37 30.92
C ALA A 525 -15.26 -2.52 31.80
N TYR A 526 -16.26 -3.13 32.42
CA TYR A 526 -17.14 -2.40 33.36
C TYR A 526 -17.94 -3.43 34.16
N GLU A 527 -18.39 -3.08 35.36
CA GLU A 527 -19.09 -4.07 36.22
C GLU A 527 -20.60 -3.89 36.09
N GLU A 528 -21.07 -2.65 35.95
CA GLU A 528 -22.52 -2.38 35.75
C GLU A 528 -22.99 -3.06 34.45
N VAL A 529 -22.21 -2.95 33.39
CA VAL A 529 -22.59 -3.53 32.07
C VAL A 529 -23.02 -4.98 32.27
N LYS A 530 -24.27 -5.31 31.97
CA LYS A 530 -24.76 -6.70 32.09
C LYS A 530 -25.32 -7.15 30.73
N GLU A 531 -25.03 -8.39 30.32
CA GLU A 531 -25.45 -8.86 28.97
C GLU A 531 -26.96 -9.13 28.96
N VAL A 532 -27.62 -8.80 27.84
CA VAL A 532 -29.10 -9.03 27.72
C VAL A 532 -29.32 -10.54 27.55
N PRO A 533 -30.17 -11.19 28.39
CA PRO A 533 -30.36 -12.64 28.31
C PRO A 533 -30.75 -13.13 26.91
N GLY A 534 -30.12 -14.20 26.41
CA GLY A 534 -30.47 -14.74 25.13
C GLY A 534 -29.99 -13.94 23.92
N ILE A 535 -29.30 -12.83 24.14
CA ILE A 535 -28.84 -11.96 23.06
C ILE A 535 -27.36 -11.67 23.26
N LYS A 536 -26.57 -11.83 22.20
CA LYS A 536 -25.15 -11.50 22.24
C LYS A 536 -24.85 -10.51 21.13
N ILE A 537 -24.14 -9.44 21.49
CA ILE A 537 -23.86 -8.33 20.59
C ILE A 537 -22.39 -8.35 20.24
N PHE A 538 -22.08 -8.21 18.95
CA PHE A 538 -20.72 -8.20 18.46
C PHE A 538 -20.41 -6.88 17.79
N GLN A 539 -19.24 -6.31 18.09
CA GLN A 539 -18.82 -5.04 17.52
C GLN A 539 -17.42 -5.17 16.96
N ILE A 540 -17.22 -4.61 15.76
CA ILE A 540 -15.91 -4.50 15.14
C ILE A 540 -15.72 -3.07 14.67
N ASN A 541 -14.63 -2.44 15.09
CA ASN A 541 -14.36 -1.06 14.70
C ASN A 541 -13.47 -0.97 13.47
N ALA A 542 -13.87 -1.66 12.41
CA ALA A 542 -13.13 -1.66 11.16
C ALA A 542 -14.06 -2.06 10.04
N PRO A 543 -13.83 -1.59 8.81
CA PRO A 543 -14.68 -1.99 7.70
C PRO A 543 -14.55 -3.48 7.41
N ILE A 544 -15.64 -4.07 6.94
CA ILE A 544 -15.67 -5.49 6.60
C ILE A 544 -15.39 -5.58 5.10
N TYR A 545 -14.15 -5.89 4.75
CA TYR A 545 -13.73 -5.99 3.36
C TYR A 545 -12.88 -7.24 3.22
N TYR A 546 -12.23 -7.40 2.06
CA TYR A 546 -11.60 -8.67 1.74
C TYR A 546 -10.45 -9.01 2.69
N ALA A 547 -9.79 -8.00 3.26
CA ALA A 547 -8.62 -8.27 4.10
C ALA A 547 -9.00 -8.83 5.47
N ASN A 548 -10.06 -8.33 6.08
CA ASN A 548 -10.45 -8.77 7.43
C ASN A 548 -11.87 -9.33 7.45
N SER A 549 -12.20 -10.17 6.48
CA SER A 549 -13.54 -10.76 6.45
C SER A 549 -13.55 -12.12 7.14
N ASP A 550 -12.67 -13.02 6.72
CA ASP A 550 -12.54 -14.31 7.39
C ASP A 550 -12.10 -14.13 8.84
N LEU A 551 -11.23 -13.15 9.09
CA LEU A 551 -10.84 -12.84 10.46
C LEU A 551 -12.05 -12.40 11.27
N TYR A 552 -12.91 -11.57 10.68
CA TYR A 552 -14.12 -11.13 11.38
C TYR A 552 -15.04 -12.30 11.69
N SER A 553 -15.22 -13.21 10.72
CA SER A 553 -16.10 -14.35 10.95
C SER A 553 -15.55 -15.26 12.05
N SER A 554 -14.24 -15.53 12.02
CA SER A 554 -13.65 -16.37 13.04
C SER A 554 -13.73 -15.72 14.41
N ALA A 555 -13.50 -14.40 14.49
CA ALA A 555 -13.63 -13.70 15.76
C ALA A 555 -15.07 -13.73 16.26
N LEU A 556 -16.04 -13.65 15.34
CA LEU A 556 -17.43 -13.75 15.73
C LEU A 556 -17.73 -15.12 16.33
N LYS A 557 -17.20 -16.18 15.72
CA LYS A 557 -17.40 -17.51 16.28
C LYS A 557 -16.70 -17.66 17.64
N ARG A 558 -15.56 -17.00 17.81
CA ARG A 558 -14.77 -17.16 19.03
C ARG A 558 -15.37 -16.39 20.21
N LYS A 559 -15.48 -15.07 20.07
CA LYS A 559 -15.83 -14.23 21.21
C LYS A 559 -17.23 -14.52 21.73
N THR A 560 -18.21 -14.63 20.82
CA THR A 560 -19.58 -14.81 21.27
C THR A 560 -19.84 -16.21 21.81
N GLY A 561 -18.96 -17.17 21.55
CA GLY A 561 -19.15 -18.51 22.06
C GLY A 561 -20.20 -19.32 21.34
N VAL A 562 -20.70 -18.85 20.20
CA VAL A 562 -21.75 -19.51 19.46
C VAL A 562 -21.25 -19.71 18.03
N ASN A 563 -20.99 -20.95 17.66
CA ASN A 563 -20.55 -21.31 16.32
C ASN A 563 -21.52 -22.34 15.76
N PRO A 564 -22.12 -22.10 14.59
CA PRO A 564 -23.06 -23.10 14.05
C PRO A 564 -22.45 -24.47 13.81
N ALA A 565 -21.15 -24.55 13.53
CA ALA A 565 -20.54 -25.83 13.20
C ALA A 565 -20.61 -26.79 14.38
N PHE A 566 -20.13 -26.37 15.55
CA PHE A 566 -20.18 -27.25 16.72
C PHE A 566 -21.61 -27.51 17.18
N ILE A 567 -22.49 -26.52 17.04
CA ILE A 567 -23.88 -26.74 17.42
C ILE A 567 -24.51 -27.82 16.56
N LEU A 568 -24.33 -27.74 15.24
CA LEU A 568 -24.88 -28.76 14.36
C LEU A 568 -24.25 -30.12 14.61
N GLY A 569 -22.93 -30.14 14.84
CA GLY A 569 -22.28 -31.40 15.18
C GLY A 569 -22.83 -32.02 16.44
N ALA A 570 -23.10 -31.20 17.45
CA ALA A 570 -23.66 -31.71 18.70
C ALA A 570 -25.08 -32.20 18.52
N ARG A 571 -25.86 -31.53 17.68
CA ARG A 571 -27.18 -32.07 17.34
C ARG A 571 -27.06 -33.44 16.67
N ARG A 572 -26.08 -33.59 15.77
CA ARG A 572 -25.87 -34.89 15.13
C ARG A 572 -25.47 -35.95 16.15
N LYS A 573 -24.57 -35.62 17.08
CA LYS A 573 -24.19 -36.59 18.10
C LYS A 573 -25.37 -36.96 18.99
N ALA A 574 -26.21 -35.98 19.35
CA ALA A 574 -27.40 -36.28 20.14
C ALA A 574 -28.36 -37.18 19.38
N MET A 575 -28.52 -36.94 18.08
CA MET A 575 -29.36 -37.80 17.26
C MET A 575 -28.78 -39.20 17.15
N LYS A 576 -27.45 -39.33 17.23
CA LYS A 576 -26.82 -40.65 17.18
C LYS A 576 -27.26 -41.52 18.35
N LYS A 577 -27.35 -40.94 19.54
CA LYS A 577 -27.75 -41.69 20.73
C LYS A 577 -29.20 -42.16 20.63
N ILE A 619 -38.13 -18.41 0.57
CA ILE A 619 -37.89 -19.34 1.67
C ILE A 619 -37.64 -18.56 2.96
N VAL A 620 -37.91 -19.19 4.10
CA VAL A 620 -37.68 -18.54 5.38
C VAL A 620 -36.18 -18.35 5.60
N THR A 621 -35.81 -17.21 6.18
CA THR A 621 -34.39 -16.91 6.39
C THR A 621 -33.75 -17.93 7.32
N LYS A 622 -34.44 -18.29 8.41
CA LYS A 622 -33.94 -19.26 9.37
C LYS A 622 -34.86 -20.47 9.41
N SER A 623 -34.30 -21.59 9.86
CA SER A 623 -35.03 -22.83 10.04
C SER A 623 -35.08 -23.15 11.53
N THR A 624 -36.29 -23.33 12.06
CA THR A 624 -36.45 -23.61 13.48
C THR A 624 -35.79 -24.95 13.83
N LEU A 625 -35.43 -25.13 15.09
CA LEU A 625 -34.73 -26.33 15.52
C LEU A 625 -35.71 -27.50 15.57
N PRO A 626 -35.49 -28.58 14.82
CA PRO A 626 -36.39 -29.73 14.91
C PRO A 626 -35.92 -30.81 15.87
N GLU A 627 -34.80 -30.60 16.57
CA GLU A 627 -34.25 -31.60 17.47
C GLU A 627 -35.24 -31.95 18.58
N GLU A 628 -35.43 -33.25 18.79
CA GLU A 628 -36.36 -33.71 19.81
C GLU A 628 -35.87 -33.30 21.20
N LEU A 629 -36.81 -32.97 22.07
CA LEU A 629 -36.50 -32.49 23.41
C LEU A 629 -35.61 -33.48 24.15
N GLN A 630 -34.38 -33.06 24.41
CA GLN A 630 -33.37 -33.92 25.03
C GLN A 630 -32.41 -33.04 25.81
N ARG A 631 -32.07 -33.46 27.03
CA ARG A 631 -31.12 -32.72 27.86
C ARG A 631 -29.72 -33.28 27.66
N PHE A 632 -29.29 -33.27 26.40
CA PHE A 632 -27.95 -33.68 26.02
C PHE A 632 -27.14 -32.59 25.36
N MET A 633 -27.74 -31.43 25.05
CA MET A 633 -26.99 -30.30 24.54
C MET A 633 -26.00 -29.83 25.61
N PRO A 634 -24.76 -29.52 25.23
CA PRO A 634 -23.84 -28.90 26.19
C PRO A 634 -24.43 -27.61 26.74
N PRO A 635 -24.23 -27.33 28.02
CA PRO A 635 -24.90 -26.19 28.65
C PRO A 635 -24.55 -24.88 27.95
N GLY A 636 -25.55 -24.02 27.79
CA GLY A 636 -25.37 -22.76 27.13
C GLY A 636 -26.44 -21.77 27.55
N ASP A 637 -26.45 -20.62 26.87
CA ASP A 637 -27.40 -19.55 27.16
C ASP A 637 -28.50 -19.47 26.11
N ASN A 638 -28.70 -20.56 25.36
CA ASN A 638 -29.75 -20.72 24.35
C ASN A 638 -30.04 -19.43 23.58
N VAL A 639 -28.97 -18.76 23.12
CA VAL A 639 -29.12 -17.47 22.47
C VAL A 639 -30.01 -17.61 21.25
N HIS A 640 -30.98 -16.70 21.11
CA HIS A 640 -31.91 -16.73 20.00
C HIS A 640 -31.59 -15.72 18.90
N THR A 641 -31.00 -14.58 19.24
CA THR A 641 -30.55 -13.61 18.25
C THR A 641 -29.11 -13.21 18.55
N ILE A 642 -28.37 -12.91 17.49
CA ILE A 642 -27.01 -12.37 17.59
C ILE A 642 -27.03 -11.03 16.86
N ILE A 643 -26.83 -9.95 17.58
CA ILE A 643 -26.89 -8.60 17.02
C ILE A 643 -25.49 -8.19 16.61
N LEU A 644 -25.32 -7.88 15.33
CA LEU A 644 -24.04 -7.41 14.81
C LEU A 644 -24.05 -5.90 14.76
N ASP A 645 -23.02 -5.26 15.30
CA ASP A 645 -22.94 -3.81 15.32
C ASP A 645 -22.24 -3.31 14.07
N PHE A 646 -22.95 -2.55 13.25
CA PHE A 646 -22.42 -2.00 12.01
C PHE A 646 -22.31 -0.48 12.06
N THR A 647 -22.34 0.12 13.25
CA THR A 647 -22.14 1.56 13.35
C THR A 647 -20.74 1.97 12.94
N GLN A 648 -19.73 1.16 13.29
CA GLN A 648 -18.34 1.48 13.03
C GLN A 648 -17.83 0.93 11.71
N VAL A 649 -18.66 0.22 10.94
CA VAL A 649 -18.24 -0.34 9.66
C VAL A 649 -18.42 0.75 8.60
N ASN A 650 -17.30 1.20 8.03
CA ASN A 650 -17.35 2.30 7.07
C ASN A 650 -17.85 1.81 5.70
N PHE A 651 -17.37 0.66 5.24
CA PHE A 651 -17.69 0.21 3.89
C PHE A 651 -17.60 -1.31 3.84
N MET A 652 -18.18 -1.88 2.78
CA MET A 652 -18.19 -3.31 2.55
C MET A 652 -18.05 -3.57 1.07
N ASP A 653 -17.18 -4.50 0.69
CA ASP A 653 -17.05 -4.88 -0.70
C ASP A 653 -17.75 -6.22 -0.94
N SER A 654 -17.56 -6.79 -2.13
CA SER A 654 -18.26 -8.02 -2.49
C SER A 654 -17.89 -9.17 -1.58
N VAL A 655 -16.62 -9.28 -1.20
CA VAL A 655 -16.19 -10.36 -0.31
C VAL A 655 -16.84 -10.20 1.07
N GLY A 656 -16.89 -8.98 1.58
CA GLY A 656 -17.55 -8.75 2.86
C GLY A 656 -19.02 -9.08 2.82
N VAL A 657 -19.71 -8.71 1.74
CA VAL A 657 -21.12 -9.02 1.60
C VAL A 657 -21.33 -10.53 1.51
N LYS A 658 -20.48 -11.22 0.77
CA LYS A 658 -20.58 -12.68 0.68
C LYS A 658 -20.40 -13.32 2.05
N THR A 659 -19.42 -12.86 2.81
CA THR A 659 -19.20 -13.42 4.15
C THR A 659 -20.38 -13.12 5.06
N LEU A 660 -20.95 -11.93 4.96
CA LEU A 660 -22.11 -11.58 5.78
C LEU A 660 -23.31 -12.46 5.43
N ALA A 661 -23.54 -12.69 4.14
CA ALA A 661 -24.63 -13.58 3.73
C ALA A 661 -24.39 -15.00 4.23
N GLY A 662 -23.14 -15.46 4.17
CA GLY A 662 -22.82 -16.78 4.70
C GLY A 662 -23.05 -16.87 6.20
N ILE A 663 -22.67 -15.82 6.93
CA ILE A 663 -22.89 -15.79 8.38
C ILE A 663 -24.38 -15.87 8.68
N VAL A 664 -25.18 -15.06 7.99
CA VAL A 664 -26.61 -15.05 8.23
C VAL A 664 -27.22 -16.41 7.91
N LYS A 665 -26.82 -17.00 6.78
CA LYS A 665 -27.37 -18.30 6.39
C LYS A 665 -27.02 -19.39 7.38
N GLU A 666 -25.75 -19.45 7.80
CA GLU A 666 -25.34 -20.54 8.68
C GLU A 666 -25.86 -20.34 10.10
N TYR A 667 -26.10 -19.10 10.52
CA TYR A 667 -26.74 -18.89 11.82
C TYR A 667 -28.24 -19.16 11.75
N GLY A 668 -28.87 -18.91 10.60
CA GLY A 668 -30.28 -19.22 10.47
C GLY A 668 -30.56 -20.70 10.31
N ASP A 669 -29.59 -21.46 9.79
CA ASP A 669 -29.76 -22.90 9.71
C ASP A 669 -29.89 -23.52 11.10
N VAL A 670 -29.09 -23.05 12.05
CA VAL A 670 -29.20 -23.55 13.42
C VAL A 670 -30.50 -23.10 14.06
N GLY A 671 -30.90 -21.86 13.82
CA GLY A 671 -32.14 -21.34 14.39
C GLY A 671 -31.94 -20.05 15.17
N ILE A 672 -30.83 -19.37 14.91
CA ILE A 672 -30.46 -18.15 15.61
C ILE A 672 -30.53 -16.99 14.62
N TYR A 673 -31.31 -15.98 14.95
CA TYR A 673 -31.41 -14.80 14.10
C TYR A 673 -30.12 -13.99 14.15
N VAL A 674 -29.89 -13.20 13.11
CA VAL A 674 -28.79 -12.26 13.06
C VAL A 674 -29.34 -10.92 12.63
N TYR A 675 -29.13 -9.89 13.46
CA TYR A 675 -29.63 -8.55 13.20
C TYR A 675 -28.45 -7.61 12.97
N LEU A 676 -28.63 -6.68 12.04
CA LEU A 676 -27.61 -5.67 11.76
C LEU A 676 -28.07 -4.34 12.32
N ALA A 677 -27.24 -3.72 13.16
CA ALA A 677 -27.60 -2.51 13.86
C ALA A 677 -26.75 -1.35 13.38
N GLY A 678 -27.41 -0.24 13.04
CA GLY A 678 -26.73 0.98 12.66
C GLY A 678 -25.95 0.92 11.36
N CYS A 679 -26.51 0.29 10.34
CA CYS A 679 -25.88 0.29 9.03
C CYS A 679 -25.91 1.70 8.44
N SER A 680 -24.77 2.18 7.98
CA SER A 680 -24.72 3.49 7.36
C SER A 680 -25.44 3.46 6.00
N ALA A 681 -25.65 4.65 5.43
CA ALA A 681 -26.23 4.71 4.10
C ALA A 681 -25.32 4.07 3.07
N GLN A 682 -24.01 4.30 3.18
CA GLN A 682 -23.06 3.70 2.26
C GLN A 682 -23.00 2.19 2.43
N VAL A 683 -23.07 1.70 3.67
CA VAL A 683 -23.05 0.26 3.90
C VAL A 683 -24.31 -0.39 3.35
N VAL A 684 -25.46 0.28 3.50
CA VAL A 684 -26.70 -0.26 2.94
C VAL A 684 -26.63 -0.25 1.41
N SER A 685 -26.00 0.77 0.83
CA SER A 685 -25.82 0.79 -0.62
C SER A 685 -24.94 -0.37 -1.08
N ASP A 686 -23.85 -0.64 -0.35
CA ASP A 686 -22.99 -1.77 -0.71
C ASP A 686 -23.73 -3.10 -0.53
N LEU A 687 -24.57 -3.21 0.49
CA LEU A 687 -25.35 -4.42 0.68
C LEU A 687 -26.34 -4.61 -0.45
N THR A 688 -26.99 -3.53 -0.88
CA THR A 688 -28.01 -3.65 -1.93
C THR A 688 -27.38 -3.93 -3.29
N GLN A 689 -26.29 -3.24 -3.62
CA GLN A 689 -25.66 -3.42 -4.91
C GLN A 689 -25.11 -4.83 -5.08
N ASN A 690 -24.53 -5.39 -4.04
CA ASN A 690 -23.96 -6.73 -4.08
C ASN A 690 -25.00 -7.82 -3.88
N GLN A 691 -26.28 -7.49 -4.09
CA GLN A 691 -27.38 -8.46 -4.07
C GLN A 691 -27.52 -9.16 -2.72
N PHE A 692 -27.22 -8.46 -1.63
CA PHE A 692 -27.48 -9.05 -0.31
C PHE A 692 -28.97 -9.07 -0.01
N PHE A 693 -29.73 -8.10 -0.52
CA PHE A 693 -31.16 -7.98 -0.26
C PHE A 693 -32.00 -8.57 -1.37
N GLU A 694 -31.55 -9.68 -1.98
CA GLU A 694 -32.37 -10.33 -3.00
C GLU A 694 -33.70 -10.78 -2.43
N ASN A 695 -33.68 -11.37 -1.24
CA ASN A 695 -34.91 -11.66 -0.51
C ASN A 695 -35.36 -10.38 0.19
N PRO A 696 -36.57 -9.88 -0.09
CA PRO A 696 -37.01 -8.66 0.61
C PRO A 696 -37.16 -8.86 2.11
N ALA A 697 -37.24 -10.10 2.58
CA ALA A 697 -37.36 -10.35 4.01
C ALA A 697 -36.08 -10.05 4.76
N LEU A 698 -34.95 -9.94 4.07
CA LEU A 698 -33.69 -9.62 4.73
C LEU A 698 -33.59 -8.14 5.10
N LEU A 699 -34.49 -7.30 4.60
CA LEU A 699 -34.52 -5.91 5.00
C LEU A 699 -35.04 -5.73 6.42
N ASP A 700 -35.73 -6.72 6.96
CA ASP A 700 -36.20 -6.64 8.33
C ASP A 700 -35.09 -6.88 9.34
N LEU A 701 -33.96 -7.46 8.90
CA LEU A 701 -32.86 -7.68 9.82
C LEU A 701 -32.19 -6.37 10.24
N LEU A 702 -32.14 -5.39 9.35
CA LEU A 702 -31.50 -4.13 9.67
C LEU A 702 -32.27 -3.39 10.75
N PHE A 703 -31.55 -2.71 11.63
CA PHE A 703 -32.14 -1.90 12.68
C PHE A 703 -31.36 -0.60 12.79
N HIS A 704 -32.02 0.44 13.30
CA HIS A 704 -31.38 1.76 13.34
C HIS A 704 -30.30 1.82 14.42
N SER A 705 -30.53 1.19 15.56
CA SER A 705 -29.60 1.25 16.68
C SER A 705 -29.56 -0.10 17.38
N ILE A 706 -28.63 -0.24 18.32
CA ILE A 706 -28.54 -1.48 19.08
C ILE A 706 -29.78 -1.66 19.95
N HIS A 707 -30.25 -0.59 20.58
CA HIS A 707 -31.43 -0.70 21.43
C HIS A 707 -32.66 -1.08 20.62
N ASP A 708 -32.78 -0.55 19.41
CA ASP A 708 -33.89 -0.94 18.55
C ASP A 708 -33.84 -2.42 18.23
N ALA A 709 -32.63 -2.94 17.95
CA ALA A 709 -32.50 -4.37 17.66
C ALA A 709 -32.84 -5.22 18.88
N VAL A 710 -32.39 -4.80 20.06
CA VAL A 710 -32.69 -5.56 21.28
C VAL A 710 -34.19 -5.56 21.54
N LEU A 711 -34.84 -4.41 21.38
CA LEU A 711 -36.29 -4.34 21.58
C LEU A 711 -37.02 -5.19 20.56
N GLY A 712 -36.56 -5.20 19.31
CA GLY A 712 -37.17 -6.05 18.31
C GLY A 712 -37.04 -7.52 18.64
N SER A 713 -35.85 -7.94 19.10
CA SER A 713 -35.66 -9.32 19.50
C SER A 713 -36.57 -9.68 20.68
N GLN A 714 -36.66 -8.79 21.67
CA GLN A 714 -37.48 -9.09 22.84
C GLN A 714 -38.96 -9.18 22.47
N VAL A 715 -39.44 -8.27 21.62
CA VAL A 715 -40.85 -8.32 21.23
C VAL A 715 -41.12 -9.53 20.35
N ARG A 716 -40.16 -9.93 19.52
CA ARG A 716 -40.33 -11.13 18.71
C ARG A 716 -40.42 -12.37 19.59
N GLU A 717 -39.56 -12.45 20.62
CA GLU A 717 -39.62 -13.59 21.53
C GLU A 717 -40.93 -13.60 22.31
N ALA A 718 -41.40 -12.43 22.75
CA ALA A 718 -42.67 -12.36 23.46
C ALA A 718 -43.82 -12.79 22.56
N LEU A 719 -43.79 -12.38 21.29
CA LEU A 719 -44.86 -12.77 20.37
C LEU A 719 -44.80 -14.27 20.05
N ALA A 720 -43.59 -14.84 19.99
CA ALA A 720 -43.46 -16.25 19.67
C ALA A 720 -44.08 -17.14 20.74
N GLU A 721 -44.03 -16.73 21.99
CA GLU A 721 -44.60 -17.51 23.09
C GLU A 721 -46.10 -17.66 22.92
N GLN A 722 -46.78 -16.58 22.55
CA GLN A 722 -48.22 -16.62 22.34
C GLN A 722 -48.56 -17.30 21.02
N GLN B 14 -41.95 -3.02 23.61
CA GLN B 14 -42.74 -2.77 22.40
C GLN B 14 -42.42 -1.41 21.80
N ARG B 15 -42.10 -0.44 22.65
CA ARG B 15 -41.77 0.91 22.22
C ARG B 15 -40.42 1.32 22.80
N TYR B 16 -39.71 2.16 22.05
CA TYR B 16 -38.42 2.67 22.48
C TYR B 16 -38.67 3.75 23.51
N TYR B 17 -38.41 3.43 24.79
CA TYR B 17 -38.62 4.36 25.89
C TYR B 17 -37.40 4.32 26.80
N VAL B 18 -36.63 5.41 26.80
CA VAL B 18 -35.51 5.57 27.73
C VAL B 18 -35.66 6.92 28.42
N GLU B 19 -35.37 6.95 29.72
CA GLU B 19 -35.37 8.18 30.51
C GLU B 19 -34.11 8.14 31.36
N ARG B 20 -33.03 8.69 30.82
CA ARG B 20 -31.73 8.69 31.48
C ARG B 20 -31.14 10.08 31.43
N PRO B 21 -30.26 10.42 32.37
CA PRO B 21 -29.61 11.74 32.32
C PRO B 21 -28.68 11.85 31.12
N ILE B 22 -28.35 13.09 30.78
CA ILE B 22 -27.50 13.35 29.62
C ILE B 22 -26.12 12.78 29.92
N PHE B 23 -25.75 11.72 29.21
CA PHE B 23 -24.52 10.98 29.47
C PHE B 23 -23.37 11.63 28.69
N SER B 24 -22.76 12.66 29.28
CA SER B 24 -21.50 13.14 28.78
C SER B 24 -20.39 12.21 29.22
N HIS B 25 -19.15 12.51 28.83
CA HIS B 25 -18.04 11.64 29.22
C HIS B 25 -17.83 11.59 30.73
N PRO B 26 -17.75 12.71 31.46
CA PRO B 26 -17.57 12.59 32.92
C PRO B 26 -18.70 11.84 33.62
N VAL B 27 -19.94 12.05 33.21
CA VAL B 27 -21.06 11.39 33.88
C VAL B 27 -21.01 9.89 33.67
N LEU B 28 -20.81 9.47 32.42
CA LEU B 28 -20.73 8.04 32.13
C LEU B 28 -19.54 7.40 32.83
N GLN B 29 -18.39 8.09 32.83
CA GLN B 29 -17.21 7.52 33.49
C GLN B 29 -17.40 7.42 35.00
N GLU B 30 -18.09 8.38 35.59
CA GLU B 30 -18.37 8.32 37.03
C GLU B 30 -19.38 7.22 37.36
N ARG B 31 -20.35 6.97 36.48
CA ARG B 31 -21.33 5.93 36.75
C ARG B 31 -20.78 4.52 36.57
N LEU B 32 -19.57 4.36 36.03
CA LEU B 32 -19.01 3.06 35.73
C LEU B 32 -17.78 2.79 36.57
N HIS B 33 -17.45 1.50 36.70
CA HIS B 33 -16.25 1.06 37.39
C HIS B 33 -15.54 0.02 36.54
N LYS B 34 -14.22 0.15 36.45
CA LYS B 34 -13.43 -0.74 35.62
C LYS B 34 -13.40 -2.16 36.20
N LYS B 35 -13.43 -3.14 35.31
CA LYS B 35 -13.40 -4.55 35.69
C LYS B 35 -11.97 -5.05 35.62
N ASP B 36 -11.59 -5.91 36.57
CA ASP B 36 -10.23 -6.42 36.64
C ASP B 36 -9.85 -7.17 35.37
N LYS B 37 -8.68 -6.88 34.84
CA LYS B 37 -8.19 -7.53 33.62
C LYS B 37 -7.81 -8.97 33.91
N ILE B 38 -7.83 -9.82 32.88
CA ILE B 38 -7.40 -11.19 32.99
C ILE B 38 -5.91 -11.25 32.70
N SER B 39 -5.28 -12.33 33.16
CA SER B 39 -3.83 -12.48 33.00
C SER B 39 -3.45 -12.60 31.53
N GLU B 40 -2.41 -11.86 31.15
CA GLU B 40 -1.84 -11.92 29.79
C GLU B 40 -0.33 -12.10 29.96
N SER B 41 0.17 -13.23 29.48
CA SER B 41 1.59 -13.56 29.59
C SER B 41 2.03 -14.33 28.35
N ILE B 42 3.05 -13.81 27.66
CA ILE B 42 3.63 -14.54 26.54
C ILE B 42 4.21 -15.86 27.03
N GLY B 43 4.79 -15.86 28.23
CA GLY B 43 5.27 -17.11 28.81
C GLY B 43 4.17 -18.13 28.96
N ASP B 44 2.98 -17.68 29.38
CA ASP B 44 1.84 -18.58 29.48
C ASP B 44 1.39 -19.06 28.10
N LYS B 45 1.53 -18.20 27.08
CA LYS B 45 1.22 -18.62 25.71
C LYS B 45 2.14 -19.76 25.28
N LEU B 46 3.43 -19.64 25.60
CA LEU B 46 4.38 -20.69 25.23
C LEU B 46 4.19 -21.93 26.09
N LYS B 47 3.72 -21.75 27.33
CA LYS B 47 3.59 -22.83 28.30
C LYS B 47 2.78 -24.01 27.76
N GLN B 48 1.51 -23.77 27.43
CA GLN B 48 0.65 -24.87 27.00
C GLN B 48 1.11 -25.46 25.67
N ALA B 49 1.83 -24.68 24.87
CA ALA B 49 2.33 -25.16 23.59
C ALA B 49 3.32 -26.30 23.79
N PHE B 50 4.21 -26.17 24.78
CA PHE B 50 5.23 -27.18 25.02
C PHE B 50 4.72 -28.36 25.84
N THR B 51 3.48 -28.31 26.33
CA THR B 51 2.89 -29.44 27.03
C THR B 51 2.18 -30.35 26.04
N CYS B 52 2.49 -31.64 26.10
CA CYS B 52 1.97 -32.61 25.15
C CYS B 52 0.63 -33.16 25.63
N THR B 53 -0.38 -33.07 24.76
CA THR B 53 -1.70 -33.61 25.00
C THR B 53 -2.10 -34.48 23.82
N PRO B 54 -2.83 -35.58 24.07
CA PRO B 54 -3.20 -36.48 22.96
C PRO B 54 -4.05 -35.80 21.90
N LYS B 55 -4.94 -34.91 22.32
CA LYS B 55 -5.81 -34.22 21.37
C LYS B 55 -5.00 -33.32 20.44
N LYS B 56 -4.03 -32.59 20.99
CA LYS B 56 -3.21 -31.72 20.16
C LYS B 56 -2.24 -32.54 19.30
N ILE B 57 -1.84 -33.71 19.79
CA ILE B 57 -1.03 -34.61 18.97
C ILE B 57 -1.83 -35.07 17.76
N ARG B 58 -3.09 -35.46 17.99
CA ARG B 58 -3.96 -35.85 16.88
C ARG B 58 -4.19 -34.68 15.94
N ASN B 59 -4.32 -33.49 16.53
CA ASN B 59 -4.56 -32.26 15.74
C ASN B 59 -3.30 -31.94 14.93
N ILE B 60 -2.11 -32.09 15.52
CA ILE B 60 -0.87 -31.86 14.72
C ILE B 60 -0.90 -32.78 13.49
N ILE B 61 -1.23 -34.06 13.70
CA ILE B 61 -1.25 -35.05 12.58
C ILE B 61 -2.37 -34.66 11.60
N TYR B 62 -3.55 -34.31 12.09
CA TYR B 62 -4.68 -34.04 11.16
C TYR B 62 -4.41 -32.72 10.41
N MET B 63 -3.42 -31.98 10.90
CA MET B 63 -3.08 -30.70 10.27
C MET B 63 -1.98 -30.93 9.24
N PHE B 64 -1.02 -31.81 9.52
CA PHE B 64 0.14 -32.05 8.60
C PHE B 64 -0.18 -33.20 7.63
N LEU B 65 -0.89 -34.23 8.11
CA LEU B 65 -1.25 -35.31 7.21
C LEU B 65 -2.76 -35.32 7.02
N PRO B 66 -3.30 -34.44 6.16
CA PRO B 66 -4.77 -34.36 6.02
C PRO B 66 -5.40 -35.62 5.48
N ILE B 67 -4.63 -36.49 4.80
CA ILE B 67 -5.19 -37.74 4.29
C ILE B 67 -5.67 -38.63 5.42
N THR B 68 -5.05 -38.52 6.60
CA THR B 68 -5.49 -39.31 7.75
C THR B 68 -6.90 -38.92 8.19
N LYS B 69 -7.35 -37.71 7.86
CA LYS B 69 -8.66 -37.26 8.31
C LYS B 69 -9.77 -37.79 7.40
N TRP B 70 -9.74 -37.42 6.12
CA TRP B 70 -10.85 -37.72 5.21
C TRP B 70 -10.83 -39.15 4.66
N LEU B 71 -9.65 -39.68 4.35
CA LEU B 71 -9.58 -40.99 3.68
C LEU B 71 -10.22 -42.10 4.50
N PRO B 72 -9.96 -42.26 5.79
CA PRO B 72 -10.71 -43.26 6.57
C PRO B 72 -12.20 -42.98 6.64
N ALA B 73 -12.62 -41.74 6.45
CA ALA B 73 -14.03 -41.36 6.47
C ALA B 73 -14.62 -41.22 5.07
N TYR B 74 -13.93 -41.69 4.05
CA TYR B 74 -14.43 -41.60 2.69
C TYR B 74 -15.74 -42.37 2.54
N ARG B 75 -16.72 -41.74 1.90
CA ARG B 75 -18.03 -42.35 1.70
C ARG B 75 -18.05 -43.09 0.37
N PHE B 76 -18.30 -44.39 0.42
CA PHE B 76 -18.32 -45.22 -0.78
C PHE B 76 -19.68 -45.21 -1.47
N LYS B 77 -20.72 -44.68 -0.83
CA LYS B 77 -22.06 -44.78 -1.39
C LYS B 77 -22.25 -43.86 -2.58
N GLU B 78 -21.80 -42.62 -2.48
CA GLU B 78 -22.11 -41.59 -3.47
C GLU B 78 -20.89 -41.06 -4.20
N TYR B 79 -19.75 -40.96 -3.53
CA TYR B 79 -18.59 -40.30 -4.11
C TYR B 79 -17.86 -41.14 -5.15
N VAL B 80 -18.03 -42.47 -5.12
CA VAL B 80 -17.16 -43.35 -5.91
C VAL B 80 -17.31 -43.08 -7.40
N LEU B 81 -18.56 -43.06 -7.89
CA LEU B 81 -18.79 -42.89 -9.33
C LEU B 81 -18.34 -41.52 -9.80
N GLY B 82 -18.68 -40.48 -9.04
CA GLY B 82 -18.27 -39.13 -9.41
C GLY B 82 -16.77 -38.96 -9.44
N ASP B 83 -16.08 -39.49 -8.43
CA ASP B 83 -14.62 -39.44 -8.41
C ASP B 83 -14.00 -40.23 -9.55
N ILE B 84 -14.56 -41.39 -9.89
CA ILE B 84 -14.02 -42.16 -11.00
C ILE B 84 -14.15 -41.38 -12.31
N VAL B 85 -15.32 -40.82 -12.56
CA VAL B 85 -15.54 -40.06 -13.80
C VAL B 85 -14.63 -38.84 -13.83
N SER B 86 -14.54 -38.12 -12.71
CA SER B 86 -13.71 -36.93 -12.65
C SER B 86 -12.24 -37.28 -12.86
N GLY B 87 -11.78 -38.37 -12.25
CA GLY B 87 -10.39 -38.78 -12.44
C GLY B 87 -10.09 -39.15 -13.86
N ILE B 88 -10.99 -39.89 -14.51
CA ILE B 88 -10.81 -40.22 -15.91
C ILE B 88 -10.69 -38.96 -16.74
N SER B 89 -11.63 -38.02 -16.57
CA SER B 89 -11.61 -36.80 -17.38
C SER B 89 -10.36 -35.97 -17.11
N THR B 90 -9.95 -35.84 -15.85
CA THR B 90 -8.83 -34.98 -15.53
C THR B 90 -7.51 -35.60 -15.97
N GLY B 91 -7.40 -36.93 -15.96
CA GLY B 91 -6.19 -37.55 -16.49
C GLY B 91 -6.13 -37.47 -18.01
N VAL B 92 -7.28 -37.65 -18.67
CA VAL B 92 -7.35 -37.47 -20.11
C VAL B 92 -6.97 -36.05 -20.50
N LEU B 93 -7.27 -35.08 -19.64
CA LEU B 93 -6.78 -33.72 -19.86
C LEU B 93 -5.32 -33.54 -19.48
N GLN B 94 -4.84 -34.26 -18.46
CA GLN B 94 -3.46 -34.16 -18.03
C GLN B 94 -2.51 -34.54 -19.14
N LEU B 95 -2.83 -35.63 -19.86
CA LEU B 95 -1.87 -36.17 -20.83
C LEU B 95 -1.47 -35.11 -21.87
N PRO B 96 -2.41 -34.52 -22.64
CA PRO B 96 -1.98 -33.56 -23.68
C PRO B 96 -1.49 -32.25 -23.06
N GLN B 97 -2.14 -31.80 -21.99
CA GLN B 97 -1.65 -30.62 -21.30
C GLN B 97 -0.25 -30.84 -20.76
N GLY B 98 -0.01 -32.01 -20.17
CA GLY B 98 1.32 -32.31 -19.66
C GLY B 98 2.37 -32.31 -20.76
N LEU B 99 2.07 -32.96 -21.89
CA LEU B 99 3.03 -32.99 -22.98
C LEU B 99 3.30 -31.59 -23.53
N ALA B 100 2.24 -30.80 -23.75
CA ALA B 100 2.42 -29.47 -24.29
C ALA B 100 3.19 -28.57 -23.34
N PHE B 101 2.92 -28.67 -22.04
CA PHE B 101 3.62 -27.84 -21.07
C PHE B 101 5.06 -28.28 -20.88
N ALA B 102 5.34 -29.57 -21.10
CA ALA B 102 6.74 -29.99 -21.20
C ALA B 102 7.41 -29.38 -22.41
N MET B 103 6.69 -29.30 -23.53
CA MET B 103 7.23 -28.64 -24.72
C MET B 103 7.52 -27.17 -24.43
N LEU B 104 6.67 -26.52 -23.63
CA LEU B 104 6.84 -25.12 -23.29
C LEU B 104 8.09 -24.86 -22.46
N ALA B 105 8.56 -25.85 -21.70
CA ALA B 105 9.65 -25.65 -20.75
C ALA B 105 11.02 -25.98 -21.32
N ALA B 106 11.15 -26.05 -22.64
CA ALA B 106 12.43 -26.32 -23.31
C ALA B 106 13.04 -27.64 -22.82
N VAL B 107 12.18 -28.61 -22.53
CA VAL B 107 12.61 -29.92 -22.04
C VAL B 107 11.93 -30.98 -22.87
N PRO B 108 12.49 -32.19 -22.90
CA PRO B 108 11.85 -33.26 -23.66
C PRO B 108 10.44 -33.50 -23.17
N PRO B 109 9.53 -33.90 -24.06
CA PRO B 109 8.11 -34.01 -23.68
C PRO B 109 7.84 -35.03 -22.60
N VAL B 110 8.73 -36.00 -22.41
CA VAL B 110 8.48 -37.07 -21.42
C VAL B 110 8.42 -36.46 -20.02
N PHE B 111 9.27 -35.47 -19.74
CA PHE B 111 9.36 -34.91 -18.40
C PHE B 111 8.04 -34.27 -17.97
N GLY B 112 7.17 -33.97 -18.93
CA GLY B 112 5.82 -33.56 -18.57
C GLY B 112 5.03 -34.70 -17.95
N LEU B 113 5.25 -35.92 -18.43
CA LEU B 113 4.58 -37.08 -17.84
C LEU B 113 5.07 -37.35 -16.42
N TYR B 114 6.36 -37.19 -16.18
CA TYR B 114 6.88 -37.30 -14.81
C TYR B 114 6.35 -36.17 -13.94
N SER B 115 6.24 -34.97 -14.51
CA SER B 115 5.69 -33.82 -13.79
C SER B 115 4.23 -34.03 -13.41
N SER B 116 3.53 -34.94 -14.06
CA SER B 116 2.11 -35.18 -13.82
C SER B 116 1.84 -36.45 -13.03
N PHE B 117 2.88 -37.14 -12.55
CA PHE B 117 2.69 -38.35 -11.77
C PHE B 117 3.24 -38.23 -10.35
N TYR B 118 4.52 -37.86 -10.21
CA TYR B 118 5.14 -37.84 -8.88
C TYR B 118 4.50 -36.82 -7.93
N PRO B 119 4.28 -35.56 -8.32
CA PRO B 119 3.68 -34.62 -7.36
C PRO B 119 2.18 -34.78 -7.18
N VAL B 120 1.49 -35.51 -8.05
CA VAL B 120 0.05 -35.70 -7.87
C VAL B 120 -0.23 -36.66 -6.74
N ILE B 121 0.52 -37.75 -6.65
CA ILE B 121 0.26 -38.76 -5.62
C ILE B 121 0.55 -38.20 -4.24
N MET B 122 1.57 -37.35 -4.11
CA MET B 122 1.96 -36.82 -2.82
C MET B 122 0.97 -35.80 -2.29
N TYR B 123 0.40 -34.97 -3.17
CA TYR B 123 -0.59 -33.99 -2.74
C TYR B 123 -1.82 -34.67 -2.16
N CYS B 124 -2.12 -35.89 -2.61
CA CYS B 124 -3.17 -36.65 -1.98
C CYS B 124 -2.85 -36.95 -0.52
N PHE B 125 -1.57 -37.16 -0.21
CA PHE B 125 -1.17 -37.40 1.18
C PHE B 125 -1.13 -36.11 1.99
N PHE B 126 -0.68 -35.01 1.39
CA PHE B 126 -0.37 -33.80 2.14
C PHE B 126 -1.28 -32.61 1.85
N GLY B 127 -2.05 -32.65 0.77
CA GLY B 127 -2.84 -31.49 0.39
C GLY B 127 -4.12 -31.34 1.18
N THR B 128 -4.80 -30.21 0.95
CA THR B 128 -6.04 -29.88 1.63
C THR B 128 -7.26 -29.92 0.72
N SER B 129 -7.25 -29.16 -0.37
CA SER B 129 -8.41 -29.08 -1.24
C SER B 129 -8.64 -30.40 -1.95
N ARG B 130 -9.90 -30.83 -1.99
CA ARG B 130 -10.29 -32.10 -2.60
C ARG B 130 -10.82 -31.92 -4.02
N HIS B 131 -10.77 -30.71 -4.56
CA HIS B 131 -11.20 -30.51 -5.95
C HIS B 131 -10.11 -29.87 -6.81
N ILE B 132 -8.83 -29.97 -6.44
CA ILE B 132 -7.77 -29.25 -7.11
C ILE B 132 -6.86 -30.27 -7.81
N SER B 133 -6.46 -29.93 -9.03
CA SER B 133 -5.60 -30.80 -9.85
C SER B 133 -4.22 -30.15 -9.95
N ILE B 134 -3.19 -30.88 -9.54
CA ILE B 134 -1.84 -30.35 -9.52
C ILE B 134 -1.03 -30.95 -10.66
N GLY B 135 -0.97 -30.24 -11.78
CA GLY B 135 -0.14 -30.65 -12.90
C GLY B 135 0.69 -29.48 -13.39
N PRO B 136 1.51 -29.70 -14.42
CA PRO B 136 2.35 -28.62 -14.92
C PRO B 136 1.51 -27.45 -15.41
N PHE B 137 2.07 -26.25 -15.28
CA PHE B 137 1.37 -25.04 -15.69
C PHE B 137 2.25 -24.27 -16.66
N ALA B 138 1.60 -23.60 -17.61
CA ALA B 138 2.33 -23.04 -18.75
C ALA B 138 3.29 -21.93 -18.34
N VAL B 139 2.83 -20.99 -17.51
CA VAL B 139 3.66 -19.83 -17.16
C VAL B 139 4.87 -20.27 -16.36
N ILE B 140 4.67 -21.19 -15.41
CA ILE B 140 5.82 -21.75 -14.69
C ILE B 140 6.72 -22.52 -15.66
N SER B 141 6.11 -23.27 -16.58
CA SER B 141 6.89 -23.97 -17.59
C SER B 141 7.66 -22.99 -18.46
N LEU B 142 7.03 -21.86 -18.83
CA LEU B 142 7.73 -20.84 -19.59
C LEU B 142 8.89 -20.25 -18.81
N MET B 143 8.70 -19.99 -17.51
CA MET B 143 9.80 -19.46 -16.70
C MET B 143 10.96 -20.44 -16.63
N ILE B 144 10.67 -21.73 -16.41
CA ILE B 144 11.72 -22.73 -16.37
C ILE B 144 12.41 -22.86 -17.72
N GLY B 145 11.65 -22.81 -18.81
CA GLY B 145 12.27 -22.87 -20.14
C GLY B 145 13.18 -21.69 -20.39
N GLY B 146 12.77 -20.52 -19.89
CA GLY B 146 13.64 -19.34 -20.00
C GLY B 146 14.90 -19.53 -19.18
N VAL B 147 14.75 -20.08 -17.97
CA VAL B 147 15.94 -20.32 -17.09
C VAL B 147 16.89 -21.27 -17.82
N ALA B 148 16.38 -22.38 -18.35
CA ALA B 148 17.21 -23.35 -19.09
C ALA B 148 17.90 -22.64 -20.27
N VAL B 149 17.16 -21.83 -21.03
CA VAL B 149 17.75 -21.19 -22.20
C VAL B 149 18.88 -20.26 -21.79
N ARG B 150 18.66 -19.51 -20.71
CA ARG B 150 19.67 -18.51 -20.28
C ARG B 150 20.96 -19.22 -19.86
N LEU B 151 20.84 -20.26 -19.05
CA LEU B 151 22.03 -20.93 -18.55
C LEU B 151 22.74 -21.71 -19.64
N VAL B 152 21.99 -22.48 -20.43
CA VAL B 152 22.58 -23.19 -21.57
C VAL B 152 21.85 -22.78 -22.84
N PRO B 153 22.50 -22.03 -23.73
CA PRO B 153 21.81 -21.55 -24.94
C PRO B 153 21.66 -22.65 -25.98
N ASP B 154 20.87 -22.35 -27.01
CA ASP B 154 20.66 -23.30 -28.09
C ASP B 154 21.97 -23.57 -28.83
N ASP B 155 22.77 -22.53 -29.07
CA ASP B 155 24.04 -22.68 -29.78
C ASP B 155 25.14 -22.90 -28.75
N ILE B 156 25.26 -24.14 -28.30
CA ILE B 156 26.27 -24.55 -27.34
C ILE B 156 27.11 -25.67 -27.94
N VAL B 157 28.42 -25.56 -27.81
CA VAL B 157 29.35 -26.55 -28.34
C VAL B 157 29.56 -27.63 -27.28
N ILE B 158 29.22 -28.86 -27.63
CA ILE B 158 29.37 -30.00 -26.73
C ILE B 158 30.77 -30.57 -26.92
N PRO B 159 31.60 -30.65 -25.88
CA PRO B 159 32.96 -31.20 -26.05
C PRO B 159 32.99 -32.69 -26.30
N GLY B 160 31.86 -33.38 -26.24
CA GLY B 160 31.86 -34.82 -26.47
C GLY B 160 32.27 -35.18 -27.89
N GLY B 161 31.75 -34.45 -28.88
CA GLY B 161 32.08 -34.75 -30.26
C GLY B 161 31.55 -36.11 -30.66
N VAL B 162 32.44 -36.94 -31.22
CA VAL B 162 32.13 -38.31 -31.61
C VAL B 162 31.04 -38.35 -32.68
N ASN B 163 29.84 -37.90 -32.31
CA ASN B 163 28.70 -37.94 -33.23
C ASN B 163 28.92 -36.96 -34.38
N ALA B 164 27.99 -36.98 -35.33
CA ALA B 164 28.05 -36.13 -36.51
C ALA B 164 27.59 -34.72 -36.16
N THR B 165 27.36 -33.90 -37.19
CA THR B 165 26.93 -32.52 -36.97
C THR B 165 25.60 -32.48 -36.23
N ASN B 166 25.47 -31.51 -35.32
CA ASN B 166 24.27 -31.26 -34.53
C ASN B 166 24.04 -32.34 -33.47
N SER B 167 23.61 -31.93 -32.29
CA SER B 167 23.35 -32.86 -31.19
C SER B 167 22.25 -32.27 -30.32
N THR B 168 21.38 -33.14 -29.81
CA THR B 168 20.26 -32.73 -28.99
C THR B 168 20.20 -33.39 -27.62
N GLU B 169 20.80 -34.57 -27.45
CA GLU B 169 20.66 -35.29 -26.19
C GLU B 169 21.39 -34.58 -25.06
N ALA B 170 22.64 -34.18 -25.28
CA ALA B 170 23.41 -33.54 -24.22
C ALA B 170 22.81 -32.19 -23.83
N ARG B 171 22.37 -31.41 -24.82
CA ARG B 171 21.76 -30.11 -24.52
C ARG B 171 20.48 -30.28 -23.73
N ASP B 172 19.64 -31.25 -24.12
CA ASP B 172 18.41 -31.48 -23.39
C ASP B 172 18.68 -31.99 -21.97
N ALA B 173 19.70 -32.83 -21.80
CA ALA B 173 20.06 -33.29 -20.46
C ALA B 173 20.52 -32.13 -19.59
N LEU B 174 21.33 -31.22 -20.15
CA LEU B 174 21.76 -30.07 -19.36
C LEU B 174 20.58 -29.16 -19.03
N ARG B 175 19.65 -28.99 -19.97
CA ARG B 175 18.45 -28.19 -19.70
C ARG B 175 17.62 -28.81 -18.58
N VAL B 176 17.46 -30.13 -18.60
CA VAL B 176 16.65 -30.76 -17.57
C VAL B 176 17.38 -30.75 -16.24
N LYS B 177 18.71 -30.71 -16.24
CA LYS B 177 19.44 -30.55 -14.98
C LYS B 177 19.25 -29.14 -14.41
N VAL B 178 19.23 -28.14 -15.28
CA VAL B 178 18.93 -26.78 -14.83
C VAL B 178 17.53 -26.73 -14.24
N ALA B 179 16.57 -27.39 -14.89
CA ALA B 179 15.22 -27.48 -14.35
C ALA B 179 15.20 -28.23 -13.02
N MET B 180 16.06 -29.23 -12.87
CA MET B 180 16.10 -29.99 -11.60
C MET B 180 16.61 -29.10 -10.46
N SER B 181 17.58 -28.20 -10.70
CA SER B 181 18.02 -27.28 -9.66
C SER B 181 16.95 -26.22 -9.38
N VAL B 182 16.32 -25.70 -10.44
CA VAL B 182 15.31 -24.66 -10.27
C VAL B 182 14.14 -25.18 -9.43
N THR B 183 13.64 -26.37 -9.75
CA THR B 183 12.49 -26.88 -9.02
C THR B 183 12.86 -27.33 -7.62
N LEU B 184 14.08 -27.80 -7.41
CA LEU B 184 14.49 -28.15 -6.03
C LEU B 184 14.52 -26.88 -5.19
N LEU B 185 15.11 -25.80 -5.70
CA LEU B 185 15.12 -24.55 -4.94
C LEU B 185 13.70 -24.04 -4.71
N THR B 186 12.83 -24.17 -5.72
CA THR B 186 11.45 -23.74 -5.56
C THR B 186 10.75 -24.52 -4.44
N GLY B 187 10.96 -25.83 -4.41
CA GLY B 187 10.35 -26.64 -3.37
C GLY B 187 10.88 -26.31 -1.99
N ILE B 188 12.19 -26.10 -1.88
CA ILE B 188 12.78 -25.73 -0.59
C ILE B 188 12.21 -24.40 -0.10
N ILE B 189 12.13 -23.42 -1.00
CA ILE B 189 11.61 -22.10 -0.62
C ILE B 189 10.15 -22.21 -0.19
N GLN B 190 9.35 -22.98 -0.94
CA GLN B 190 7.94 -23.11 -0.60
C GLN B 190 7.76 -23.80 0.75
N PHE B 191 8.54 -24.85 1.01
CA PHE B 191 8.48 -25.52 2.31
C PHE B 191 8.87 -24.58 3.44
N CYS B 192 9.94 -23.81 3.24
CA CYS B 192 10.38 -22.87 4.29
C CYS B 192 9.32 -21.82 4.56
N LEU B 193 8.69 -21.30 3.51
CA LEU B 193 7.61 -20.33 3.70
C LEU B 193 6.43 -20.97 4.42
N GLY B 194 6.08 -22.20 4.06
CA GLY B 194 4.95 -22.86 4.69
C GLY B 194 5.16 -23.12 6.16
N VAL B 195 6.37 -23.55 6.54
CA VAL B 195 6.64 -23.82 7.94
C VAL B 195 6.82 -22.53 8.75
N CYS B 196 7.05 -21.41 8.08
CA CYS B 196 7.16 -20.11 8.73
C CYS B 196 5.84 -19.34 8.73
N ARG B 197 4.73 -20.04 8.52
CA ARG B 197 3.38 -19.46 8.61
C ARG B 197 3.20 -18.31 7.60
N PHE B 198 3.35 -18.65 6.33
CA PHE B 198 3.16 -17.70 5.23
C PHE B 198 1.77 -17.78 4.61
N GLY B 199 0.88 -18.61 5.16
CA GLY B 199 -0.44 -18.74 4.60
C GLY B 199 -1.36 -17.59 4.89
N PHE B 200 -0.94 -16.66 5.74
CA PHE B 200 -1.76 -15.48 6.02
C PHE B 200 -1.84 -14.54 4.82
N VAL B 201 -0.82 -14.55 3.96
CA VAL B 201 -0.77 -13.62 2.84
C VAL B 201 -1.83 -13.96 1.79
N ALA B 202 -2.44 -15.15 1.89
CA ALA B 202 -3.51 -15.51 0.97
C ALA B 202 -4.76 -14.67 1.17
N ILE B 203 -4.88 -13.97 2.30
CA ILE B 203 -6.03 -13.12 2.55
C ILE B 203 -6.04 -11.86 1.69
N TYR B 204 -4.90 -11.50 1.11
CA TYR B 204 -4.79 -10.27 0.32
C TYR B 204 -5.07 -10.49 -1.16
N LEU B 205 -5.48 -11.70 -1.54
CA LEU B 205 -5.83 -11.99 -2.96
C LEU B 205 -7.35 -12.00 -3.09
N THR B 206 -7.95 -10.84 -3.37
CA THR B 206 -9.42 -10.74 -3.48
C THR B 206 -9.90 -11.54 -4.70
N GLU B 207 -11.22 -11.61 -4.92
CA GLU B 207 -11.75 -12.27 -6.14
C GLU B 207 -11.46 -11.38 -7.35
N PRO B 208 -11.87 -10.08 -7.38
CA PRO B 208 -11.52 -9.20 -8.49
C PRO B 208 -10.06 -9.32 -8.93
N LEU B 209 -9.13 -9.51 -7.98
CA LEU B 209 -7.71 -9.63 -8.29
C LEU B 209 -7.39 -11.02 -8.81
N VAL B 210 -7.93 -12.05 -8.17
CA VAL B 210 -7.68 -13.43 -8.59
C VAL B 210 -8.21 -13.67 -10.00
N ARG B 211 -9.43 -13.18 -10.27
CA ARG B 211 -10.02 -13.41 -11.59
C ARG B 211 -9.26 -12.64 -12.68
N GLY B 212 -8.83 -11.41 -12.40
CA GLY B 212 -8.02 -10.70 -13.37
C GLY B 212 -6.70 -11.37 -13.63
N PHE B 213 -6.03 -11.83 -12.57
CA PHE B 213 -4.79 -12.56 -12.71
C PHE B 213 -4.98 -13.82 -13.56
N THR B 214 -6.04 -14.57 -13.29
CA THR B 214 -6.28 -15.81 -14.03
C THR B 214 -6.59 -15.54 -15.49
N THR B 215 -7.37 -14.50 -15.78
CA THR B 215 -7.66 -14.18 -17.19
C THR B 215 -6.40 -13.71 -17.92
N ALA B 216 -5.55 -12.95 -17.23
CA ALA B 216 -4.27 -12.56 -17.84
C ALA B 216 -3.42 -13.79 -18.14
N ALA B 217 -3.40 -14.75 -17.21
CA ALA B 217 -2.69 -16.00 -17.46
C ALA B 217 -3.29 -16.74 -18.66
N ALA B 218 -4.61 -16.69 -18.80
CA ALA B 218 -5.26 -17.31 -19.96
C ALA B 218 -4.78 -16.68 -21.26
N VAL B 219 -4.72 -15.36 -21.31
CA VAL B 219 -4.25 -14.67 -22.51
C VAL B 219 -2.79 -15.02 -22.79
N HIS B 220 -1.98 -15.09 -21.73
CA HIS B 220 -0.57 -15.47 -21.90
C HIS B 220 -0.44 -16.87 -22.50
N VAL B 221 -1.23 -17.82 -21.99
CA VAL B 221 -1.16 -19.18 -22.51
C VAL B 221 -1.62 -19.22 -23.96
N PHE B 222 -2.68 -18.49 -24.30
CA PHE B 222 -3.16 -18.45 -25.67
C PHE B 222 -2.07 -17.94 -26.62
N THR B 223 -1.45 -16.82 -26.26
CA THR B 223 -0.42 -16.27 -27.14
C THR B 223 0.83 -17.13 -27.16
N SER B 224 1.10 -17.88 -26.09
CA SER B 224 2.26 -18.75 -26.09
C SER B 224 2.05 -19.95 -27.00
N MET B 225 0.85 -20.55 -26.98
CA MET B 225 0.60 -21.72 -27.80
C MET B 225 0.16 -21.38 -29.22
N LEU B 226 -0.07 -20.11 -29.52
CA LEU B 226 -0.27 -19.70 -30.91
C LEU B 226 0.90 -20.13 -31.79
N LYS B 227 2.11 -20.11 -31.24
CA LYS B 227 3.30 -20.47 -32.02
C LYS B 227 3.22 -21.91 -32.51
N TYR B 228 2.84 -22.84 -31.63
CA TYR B 228 2.71 -24.23 -32.02
C TYR B 228 1.46 -24.47 -32.86
N LEU B 229 0.40 -23.69 -32.63
CA LEU B 229 -0.79 -23.82 -33.47
C LEU B 229 -0.48 -23.45 -34.91
N PHE B 230 0.34 -22.43 -35.12
CA PHE B 230 0.65 -21.95 -36.46
C PHE B 230 1.83 -22.68 -37.11
N GLY B 231 2.51 -23.54 -36.37
CA GLY B 231 3.66 -24.24 -36.93
C GLY B 231 4.88 -23.38 -37.14
N VAL B 232 4.90 -22.18 -36.57
CA VAL B 232 5.99 -21.23 -36.78
C VAL B 232 7.12 -21.52 -35.79
N LYS B 233 8.36 -21.24 -36.17
CA LYS B 233 9.55 -21.57 -35.40
C LYS B 233 10.27 -20.32 -34.92
N THR B 234 9.53 -19.41 -34.30
CA THR B 234 10.10 -18.15 -33.83
C THR B 234 10.81 -18.34 -32.49
N LYS B 235 11.14 -17.24 -31.83
CA LYS B 235 11.94 -17.25 -30.60
C LYS B 235 11.03 -17.54 -29.41
N ARG B 236 11.56 -17.36 -28.20
CA ARG B 236 10.85 -17.61 -26.94
C ARG B 236 10.94 -16.35 -26.06
N TYR B 237 10.53 -15.23 -26.63
CA TYR B 237 10.57 -13.95 -25.90
C TYR B 237 9.82 -14.06 -24.59
N SER B 238 10.45 -13.57 -23.52
CA SER B 238 9.89 -13.66 -22.18
C SER B 238 10.15 -12.34 -21.45
N GLY B 239 9.83 -12.31 -20.16
CA GLY B 239 10.02 -11.12 -19.37
C GLY B 239 8.92 -10.09 -19.61
N ILE B 240 9.29 -8.82 -19.41
CA ILE B 240 8.35 -7.73 -19.63
C ILE B 240 7.94 -7.67 -21.09
N PHE B 241 6.69 -7.29 -21.32
CA PHE B 241 6.14 -7.13 -22.67
C PHE B 241 6.24 -8.43 -23.47
N SER B 242 6.06 -9.57 -22.79
CA SER B 242 6.28 -10.86 -23.43
C SER B 242 5.15 -11.19 -24.41
N VAL B 243 3.91 -10.93 -24.02
CA VAL B 243 2.77 -11.34 -24.85
C VAL B 243 2.81 -10.64 -26.20
N VAL B 244 3.04 -9.32 -26.19
CA VAL B 244 3.07 -8.57 -27.43
C VAL B 244 4.24 -8.99 -28.30
N TYR B 245 5.41 -9.19 -27.70
CA TYR B 245 6.57 -9.61 -28.48
C TYR B 245 6.33 -10.97 -29.13
N SER B 246 5.78 -11.92 -28.38
CA SER B 246 5.51 -13.24 -28.93
C SER B 246 4.48 -13.18 -30.03
N THR B 247 3.40 -12.40 -29.84
CA THR B 247 2.36 -12.36 -30.85
C THR B 247 2.83 -11.64 -32.11
N VAL B 248 3.64 -10.59 -31.98
CA VAL B 248 4.15 -9.95 -33.19
C VAL B 248 5.16 -10.84 -33.89
N ALA B 249 5.97 -11.59 -33.14
CA ALA B 249 6.90 -12.52 -33.77
C ALA B 249 6.14 -13.60 -34.53
N VAL B 250 5.02 -14.07 -33.97
CA VAL B 250 4.20 -15.05 -34.69
C VAL B 250 3.58 -14.43 -35.94
N LEU B 251 3.07 -13.20 -35.82
CA LEU B 251 2.41 -12.57 -36.96
C LEU B 251 3.37 -12.30 -38.10
N GLN B 252 4.58 -11.82 -37.79
CA GLN B 252 5.56 -11.55 -38.85
C GLN B 252 5.96 -12.82 -39.58
N ASN B 253 6.16 -13.92 -38.85
CA ASN B 253 6.61 -15.17 -39.44
C ASN B 253 5.47 -16.09 -39.87
N VAL B 254 4.24 -15.56 -39.97
CA VAL B 254 3.11 -16.39 -40.38
C VAL B 254 3.25 -16.86 -41.82
N LYS B 255 4.13 -16.23 -42.61
CA LYS B 255 4.35 -16.65 -43.99
C LYS B 255 5.00 -18.04 -44.08
N ASN B 256 5.64 -18.50 -43.00
CA ASN B 256 6.25 -19.82 -42.97
C ASN B 256 5.35 -20.85 -42.29
N LEU B 257 4.04 -20.64 -42.33
CA LEU B 257 3.11 -21.55 -41.70
C LEU B 257 3.03 -22.86 -42.48
N ASN B 258 2.67 -23.93 -41.77
CA ASN B 258 2.48 -25.25 -42.36
C ASN B 258 0.99 -25.46 -42.60
N VAL B 259 0.61 -25.62 -43.87
CA VAL B 259 -0.81 -25.76 -44.20
C VAL B 259 -1.38 -27.02 -43.57
N CYS B 260 -0.60 -28.11 -43.61
CA CYS B 260 -1.10 -29.40 -43.06
C CYS B 260 -1.27 -29.27 -41.55
N SER B 261 -0.24 -28.78 -40.85
CA SER B 261 -0.31 -28.68 -39.39
C SER B 261 -1.41 -27.71 -38.97
N LEU B 262 -1.52 -26.58 -39.66
CA LEU B 262 -2.58 -25.62 -39.33
C LEU B 262 -3.95 -26.25 -39.57
N GLY B 263 -4.10 -27.00 -40.66
CA GLY B 263 -5.38 -27.63 -40.93
C GLY B 263 -5.76 -28.67 -39.90
N VAL B 264 -4.81 -29.53 -39.51
CA VAL B 264 -5.13 -30.55 -38.52
C VAL B 264 -5.41 -29.91 -37.17
N GLY B 265 -4.65 -28.87 -36.81
CA GLY B 265 -4.93 -28.17 -35.57
C GLY B 265 -6.30 -27.50 -35.57
N LEU B 266 -6.66 -26.89 -36.70
CA LEU B 266 -7.96 -26.22 -36.78
C LEU B 266 -9.11 -27.22 -36.72
N MET B 267 -8.99 -28.35 -37.40
CA MET B 267 -10.07 -29.33 -37.34
C MET B 267 -10.15 -29.96 -35.95
N VAL B 268 -9.00 -30.17 -35.29
CA VAL B 268 -9.02 -30.66 -33.92
C VAL B 268 -9.71 -29.66 -33.00
N PHE B 269 -9.40 -28.37 -33.16
CA PHE B 269 -10.03 -27.34 -32.35
C PHE B 269 -11.53 -27.27 -32.60
N GLY B 270 -11.93 -27.38 -33.86
CA GLY B 270 -13.36 -27.38 -34.18
C GLY B 270 -14.09 -28.57 -33.59
N LEU B 271 -13.48 -29.76 -33.69
CA LEU B 271 -14.08 -30.95 -33.08
C LEU B 271 -14.19 -30.79 -31.57
N LEU B 272 -13.15 -30.24 -30.94
CA LEU B 272 -13.19 -30.03 -29.49
C LEU B 272 -14.27 -29.05 -29.10
N LEU B 273 -14.40 -27.95 -29.84
CA LEU B 273 -15.43 -26.96 -29.51
C LEU B 273 -16.83 -27.55 -29.72
N GLY B 274 -17.02 -28.32 -30.79
CA GLY B 274 -18.31 -28.95 -31.01
C GLY B 274 -18.65 -29.96 -29.92
N GLY B 275 -17.66 -30.74 -29.50
CA GLY B 275 -17.89 -31.69 -28.41
C GLY B 275 -18.19 -31.00 -27.10
N LYS B 276 -17.50 -29.89 -26.81
CA LYS B 276 -17.79 -29.13 -25.60
C LYS B 276 -19.21 -28.56 -25.62
N GLU B 277 -19.62 -28.02 -26.77
CA GLU B 277 -20.99 -27.51 -26.89
C GLU B 277 -22.01 -28.63 -26.74
N PHE B 278 -21.72 -29.80 -27.32
CA PHE B 278 -22.62 -30.95 -27.19
C PHE B 278 -22.73 -31.39 -25.74
N ASN B 279 -21.60 -31.43 -25.03
CA ASN B 279 -21.63 -31.83 -23.62
C ASN B 279 -22.40 -30.82 -22.78
N GLU B 280 -22.20 -29.52 -23.04
CA GLU B 280 -22.92 -28.50 -22.28
C GLU B 280 -24.42 -28.56 -22.54
N ARG B 281 -24.81 -28.73 -23.81
CA ARG B 281 -26.23 -28.78 -24.14
C ARG B 281 -26.89 -30.05 -23.61
N PHE B 282 -26.17 -31.17 -23.64
CA PHE B 282 -26.71 -32.46 -23.23
C PHE B 282 -26.28 -32.85 -21.82
N LYS B 283 -26.19 -31.87 -20.92
CA LYS B 283 -25.71 -32.14 -19.56
C LYS B 283 -26.66 -33.06 -18.81
N GLU B 284 -27.97 -32.81 -18.91
CA GLU B 284 -28.93 -33.53 -18.07
C GLU B 284 -29.05 -34.99 -18.47
N LYS B 285 -29.22 -35.26 -19.76
CA LYS B 285 -29.50 -36.63 -20.19
C LYS B 285 -28.25 -37.51 -20.19
N LEU B 286 -27.08 -36.92 -20.42
CA LEU B 286 -25.84 -37.70 -20.40
C LEU B 286 -25.44 -38.01 -18.96
N PRO B 287 -25.27 -39.28 -18.59
CA PRO B 287 -24.88 -39.59 -17.21
C PRO B 287 -23.54 -39.00 -16.82
N ALA B 288 -22.60 -38.91 -17.76
CA ALA B 288 -21.27 -38.38 -17.49
C ALA B 288 -20.70 -37.81 -18.79
N PRO B 289 -20.00 -36.68 -18.71
CA PRO B 289 -19.37 -36.12 -19.92
C PRO B 289 -18.42 -37.13 -20.55
N ILE B 290 -18.40 -37.14 -21.88
CA ILE B 290 -17.55 -38.04 -22.64
C ILE B 290 -16.11 -37.54 -22.60
N PRO B 291 -15.11 -38.42 -22.58
CA PRO B 291 -13.72 -37.97 -22.62
C PRO B 291 -13.33 -37.46 -24.00
N LEU B 292 -13.68 -36.21 -24.29
CA LEU B 292 -13.49 -35.67 -25.63
C LEU B 292 -12.01 -35.57 -25.99
N GLU B 293 -11.16 -35.16 -25.03
CA GLU B 293 -9.74 -35.04 -25.33
C GLU B 293 -9.12 -36.38 -25.66
N PHE B 294 -9.64 -37.48 -25.10
CA PHE B 294 -9.15 -38.80 -25.45
C PHE B 294 -9.41 -39.10 -26.93
N PHE B 295 -10.62 -38.81 -27.39
CA PHE B 295 -10.94 -38.98 -28.82
C PHE B 295 -10.06 -38.08 -29.67
N ALA B 296 -9.84 -36.83 -29.23
CA ALA B 296 -9.03 -35.90 -30.02
C ALA B 296 -7.60 -36.40 -30.16
N VAL B 297 -6.98 -36.81 -29.04
CA VAL B 297 -5.61 -37.30 -29.08
C VAL B 297 -5.51 -38.55 -29.92
N VAL B 298 -6.44 -39.49 -29.74
CA VAL B 298 -6.41 -40.74 -30.48
C VAL B 298 -6.53 -40.48 -31.97
N MET B 299 -7.49 -39.63 -32.36
CA MET B 299 -7.68 -39.33 -33.77
C MET B 299 -6.46 -38.62 -34.35
N GLY B 300 -5.89 -37.66 -33.62
CA GLY B 300 -4.73 -36.96 -34.11
C GLY B 300 -3.54 -37.88 -34.34
N THR B 301 -3.23 -38.71 -33.35
CA THR B 301 -2.08 -39.61 -33.50
C THR B 301 -2.35 -40.67 -34.57
N GLY B 302 -3.59 -41.14 -34.68
CA GLY B 302 -3.90 -42.12 -35.71
C GLY B 302 -3.75 -41.55 -37.11
N ILE B 303 -4.27 -40.33 -37.32
CA ILE B 303 -4.13 -39.69 -38.62
C ILE B 303 -2.66 -39.43 -38.94
N SER B 304 -1.90 -38.94 -37.96
CA SER B 304 -0.50 -38.63 -38.21
C SER B 304 0.29 -39.90 -38.52
N ALA B 305 -0.02 -41.01 -37.83
CA ALA B 305 0.71 -42.24 -38.10
C ALA B 305 0.32 -42.84 -39.45
N GLY B 306 -0.97 -42.90 -39.74
CA GLY B 306 -1.41 -43.50 -40.99
C GLY B 306 -0.99 -42.71 -42.22
N PHE B 307 -1.15 -41.39 -42.17
CA PHE B 307 -0.83 -40.55 -43.32
C PHE B 307 0.63 -40.10 -43.33
N SER B 308 1.38 -40.35 -42.25
CA SER B 308 2.80 -40.01 -42.17
C SER B 308 3.03 -38.53 -42.47
N LEU B 309 2.34 -37.67 -41.71
CA LEU B 309 2.44 -36.24 -41.95
C LEU B 309 3.86 -35.72 -41.70
N HIS B 310 4.53 -36.24 -40.68
CA HIS B 310 5.85 -35.74 -40.33
C HIS B 310 6.85 -35.93 -41.46
N GLU B 311 6.88 -37.13 -42.05
CA GLU B 311 7.83 -37.39 -43.13
C GLU B 311 7.33 -36.84 -44.47
N SER B 312 6.04 -36.52 -44.57
CA SER B 312 5.49 -36.06 -45.84
C SER B 312 5.61 -34.55 -46.00
N TYR B 313 5.05 -33.79 -45.04
CA TYR B 313 4.91 -32.35 -45.19
C TYR B 313 5.55 -31.57 -44.05
N ASN B 314 6.45 -32.20 -43.29
CA ASN B 314 7.22 -31.52 -42.24
C ASN B 314 6.30 -30.92 -41.18
N VAL B 315 5.58 -31.79 -40.48
CA VAL B 315 4.69 -31.41 -39.39
C VAL B 315 5.42 -31.65 -38.08
N ASP B 316 5.37 -30.66 -37.18
CA ASP B 316 5.99 -30.82 -35.88
C ASP B 316 5.32 -31.93 -35.08
N VAL B 317 6.13 -32.73 -34.38
CA VAL B 317 5.64 -33.89 -33.65
C VAL B 317 6.21 -33.86 -32.24
N VAL B 318 5.53 -34.56 -31.32
CA VAL B 318 5.99 -34.64 -29.94
C VAL B 318 7.37 -35.28 -29.88
N GLY B 319 7.53 -36.42 -30.54
CA GLY B 319 8.87 -37.04 -30.57
C GLY B 319 8.81 -38.46 -30.07
N THR B 320 9.85 -38.91 -29.38
CA THR B 320 9.81 -40.27 -28.78
C THR B 320 9.65 -40.12 -27.27
N LEU B 321 8.58 -40.68 -26.70
CA LEU B 321 8.37 -40.63 -25.24
C LEU B 321 8.95 -41.90 -24.61
N PRO B 322 10.03 -41.82 -23.81
CA PRO B 322 10.66 -42.99 -23.21
C PRO B 322 9.67 -43.83 -22.40
N LEU B 323 9.92 -45.13 -22.27
CA LEU B 323 9.00 -46.04 -21.51
C LEU B 323 9.72 -46.55 -20.26
N GLY B 324 9.52 -45.90 -19.10
CA GLY B 324 10.10 -46.40 -17.84
C GLY B 324 10.19 -45.32 -16.79
N LEU B 325 10.27 -45.71 -15.50
CA LEU B 325 10.40 -44.72 -14.39
C LEU B 325 11.88 -44.53 -14.02
N LEU B 326 12.38 -43.30 -14.13
CA LEU B 326 13.81 -43.02 -13.85
C LEU B 326 14.03 -43.17 -12.36
N PRO B 327 15.13 -43.80 -11.89
CA PRO B 327 15.35 -44.05 -10.46
C PRO B 327 15.57 -42.74 -9.69
N PRO B 328 15.11 -42.63 -8.44
CA PRO B 328 15.21 -41.37 -7.72
C PRO B 328 16.63 -40.83 -7.93
N ALA B 329 16.78 -39.54 -8.17
CA ALA B 329 18.12 -38.97 -8.46
C ALA B 329 18.28 -37.60 -7.81
N ASN B 330 19.36 -37.41 -7.04
CA ASN B 330 19.60 -36.11 -6.33
C ASN B 330 19.84 -35.00 -7.35
N PRO B 331 19.10 -33.87 -7.29
CA PRO B 331 19.27 -32.77 -8.23
C PRO B 331 20.54 -31.96 -7.92
N ASP B 332 21.08 -31.27 -8.92
CA ASP B 332 22.25 -30.40 -8.67
C ASP B 332 21.85 -29.27 -7.73
N THR B 333 22.73 -28.89 -6.80
CA THR B 333 22.43 -27.74 -5.90
C THR B 333 23.35 -26.58 -6.27
N SER B 334 24.37 -26.84 -7.09
CA SER B 334 25.34 -25.78 -7.49
C SER B 334 24.62 -24.70 -8.31
N LEU B 335 23.70 -25.11 -9.18
CA LEU B 335 22.99 -24.13 -10.07
C LEU B 335 22.20 -23.14 -9.21
N PHE B 336 22.04 -23.43 -7.91
CA PHE B 336 21.24 -22.55 -7.03
C PHE B 336 21.87 -21.16 -7.00
N HIS B 337 23.08 -21.02 -7.55
CA HIS B 337 23.81 -19.72 -7.52
C HIS B 337 22.97 -18.61 -8.15
N LEU B 338 22.40 -18.85 -9.34
CA LEU B 338 21.63 -17.80 -10.04
C LEU B 338 20.15 -18.20 -10.13
N VAL B 339 19.88 -19.50 -10.27
CA VAL B 339 18.47 -19.97 -10.41
C VAL B 339 17.68 -19.47 -9.18
N TYR B 340 18.37 -19.00 -8.14
CA TYR B 340 17.70 -18.53 -6.91
C TYR B 340 16.69 -17.44 -7.25
N VAL B 341 17.10 -16.43 -8.02
CA VAL B 341 16.20 -15.28 -8.33
C VAL B 341 14.98 -15.82 -9.09
N ASP B 342 15.18 -16.88 -9.88
CA ASP B 342 14.06 -17.49 -10.64
C ASP B 342 13.23 -18.34 -9.69
N ALA B 343 13.84 -19.34 -9.07
CA ALA B 343 13.13 -20.25 -8.13
C ALA B 343 12.17 -19.43 -7.27
N ILE B 344 12.63 -18.33 -6.68
CA ILE B 344 11.76 -17.55 -5.76
C ILE B 344 10.53 -17.09 -6.55
N ALA B 345 10.74 -16.57 -7.76
CA ALA B 345 9.60 -16.04 -8.55
C ALA B 345 8.61 -17.17 -8.83
N ILE B 346 9.11 -18.34 -9.25
CA ILE B 346 8.22 -19.48 -9.58
C ILE B 346 7.42 -19.88 -8.33
N ALA B 347 8.08 -19.92 -7.16
CA ALA B 347 7.41 -20.34 -5.91
C ALA B 347 6.34 -19.32 -5.52
N ILE B 348 6.60 -18.03 -5.75
CA ILE B 348 5.56 -16.99 -5.48
C ILE B 348 4.41 -17.18 -6.46
N VAL B 349 4.68 -17.16 -7.76
CA VAL B 349 3.62 -17.26 -8.77
C VAL B 349 2.82 -18.54 -8.55
N GLY B 350 3.51 -19.66 -8.32
CA GLY B 350 2.82 -20.92 -8.13
C GLY B 350 1.92 -20.93 -6.92
N PHE B 351 2.43 -20.43 -5.79
CA PHE B 351 1.59 -20.35 -4.59
C PHE B 351 0.40 -19.44 -4.82
N SER B 352 0.62 -18.29 -5.46
CA SER B 352 -0.49 -17.38 -5.70
C SER B 352 -1.58 -18.04 -6.53
N VAL B 353 -1.19 -18.72 -7.61
CA VAL B 353 -2.18 -19.35 -8.48
C VAL B 353 -2.92 -20.47 -7.76
N THR B 354 -2.17 -21.34 -7.06
CA THR B 354 -2.81 -22.48 -6.43
C THR B 354 -3.73 -22.05 -5.30
N ILE B 355 -3.33 -21.05 -4.50
CA ILE B 355 -4.20 -20.60 -3.43
C ILE B 355 -5.38 -19.82 -4.00
N SER B 356 -5.19 -19.14 -5.13
CA SER B 356 -6.31 -18.48 -5.78
C SER B 356 -7.39 -19.48 -6.15
N MET B 357 -7.01 -20.56 -6.83
CA MET B 357 -8.04 -21.52 -7.23
C MET B 357 -8.53 -22.37 -6.06
N ALA B 358 -7.70 -22.62 -5.05
CA ALA B 358 -8.20 -23.29 -3.87
C ALA B 358 -9.27 -22.45 -3.17
N LYS B 359 -9.04 -21.14 -3.05
CA LYS B 359 -10.03 -20.25 -2.48
C LYS B 359 -11.28 -20.18 -3.34
N THR B 360 -11.11 -20.16 -4.67
CA THR B 360 -12.27 -20.14 -5.55
C THR B 360 -13.13 -21.38 -5.36
N LEU B 361 -12.49 -22.55 -5.31
CA LEU B 361 -13.24 -23.79 -5.09
C LEU B 361 -13.89 -23.82 -3.71
N ALA B 362 -13.20 -23.32 -2.69
CA ALA B 362 -13.78 -23.28 -1.36
C ALA B 362 -15.00 -22.37 -1.32
N ASN B 363 -14.91 -21.20 -1.95
CA ASN B 363 -16.06 -20.31 -2.02
C ASN B 363 -17.21 -20.95 -2.79
N LYS B 364 -16.89 -21.72 -3.82
CA LYS B 364 -17.93 -22.42 -4.56
C LYS B 364 -18.61 -23.49 -3.71
N HIS B 365 -17.84 -24.19 -2.88
CA HIS B 365 -18.36 -25.33 -2.12
C HIS B 365 -18.38 -25.08 -0.61
N GLY B 366 -17.23 -24.76 -0.01
CA GLY B 366 -17.17 -24.53 1.42
C GLY B 366 -16.51 -25.65 2.20
N TYR B 367 -15.23 -25.46 2.56
CA TYR B 367 -14.46 -26.45 3.31
C TYR B 367 -13.20 -25.76 3.81
N GLN B 368 -12.27 -26.55 4.35
CA GLN B 368 -11.00 -26.02 4.84
C GLN B 368 -10.06 -25.75 3.68
N VAL B 369 -9.54 -24.53 3.61
CA VAL B 369 -8.71 -24.08 2.50
C VAL B 369 -7.39 -23.54 3.06
N ASP B 370 -6.97 -24.08 4.20
CA ASP B 370 -5.78 -23.61 4.91
C ASP B 370 -4.60 -23.44 3.97
N GLY B 371 -4.13 -22.20 3.83
CA GLY B 371 -3.04 -21.93 2.91
C GLY B 371 -1.68 -22.35 3.42
N ASN B 372 -1.51 -22.41 4.74
CA ASN B 372 -0.23 -22.84 5.29
C ASN B 372 0.06 -24.29 4.93
N GLN B 373 -0.91 -25.17 5.15
CA GLN B 373 -0.72 -26.57 4.77
C GLN B 373 -0.69 -26.74 3.25
N GLU B 374 -1.38 -25.86 2.51
CA GLU B 374 -1.26 -25.86 1.06
C GLU B 374 0.18 -25.62 0.64
N LEU B 375 0.82 -24.60 1.22
CA LEU B 375 2.21 -24.30 0.89
C LEU B 375 3.13 -25.42 1.34
N ILE B 376 2.86 -26.01 2.51
CA ILE B 376 3.66 -27.14 2.98
C ILE B 376 3.58 -28.29 1.99
N ALA B 377 2.36 -28.63 1.56
CA ALA B 377 2.16 -29.76 0.66
C ALA B 377 2.83 -29.50 -0.68
N LEU B 378 2.70 -28.28 -1.21
CA LEU B 378 3.34 -27.98 -2.50
C LEU B 378 4.86 -27.98 -2.38
N GLY B 379 5.39 -27.46 -1.29
CA GLY B 379 6.84 -27.50 -1.10
C GLY B 379 7.36 -28.92 -1.03
N LEU B 380 6.66 -29.78 -0.29
CA LEU B 380 7.06 -31.18 -0.22
C LEU B 380 6.96 -31.85 -1.58
N CYS B 381 5.88 -31.57 -2.32
CA CYS B 381 5.69 -32.19 -3.63
C CYS B 381 6.80 -31.77 -4.60
N ASN B 382 7.04 -30.46 -4.66
CA ASN B 382 8.03 -29.94 -5.64
C ASN B 382 9.40 -30.59 -5.41
N SER B 383 9.90 -30.53 -4.18
CA SER B 383 11.24 -31.09 -3.84
C SER B 383 11.23 -32.61 -4.02
N THR B 384 10.24 -33.30 -3.47
CA THR B 384 10.21 -34.78 -3.55
C THR B 384 10.05 -35.20 -5.02
N GLY B 385 9.67 -34.27 -5.90
CA GLY B 385 9.60 -34.58 -7.34
C GLY B 385 10.88 -34.14 -8.03
N SER B 386 11.43 -32.98 -7.65
CA SER B 386 12.73 -32.50 -8.19
C SER B 386 13.76 -33.64 -8.15
N LEU B 387 13.68 -34.49 -7.12
CA LEU B 387 14.61 -35.63 -7.00
C LEU B 387 14.20 -36.76 -7.95
N PHE B 388 13.06 -36.60 -8.63
CA PHE B 388 12.57 -37.70 -9.52
C PHE B 388 12.50 -37.22 -10.97
N GLN B 389 13.48 -36.42 -11.41
CA GLN B 389 13.52 -35.98 -12.83
C GLN B 389 12.20 -35.31 -13.21
N THR B 390 11.77 -34.30 -12.47
CA THR B 390 10.53 -33.56 -12.82
C THR B 390 10.85 -32.06 -12.95
N PHE B 391 9.82 -31.22 -12.84
CA PHE B 391 10.05 -29.74 -12.86
C PHE B 391 9.04 -29.10 -11.90
N ALA B 392 8.84 -27.78 -12.00
CA ALA B 392 7.95 -27.08 -11.06
C ALA B 392 6.49 -27.46 -11.35
N ILE B 393 5.71 -27.76 -10.31
CA ILE B 393 4.31 -28.22 -10.53
C ILE B 393 3.38 -27.41 -9.64
N SER B 394 2.53 -26.57 -10.24
CA SER B 394 1.52 -25.81 -9.44
C SER B 394 0.14 -26.37 -9.78
N CYS B 395 -0.93 -25.59 -9.57
CA CYS B 395 -2.24 -26.07 -9.97
C CYS B 395 -2.52 -25.66 -11.41
N SER B 396 -3.03 -26.59 -12.21
CA SER B 396 -3.50 -26.24 -13.54
C SER B 396 -4.89 -25.61 -13.44
N LEU B 397 -5.19 -24.73 -14.39
CA LEU B 397 -6.39 -23.91 -14.30
C LEU B 397 -7.58 -24.55 -15.02
N SER B 398 -7.45 -24.73 -16.34
CA SER B 398 -8.54 -25.31 -17.12
C SER B 398 -8.84 -26.72 -16.65
N ARG B 399 -7.80 -27.48 -16.31
CA ARG B 399 -8.00 -28.84 -15.83
C ARG B 399 -8.74 -28.85 -14.49
N SER B 400 -8.40 -27.91 -13.60
CA SER B 400 -9.10 -27.83 -12.33
C SER B 400 -10.56 -27.48 -12.52
N LEU B 401 -10.84 -26.56 -13.45
CA LEU B 401 -12.22 -26.22 -13.76
C LEU B 401 -12.97 -27.42 -14.32
N VAL B 402 -12.32 -28.19 -15.20
CA VAL B 402 -12.96 -29.39 -15.76
C VAL B 402 -13.25 -30.40 -14.66
N GLN B 403 -12.28 -30.60 -13.76
CA GLN B 403 -12.44 -31.57 -12.68
C GLN B 403 -13.59 -31.17 -11.76
N GLU B 404 -13.70 -29.88 -11.43
CA GLU B 404 -14.79 -29.46 -10.57
C GLU B 404 -16.13 -29.50 -11.30
N GLY B 405 -16.12 -29.29 -12.62
CA GLY B 405 -17.37 -29.30 -13.36
C GLY B 405 -17.93 -30.69 -13.57
N THR B 406 -17.05 -31.66 -13.83
CA THR B 406 -17.50 -33.02 -14.13
C THR B 406 -18.24 -33.64 -12.95
N GLY B 407 -17.91 -33.21 -11.73
CA GLY B 407 -18.54 -33.76 -10.55
C GLY B 407 -17.53 -34.29 -9.55
N GLY B 408 -16.29 -33.83 -9.65
CA GLY B 408 -15.25 -34.24 -8.71
C GLY B 408 -15.58 -33.91 -7.28
N LYS B 409 -15.50 -34.91 -6.40
CA LYS B 409 -15.83 -34.73 -4.99
C LYS B 409 -14.58 -34.77 -4.12
N THR B 410 -13.68 -35.73 -4.34
CA THR B 410 -12.52 -35.91 -3.48
C THR B 410 -11.23 -35.87 -4.28
N GLN B 411 -10.11 -36.01 -3.57
CA GLN B 411 -8.81 -35.99 -4.20
C GLN B 411 -8.42 -37.35 -4.79
N LEU B 412 -9.21 -38.39 -4.52
CA LEU B 412 -8.93 -39.68 -5.13
C LEU B 412 -9.08 -39.62 -6.66
N ALA B 413 -9.83 -38.63 -7.14
CA ALA B 413 -9.91 -38.41 -8.58
C ALA B 413 -8.54 -38.05 -9.15
N GLY B 414 -7.80 -37.20 -8.44
CA GLY B 414 -6.44 -36.88 -8.87
C GLY B 414 -5.54 -38.10 -8.84
N CYS B 415 -5.72 -38.97 -7.85
CA CYS B 415 -4.91 -40.19 -7.77
C CYS B 415 -5.18 -41.10 -8.96
N LEU B 416 -6.44 -41.17 -9.40
CA LEU B 416 -6.76 -41.95 -10.59
C LEU B 416 -6.08 -41.40 -11.83
N ALA B 417 -6.07 -40.06 -11.95
CA ALA B 417 -5.37 -39.44 -13.07
C ALA B 417 -3.87 -39.75 -13.02
N SER B 418 -3.29 -39.69 -11.82
CA SER B 418 -1.88 -40.05 -11.67
C SER B 418 -1.64 -41.50 -12.06
N LEU B 419 -2.56 -42.40 -11.69
CA LEU B 419 -2.42 -43.81 -12.04
C LEU B 419 -2.48 -44.01 -13.55
N MET B 420 -3.39 -43.30 -14.22
CA MET B 420 -3.50 -43.45 -15.67
C MET B 420 -2.28 -42.88 -16.38
N ILE B 421 -1.74 -41.77 -15.85
CA ILE B 421 -0.50 -41.23 -16.40
C ILE B 421 0.65 -42.20 -16.19
N LEU B 422 0.68 -42.88 -15.04
CA LEU B 422 1.68 -43.91 -14.80
C LEU B 422 1.55 -45.05 -15.80
N LEU B 423 0.31 -45.46 -16.09
CA LEU B 423 0.09 -46.48 -17.11
C LEU B 423 0.60 -46.02 -18.47
N VAL B 424 0.37 -44.75 -18.79
CA VAL B 424 0.87 -44.20 -20.06
C VAL B 424 2.40 -44.24 -20.10
N ILE B 425 3.04 -43.88 -19.00
CA ILE B 425 4.50 -43.92 -18.93
C ILE B 425 5.02 -45.35 -19.07
N LEU B 426 4.34 -46.30 -18.44
CA LEU B 426 4.85 -47.67 -18.35
C LEU B 426 4.55 -48.50 -19.59
N ALA B 427 3.38 -48.33 -20.19
CA ALA B 427 2.96 -49.19 -21.29
C ALA B 427 2.77 -48.46 -22.61
N THR B 428 1.92 -47.43 -22.63
CA THR B 428 1.52 -46.78 -23.89
C THR B 428 2.29 -45.50 -24.17
N GLY B 429 3.57 -45.44 -23.80
CA GLY B 429 4.36 -44.24 -24.07
C GLY B 429 4.74 -44.06 -25.52
N PHE B 430 4.73 -45.13 -26.31
CA PHE B 430 5.13 -45.06 -27.70
C PHE B 430 3.96 -44.83 -28.66
N LEU B 431 2.72 -44.82 -28.14
CA LEU B 431 1.58 -44.55 -29.01
C LEU B 431 1.53 -43.09 -29.43
N PHE B 432 2.01 -42.19 -28.59
CA PHE B 432 1.93 -40.75 -28.84
C PHE B 432 3.20 -40.18 -29.44
N GLU B 433 4.13 -41.03 -29.88
CA GLU B 433 5.34 -40.54 -30.52
C GLU B 433 5.07 -39.89 -31.87
N SER B 434 3.87 -40.07 -32.43
CA SER B 434 3.50 -39.46 -33.70
C SER B 434 2.49 -38.34 -33.54
N LEU B 435 2.16 -37.94 -32.31
CA LEU B 435 1.14 -36.93 -32.09
C LEU B 435 1.66 -35.55 -32.48
N PRO B 436 1.01 -34.84 -33.41
CA PRO B 436 1.47 -33.50 -33.78
C PRO B 436 1.31 -32.52 -32.64
N GLN B 437 2.19 -31.52 -32.62
CA GLN B 437 2.12 -30.47 -31.60
C GLN B 437 0.91 -29.56 -31.81
N ALA B 438 0.40 -29.47 -33.04
CA ALA B 438 -0.78 -28.65 -33.28
C ALA B 438 -2.00 -29.20 -32.54
N VAL B 439 -2.10 -30.52 -32.42
CA VAL B 439 -3.20 -31.10 -31.65
C VAL B 439 -3.11 -30.69 -30.19
N LEU B 440 -1.90 -30.73 -29.61
CA LEU B 440 -1.71 -30.29 -28.23
C LEU B 440 -2.07 -28.82 -28.08
N SER B 441 -1.64 -27.99 -29.02
CA SER B 441 -1.94 -26.56 -28.94
C SER B 441 -3.45 -26.31 -29.00
N ALA B 442 -4.14 -27.02 -29.90
CA ALA B 442 -5.58 -26.86 -29.99
C ALA B 442 -6.28 -27.33 -28.72
N ILE B 443 -5.82 -28.44 -28.15
CA ILE B 443 -6.43 -28.96 -26.92
C ILE B 443 -6.25 -27.96 -25.78
N VAL B 444 -5.04 -27.40 -25.64
CA VAL B 444 -4.81 -26.42 -24.59
C VAL B 444 -5.64 -25.17 -24.81
N ILE B 445 -5.71 -24.69 -26.06
CA ILE B 445 -6.44 -23.45 -26.34
C ILE B 445 -7.93 -23.62 -26.08
N VAL B 446 -8.51 -24.74 -26.51
CA VAL B 446 -9.95 -24.92 -26.38
C VAL B 446 -10.37 -25.01 -24.93
N ASN B 447 -9.46 -25.39 -24.04
CA ASN B 447 -9.79 -25.50 -22.62
C ASN B 447 -9.70 -24.17 -21.89
N LEU B 448 -9.14 -23.14 -22.52
CA LEU B 448 -9.14 -21.80 -21.94
C LEU B 448 -10.50 -21.13 -22.01
N LYS B 449 -11.47 -21.74 -22.69
CA LYS B 449 -12.76 -21.10 -22.90
C LYS B 449 -13.44 -20.80 -21.57
N GLY B 450 -13.37 -21.73 -20.62
CA GLY B 450 -13.93 -21.47 -19.30
C GLY B 450 -13.22 -20.35 -18.58
N MET B 451 -11.99 -20.03 -19.00
CA MET B 451 -11.24 -18.97 -18.35
C MET B 451 -11.43 -17.64 -19.05
N PHE B 452 -11.73 -17.66 -20.35
CA PHE B 452 -12.05 -16.42 -21.05
C PHE B 452 -13.46 -15.96 -20.73
N MET B 453 -14.28 -16.85 -20.16
CA MET B 453 -15.64 -16.50 -19.77
C MET B 453 -15.62 -15.59 -18.55
N GLN B 454 -14.47 -15.47 -17.89
CA GLN B 454 -14.33 -14.58 -16.76
C GLN B 454 -14.34 -13.12 -17.17
N PHE B 455 -14.34 -12.81 -18.46
CA PHE B 455 -14.45 -11.45 -18.95
C PHE B 455 -15.83 -10.86 -18.68
N SER B 456 -16.80 -11.67 -18.29
CA SER B 456 -18.14 -11.19 -17.97
C SER B 456 -18.17 -10.39 -16.66
N ASP B 457 -17.08 -10.38 -15.90
CA ASP B 457 -17.05 -9.63 -14.65
C ASP B 457 -17.00 -8.13 -14.89
N LEU B 458 -16.59 -7.69 -16.08
CA LEU B 458 -16.51 -6.26 -16.34
C LEU B 458 -17.88 -5.58 -16.29
N PRO B 459 -18.94 -6.09 -16.95
CA PRO B 459 -20.26 -5.46 -16.74
C PRO B 459 -20.79 -5.61 -15.33
N PHE B 460 -20.61 -6.78 -14.72
CA PHE B 460 -21.13 -6.97 -13.36
C PHE B 460 -20.45 -6.04 -12.37
N PHE B 461 -19.12 -5.90 -12.47
CA PHE B 461 -18.43 -5.00 -11.56
C PHE B 461 -18.66 -3.54 -11.92
N TRP B 462 -18.93 -3.25 -13.20
CA TRP B 462 -19.30 -1.89 -13.57
C TRP B 462 -20.63 -1.50 -12.92
N ARG B 463 -21.57 -2.44 -12.85
CA ARG B 463 -22.84 -2.16 -12.19
C ARG B 463 -22.70 -2.16 -10.67
N THR B 464 -21.85 -3.03 -10.12
CA THR B 464 -21.78 -3.22 -8.67
C THR B 464 -20.90 -2.19 -7.98
N SER B 465 -19.62 -2.12 -8.35
CA SER B 465 -18.70 -1.21 -7.67
C SER B 465 -17.57 -0.86 -8.63
N LYS B 466 -17.35 0.44 -8.84
CA LYS B 466 -16.31 0.87 -9.77
C LYS B 466 -14.90 0.60 -9.24
N ILE B 467 -14.73 0.54 -7.92
CA ILE B 467 -13.40 0.27 -7.37
C ILE B 467 -13.00 -1.17 -7.63
N GLU B 468 -13.94 -2.11 -7.49
CA GLU B 468 -13.64 -3.49 -7.83
C GLU B 468 -13.35 -3.65 -9.31
N LEU B 469 -14.07 -2.92 -10.15
CA LEU B 469 -13.77 -2.93 -11.58
C LEU B 469 -12.38 -2.36 -11.85
N THR B 470 -12.00 -1.32 -11.11
CA THR B 470 -10.65 -0.77 -11.24
C THR B 470 -9.60 -1.80 -10.86
N ILE B 471 -9.83 -2.53 -9.77
CA ILE B 471 -8.89 -3.58 -9.36
C ILE B 471 -8.79 -4.64 -10.43
N TRP B 472 -9.94 -5.08 -10.96
CA TRP B 472 -9.96 -6.10 -12.01
C TRP B 472 -9.17 -5.64 -13.24
N LEU B 473 -9.49 -4.44 -13.74
CA LEU B 473 -8.84 -3.97 -14.96
C LEU B 473 -7.36 -3.73 -14.76
N THR B 474 -6.98 -3.17 -13.60
CA THR B 474 -5.57 -2.89 -13.39
C THR B 474 -4.76 -4.16 -13.19
N THR B 475 -5.32 -5.18 -12.53
CA THR B 475 -4.58 -6.43 -12.42
C THR B 475 -4.51 -7.15 -13.76
N PHE B 476 -5.57 -7.07 -14.56
CA PHE B 476 -5.50 -7.66 -15.90
C PHE B 476 -4.41 -7.01 -16.73
N VAL B 477 -4.39 -5.66 -16.76
CA VAL B 477 -3.40 -4.96 -17.58
C VAL B 477 -1.99 -5.21 -17.05
N SER B 478 -1.81 -5.15 -15.73
CA SER B 478 -0.48 -5.29 -15.15
C SER B 478 0.04 -6.71 -15.29
N SER B 479 -0.82 -7.71 -15.27
CA SER B 479 -0.38 -9.09 -15.45
C SER B 479 -0.37 -9.51 -16.91
N LEU B 480 -0.89 -8.69 -17.81
CA LEU B 480 -0.80 -8.94 -19.24
C LEU B 480 0.41 -8.29 -19.88
N PHE B 481 0.54 -6.97 -19.76
CA PHE B 481 1.61 -6.23 -20.43
C PHE B 481 2.87 -6.09 -19.59
N LEU B 482 2.88 -6.58 -18.35
CA LEU B 482 4.05 -6.37 -17.48
C LEU B 482 4.38 -7.69 -16.76
N GLY B 483 4.37 -8.80 -17.49
CA GLY B 483 4.71 -10.08 -16.92
C GLY B 483 3.69 -10.59 -15.93
N LEU B 484 3.83 -11.85 -15.51
CA LEU B 484 2.89 -12.41 -14.55
C LEU B 484 3.48 -12.52 -13.15
N ASP B 485 4.80 -12.41 -13.01
CA ASP B 485 5.46 -12.43 -11.71
C ASP B 485 5.56 -11.06 -11.06
N TYR B 486 5.75 -10.00 -11.87
CA TYR B 486 5.71 -8.64 -11.37
C TYR B 486 4.32 -8.03 -11.43
N GLY B 487 3.33 -8.76 -11.94
CA GLY B 487 1.98 -8.24 -12.01
C GLY B 487 1.20 -8.49 -10.74
N LEU B 488 1.47 -9.62 -10.09
CA LEU B 488 0.75 -9.96 -8.86
C LEU B 488 1.06 -8.96 -7.75
N ILE B 489 2.33 -8.60 -7.57
CA ILE B 489 2.71 -7.65 -6.55
C ILE B 489 2.10 -6.29 -6.82
N THR B 490 2.13 -5.85 -8.08
CA THR B 490 1.52 -4.59 -8.45
C THR B 490 0.01 -4.61 -8.16
N ALA B 491 -0.65 -5.71 -8.47
CA ALA B 491 -2.09 -5.81 -8.22
C ALA B 491 -2.40 -5.75 -6.73
N VAL B 492 -1.61 -6.45 -5.91
CA VAL B 492 -1.85 -6.43 -4.47
C VAL B 492 -1.65 -5.03 -3.91
N ILE B 493 -0.56 -4.38 -4.33
CA ILE B 493 -0.31 -3.02 -3.86
C ILE B 493 -1.43 -2.09 -4.28
N ILE B 494 -1.91 -2.23 -5.52
CA ILE B 494 -2.97 -1.35 -6.00
C ILE B 494 -4.27 -1.59 -5.24
N ALA B 495 -4.54 -2.85 -4.87
CA ALA B 495 -5.72 -3.12 -4.05
C ALA B 495 -5.61 -2.44 -2.68
N LEU B 496 -4.44 -2.50 -2.07
CA LEU B 496 -4.26 -1.82 -0.78
C LEU B 496 -4.40 -0.30 -0.94
N MET B 497 -3.88 0.26 -2.03
CA MET B 497 -4.08 1.69 -2.26
C MET B 497 -5.54 2.02 -2.56
N THR B 498 -6.31 1.08 -3.10
CA THR B 498 -7.74 1.34 -3.25
C THR B 498 -8.42 1.42 -1.89
N VAL B 499 -8.00 0.57 -0.95
CA VAL B 499 -8.51 0.71 0.43
C VAL B 499 -8.15 2.08 0.99
N ILE B 500 -6.90 2.51 0.78
CA ILE B 500 -6.47 3.82 1.27
C ILE B 500 -7.29 4.93 0.62
N TYR B 501 -7.59 4.79 -0.67
CA TYR B 501 -8.42 5.78 -1.36
C TYR B 501 -9.82 5.84 -0.77
N ARG B 502 -10.40 4.67 -0.45
CA ARG B 502 -11.70 4.68 0.21
C ARG B 502 -11.63 5.41 1.54
N THR B 503 -10.52 5.27 2.27
CA THR B 503 -10.36 6.05 3.49
C THR B 503 -10.08 7.53 3.22
N GLN B 504 -9.73 7.93 2.02
CA GLN B 504 -9.31 9.35 1.77
C GLN B 504 -10.39 10.11 1.00
N SER B 505 -11.45 9.44 0.56
CA SER B 505 -12.57 10.15 -0.05
C SER B 505 -13.86 9.65 0.57
N PRO B 506 -14.13 10.04 1.81
CA PRO B 506 -15.35 9.57 2.49
C PRO B 506 -16.56 10.38 2.11
N SER B 507 -17.67 10.15 2.78
CA SER B 507 -18.90 10.90 2.55
C SER B 507 -19.10 11.88 3.69
N TYR B 508 -18.88 13.17 3.41
CA TYR B 508 -19.08 14.21 4.41
C TYR B 508 -20.55 14.58 4.44
N ILE B 509 -21.22 14.23 5.53
CA ILE B 509 -22.67 14.34 5.64
C ILE B 509 -23.00 15.30 6.77
N VAL B 510 -23.81 16.31 6.49
CA VAL B 510 -24.36 17.19 7.51
C VAL B 510 -25.69 16.62 7.97
N LEU B 511 -25.78 16.27 9.23
CA LEU B 511 -26.91 15.53 9.77
C LEU B 511 -28.02 16.47 10.20
N GLY B 512 -29.22 15.90 10.37
CA GLY B 512 -30.37 16.66 10.83
C GLY B 512 -31.25 15.76 11.66
N GLN B 513 -32.06 16.39 12.52
CA GLN B 513 -32.83 15.69 13.53
C GLN B 513 -34.23 15.37 13.02
N LEU B 514 -34.60 14.10 13.04
CA LEU B 514 -35.97 13.72 12.75
C LEU B 514 -36.87 14.24 13.87
N PRO B 515 -38.01 14.84 13.54
CA PRO B 515 -38.84 15.51 14.57
C PRO B 515 -39.32 14.53 15.63
N ASP B 516 -39.32 15.00 16.88
CA ASP B 516 -39.83 14.28 18.05
C ASP B 516 -39.14 12.94 18.27
N THR B 517 -38.01 12.69 17.62
CA THR B 517 -37.24 11.46 17.82
C THR B 517 -35.77 11.82 17.92
N ASP B 518 -34.96 10.81 18.24
CA ASP B 518 -33.52 10.96 18.36
C ASP B 518 -32.79 10.42 17.13
N VAL B 519 -33.49 10.19 16.03
CA VAL B 519 -32.84 9.68 14.82
C VAL B 519 -32.24 10.84 14.05
N TYR B 520 -30.94 10.77 13.81
CA TYR B 520 -30.20 11.79 13.08
C TYR B 520 -29.70 11.20 11.77
N ILE B 521 -30.26 11.67 10.66
CA ILE B 521 -29.89 11.19 9.33
C ILE B 521 -29.60 12.40 8.45
N ASP B 522 -29.25 12.12 7.19
CA ASP B 522 -28.77 13.15 6.29
C ASP B 522 -29.86 14.20 6.03
N ILE B 523 -29.43 15.44 5.82
CA ILE B 523 -30.36 16.54 5.60
C ILE B 523 -30.70 16.73 4.13
N ASP B 524 -29.83 16.30 3.22
CA ASP B 524 -30.08 16.42 1.78
C ASP B 524 -30.76 15.21 1.18
N ALA B 525 -31.11 14.22 2.01
CA ALA B 525 -31.66 12.98 1.45
C ALA B 525 -32.96 12.60 2.15
N TYR B 526 -33.67 13.56 2.73
CA TYR B 526 -35.00 13.30 3.34
C TYR B 526 -35.68 14.63 3.59
N GLU B 527 -37.02 14.65 3.64
CA GLU B 527 -37.74 15.94 3.79
C GLU B 527 -38.13 16.16 5.25
N GLU B 528 -38.47 15.09 5.97
CA GLU B 528 -38.79 15.19 7.41
C GLU B 528 -37.56 15.71 8.18
N VAL B 529 -36.39 15.19 7.86
CA VAL B 529 -35.14 15.59 8.57
C VAL B 529 -35.06 17.11 8.61
N LYS B 530 -35.07 17.70 9.80
CA LYS B 530 -34.94 19.17 9.94
C LYS B 530 -33.75 19.49 10.84
N GLU B 531 -32.95 20.49 10.49
CA GLU B 531 -31.72 20.81 11.27
C GLU B 531 -32.08 21.46 12.60
N VAL B 532 -31.35 21.12 13.67
CA VAL B 532 -31.62 21.71 15.02
C VAL B 532 -31.12 23.16 14.99
N PRO B 533 -31.96 24.16 15.35
CA PRO B 533 -31.55 25.58 15.27
C PRO B 533 -30.25 25.87 16.04
N GLY B 534 -29.32 26.61 15.43
CA GLY B 534 -28.10 26.97 16.11
C GLY B 534 -27.08 25.86 16.24
N ILE B 535 -27.37 24.66 15.75
CA ILE B 535 -26.48 23.52 15.88
C ILE B 535 -26.29 22.88 14.51
N LYS B 536 -25.05 22.61 14.14
CA LYS B 536 -24.75 21.93 12.88
C LYS B 536 -23.92 20.70 13.19
N ILE B 537 -24.32 19.56 12.63
CA ILE B 537 -23.72 18.27 12.90
C ILE B 537 -22.95 17.82 11.68
N PHE B 538 -21.72 17.35 11.88
CA PHE B 538 -20.86 16.89 10.80
C PHE B 538 -20.51 15.42 11.02
N GLN B 539 -20.59 14.64 9.95
CA GLN B 539 -20.29 13.21 10.02
C GLN B 539 -19.32 12.84 8.91
N ILE B 540 -18.32 12.03 9.25
CA ILE B 540 -17.39 11.46 8.30
C ILE B 540 -17.29 9.97 8.57
N ASN B 541 -17.52 9.15 7.54
CA ASN B 541 -17.47 7.70 7.69
C ASN B 541 -16.10 7.15 7.33
N ALA B 542 -15.05 7.70 7.96
CA ALA B 542 -13.69 7.26 7.72
C ALA B 542 -12.83 7.68 8.89
N PRO B 543 -11.77 6.93 9.21
CA PRO B 543 -10.90 7.34 10.31
C PRO B 543 -10.18 8.64 10.01
N ILE B 544 -9.93 9.42 11.05
CA ILE B 544 -9.24 10.69 10.93
C ILE B 544 -7.76 10.41 11.20
N TYR B 545 -6.98 10.30 10.13
CA TYR B 545 -5.56 10.01 10.22
C TYR B 545 -4.83 10.94 9.26
N TYR B 546 -3.54 10.68 9.04
CA TYR B 546 -2.71 11.66 8.33
C TYR B 546 -3.14 11.85 6.88
N ALA B 547 -3.74 10.83 6.27
CA ALA B 547 -4.08 10.92 4.85
C ALA B 547 -5.30 11.82 4.60
N ASN B 548 -6.32 11.75 5.45
CA ASN B 548 -7.54 12.52 5.24
C ASN B 548 -7.84 13.45 6.42
N SER B 549 -6.82 14.15 6.91
CA SER B 549 -7.03 15.06 8.04
C SER B 549 -7.29 16.47 7.54
N ASP B 550 -6.41 17.00 6.71
CA ASP B 550 -6.63 18.31 6.11
C ASP B 550 -7.87 18.30 5.22
N LEU B 551 -8.11 17.20 4.51
CA LEU B 551 -9.33 17.06 3.74
C LEU B 551 -10.56 17.12 4.64
N TYR B 552 -10.50 16.46 5.79
CA TYR B 552 -11.61 16.50 6.74
C TYR B 552 -11.85 17.92 7.25
N SER B 553 -10.78 18.64 7.59
CA SER B 553 -10.94 20.00 8.08
C SER B 553 -11.54 20.92 7.02
N SER B 554 -11.04 20.81 5.78
CA SER B 554 -11.58 21.64 4.70
C SER B 554 -13.03 21.31 4.42
N ALA B 555 -13.39 20.02 4.44
CA ALA B 555 -14.77 19.64 4.24
C ALA B 555 -15.66 20.15 5.37
N LEU B 556 -15.13 20.15 6.60
CA LEU B 556 -15.87 20.71 7.72
C LEU B 556 -16.14 22.19 7.52
N LYS B 557 -15.14 22.93 7.04
CA LYS B 557 -15.35 24.35 6.77
C LYS B 557 -16.33 24.56 5.62
N ARG B 558 -16.33 23.66 4.64
CA ARG B 558 -17.17 23.83 3.46
C ARG B 558 -18.63 23.49 3.73
N LYS B 559 -18.90 22.25 4.14
CA LYS B 559 -20.28 21.77 4.21
C LYS B 559 -21.09 22.53 5.25
N THR B 560 -20.53 22.73 6.44
CA THR B 560 -21.30 23.35 7.51
C THR B 560 -21.50 24.85 7.28
N GLY B 561 -20.73 25.46 6.39
CA GLY B 561 -20.88 26.88 6.12
C GLY B 561 -20.33 27.79 7.19
N VAL B 562 -19.56 27.26 8.14
CA VAL B 562 -19.02 28.02 9.24
C VAL B 562 -17.51 27.80 9.25
N ASN B 563 -16.75 28.84 8.91
CA ASN B 563 -15.29 28.79 8.91
C ASN B 563 -14.79 29.93 9.80
N PRO B 564 -13.96 29.64 10.81
CA PRO B 564 -13.48 30.73 11.68
C PRO B 564 -12.71 31.81 10.94
N ALA B 565 -12.04 31.48 9.84
CA ALA B 565 -11.22 32.46 9.16
C ALA B 565 -12.05 33.62 8.61
N PHE B 566 -13.10 33.32 7.83
CA PHE B 566 -13.93 34.38 7.30
C PHE B 566 -14.72 35.09 8.39
N ILE B 567 -15.12 34.38 9.44
CA ILE B 567 -15.83 35.04 10.53
C ILE B 567 -14.94 36.07 11.20
N LEU B 568 -13.70 35.69 11.52
CA LEU B 568 -12.78 36.63 12.15
C LEU B 568 -12.45 37.78 11.22
N GLY B 569 -12.26 37.50 9.94
CA GLY B 569 -12.03 38.56 8.97
C GLY B 569 -13.18 39.54 8.92
N ALA B 570 -14.42 39.03 8.96
CA ALA B 570 -15.59 39.91 8.91
C ALA B 570 -15.71 40.72 10.19
N ARG B 571 -15.35 40.14 11.33
CA ARG B 571 -15.29 40.94 12.56
C ARG B 571 -14.27 42.07 12.43
N ARG B 572 -13.12 41.78 11.82
CA ARG B 572 -12.12 42.82 11.61
C ARG B 572 -12.64 43.92 10.68
N LYS B 573 -13.31 43.54 9.59
CA LYS B 573 -13.87 44.54 8.69
C LYS B 573 -14.93 45.38 9.39
N ALA B 574 -15.77 44.75 10.21
CA ALA B 574 -16.78 45.50 10.96
C ALA B 574 -16.12 46.48 11.94
N MET B 575 -15.05 46.04 12.60
CA MET B 575 -14.31 46.93 13.49
C MET B 575 -13.66 48.07 12.73
N LYS B 576 -13.30 47.84 11.46
CA LYS B 576 -12.71 48.91 10.65
C LYS B 576 -13.67 50.07 10.47
N LYS B 577 -14.95 49.78 10.24
CA LYS B 577 -15.95 50.82 10.04
C LYS B 577 -16.17 51.63 11.30
N ILE B 619 -6.94 27.82 31.16
CA ILE B 619 -7.62 28.85 30.37
C ILE B 619 -8.94 28.28 29.83
N VAL B 620 -9.89 29.17 29.55
CA VAL B 620 -11.18 28.75 29.00
C VAL B 620 -10.97 28.20 27.60
N THR B 621 -11.70 27.13 27.27
CA THR B 621 -11.55 26.51 25.95
C THR B 621 -11.94 27.48 24.84
N LYS B 622 -13.04 28.20 25.02
CA LYS B 622 -13.50 29.17 24.03
C LYS B 622 -13.49 30.57 24.63
N SER B 623 -13.42 31.55 23.74
CA SER B 623 -13.47 32.97 24.11
C SER B 623 -14.77 33.55 23.56
N THR B 624 -15.56 34.16 24.43
CA THR B 624 -16.83 34.75 24.03
C THR B 624 -16.59 35.89 23.04
N LEU B 625 -17.60 36.20 22.22
CA LEU B 625 -17.44 37.23 21.21
C LEU B 625 -17.47 38.61 21.87
N PRO B 626 -16.43 39.42 21.71
CA PRO B 626 -16.46 40.77 22.30
C PRO B 626 -16.91 41.84 21.32
N GLU B 627 -17.27 41.48 20.09
CA GLU B 627 -17.65 42.44 19.07
C GLU B 627 -18.87 43.25 19.51
N GLU B 628 -18.77 44.57 19.36
CA GLU B 628 -19.86 45.45 19.76
C GLU B 628 -21.09 45.20 18.90
N LEU B 629 -22.26 45.31 19.52
CA LEU B 629 -23.52 45.03 18.84
C LEU B 629 -23.67 45.86 17.58
N GLN B 630 -23.65 45.18 16.43
CA GLN B 630 -23.68 45.84 15.13
C GLN B 630 -24.34 44.90 14.14
N ARG B 631 -25.24 45.43 13.31
CA ARG B 631 -25.92 44.63 12.29
C ARG B 631 -25.16 44.75 10.97
N PHE B 632 -23.88 44.38 11.03
CA PHE B 632 -23.03 44.33 9.86
C PHE B 632 -22.47 42.94 9.56
N MET B 633 -22.69 41.97 10.44
CA MET B 633 -22.31 40.59 10.16
C MET B 633 -23.11 40.09 8.96
N PRO B 634 -22.48 39.38 8.02
CA PRO B 634 -23.25 38.73 6.96
C PRO B 634 -24.28 37.78 7.55
N PRO B 635 -25.47 37.72 6.96
CA PRO B 635 -26.55 36.93 7.57
C PRO B 635 -26.16 35.46 7.75
N GLY B 636 -26.55 34.91 8.89
CA GLY B 636 -26.24 33.53 9.20
C GLY B 636 -27.21 32.98 10.22
N ASP B 637 -26.89 31.77 10.69
CA ASP B 637 -27.74 31.07 11.65
C ASP B 637 -27.13 31.09 13.05
N ASN B 638 -26.21 32.03 13.29
CA ASN B 638 -25.55 32.27 14.58
C ASN B 638 -25.29 30.99 15.36
N VAL B 639 -24.73 29.98 14.68
CA VAL B 639 -24.53 28.68 15.30
C VAL B 639 -23.64 28.82 16.52
N HIS B 640 -24.05 28.19 17.63
CA HIS B 640 -23.31 28.26 18.87
C HIS B 640 -22.48 27.02 19.16
N THR B 641 -22.92 25.85 18.72
CA THR B 641 -22.14 24.62 18.84
C THR B 641 -22.09 23.91 17.50
N ILE B 642 -20.99 23.22 17.25
CA ILE B 642 -20.82 22.35 16.08
C ILE B 642 -20.51 20.97 16.61
N ILE B 643 -21.41 20.02 16.38
CA ILE B 643 -21.28 18.67 16.89
C ILE B 643 -20.60 17.82 15.84
N LEU B 644 -19.47 17.22 16.19
CA LEU B 644 -18.73 16.35 15.30
C LEU B 644 -19.10 14.91 15.62
N ASP B 645 -19.46 14.14 14.60
CA ASP B 645 -19.85 12.75 14.80
C ASP B 645 -18.63 11.85 14.70
N PHE B 646 -18.30 11.17 15.79
CA PHE B 646 -17.15 10.27 15.85
C PHE B 646 -17.58 8.82 16.02
N THR B 647 -18.84 8.48 15.74
CA THR B 647 -19.26 7.09 15.80
C THR B 647 -18.59 6.25 14.73
N GLN B 648 -18.38 6.80 13.54
CA GLN B 648 -17.81 6.07 12.42
C GLN B 648 -16.30 6.20 12.32
N VAL B 649 -15.66 6.95 13.20
CA VAL B 649 -14.20 7.11 13.18
C VAL B 649 -13.59 5.94 13.92
N ASN B 650 -12.85 5.09 13.19
CA ASN B 650 -12.28 3.90 13.80
C ASN B 650 -11.05 4.23 14.65
N PHE B 651 -10.17 5.08 14.15
CA PHE B 651 -8.91 5.35 14.84
C PHE B 651 -8.42 6.75 14.48
N MET B 652 -7.47 7.24 15.28
CA MET B 652 -6.89 8.55 15.09
C MET B 652 -5.41 8.47 15.45
N ASP B 653 -4.56 9.04 14.60
CA ASP B 653 -3.13 9.10 14.91
C ASP B 653 -2.77 10.50 15.39
N SER B 654 -1.47 10.76 15.52
CA SER B 654 -1.01 12.04 16.06
C SER B 654 -1.43 13.20 15.17
N VAL B 655 -1.37 13.04 13.85
CA VAL B 655 -1.75 14.11 12.94
C VAL B 655 -3.25 14.40 13.07
N GLY B 656 -4.07 13.36 13.18
CA GLY B 656 -5.49 13.56 13.36
C GLY B 656 -5.81 14.26 14.66
N VAL B 657 -5.13 13.89 15.74
CA VAL B 657 -5.34 14.55 17.02
C VAL B 657 -4.91 16.01 16.97
N LYS B 658 -3.79 16.29 16.31
CA LYS B 658 -3.34 17.68 16.16
C LYS B 658 -4.36 18.50 15.39
N THR B 659 -4.90 17.94 14.30
CA THR B 659 -5.90 18.67 13.53
C THR B 659 -7.17 18.88 14.33
N LEU B 660 -7.57 17.89 15.12
CA LEU B 660 -8.76 18.04 15.96
C LEU B 660 -8.57 19.12 17.00
N ALA B 661 -7.39 19.16 17.64
CA ALA B 661 -7.10 20.21 18.60
C ALA B 661 -7.10 21.58 17.94
N GLY B 662 -6.54 21.67 16.72
CA GLY B 662 -6.58 22.92 16.00
C GLY B 662 -8.00 23.35 15.66
N ILE B 663 -8.83 22.40 15.25
CA ILE B 663 -10.23 22.71 14.94
C ILE B 663 -10.93 23.25 16.17
N VAL B 664 -10.76 22.56 17.31
CA VAL B 664 -11.41 22.99 18.54
C VAL B 664 -10.93 24.37 18.95
N LYS B 665 -9.62 24.62 18.86
CA LYS B 665 -9.08 25.91 19.27
C LYS B 665 -9.58 27.04 18.37
N GLU B 666 -9.57 26.83 17.05
CA GLU B 666 -9.95 27.91 16.16
C GLU B 666 -11.46 28.14 16.17
N TYR B 667 -12.25 27.11 16.48
CA TYR B 667 -13.69 27.34 16.65
C TYR B 667 -14.00 27.97 17.99
N GLY B 668 -13.21 27.70 19.02
CA GLY B 668 -13.42 28.35 20.30
C GLY B 668 -12.97 29.79 20.32
N ASP B 669 -11.99 30.14 19.48
CA ASP B 669 -11.57 31.54 19.39
C ASP B 669 -12.71 32.42 18.90
N VAL B 670 -13.47 31.94 17.91
CA VAL B 670 -14.62 32.70 17.43
C VAL B 670 -15.72 32.75 18.47
N GLY B 671 -15.96 31.65 19.17
CA GLY B 671 -16.99 31.60 20.19
C GLY B 671 -17.99 30.49 19.98
N ILE B 672 -17.60 29.49 19.19
CA ILE B 672 -18.47 28.37 18.84
C ILE B 672 -17.90 27.11 19.48
N TYR B 673 -18.71 26.42 20.27
CA TYR B 673 -18.28 25.18 20.88
C TYR B 673 -18.16 24.08 19.84
N VAL B 674 -17.36 23.07 20.15
CA VAL B 674 -17.25 21.87 19.33
C VAL B 674 -17.38 20.67 20.25
N TYR B 675 -18.35 19.82 19.96
CA TYR B 675 -18.63 18.63 20.76
C TYR B 675 -18.31 17.38 19.96
N LEU B 676 -17.77 16.38 20.62
CA LEU B 676 -17.48 15.09 19.99
C LEU B 676 -18.49 14.07 20.46
N ALA B 677 -19.18 13.42 19.52
CA ALA B 677 -20.26 12.51 19.83
C ALA B 677 -19.88 11.09 19.45
N GLY B 678 -20.07 10.16 20.38
CA GLY B 678 -19.85 8.75 20.13
C GLY B 678 -18.41 8.34 19.87
N CYS B 679 -17.47 8.90 20.63
CA CYS B 679 -16.09 8.47 20.51
C CYS B 679 -15.94 7.05 21.02
N SER B 680 -15.31 6.20 20.24
CA SER B 680 -15.08 4.82 20.66
C SER B 680 -14.05 4.79 21.79
N ALA B 681 -13.91 3.62 22.41
CA ALA B 681 -12.88 3.46 23.43
C ALA B 681 -11.49 3.63 22.84
N GLN B 682 -11.27 3.07 21.65
CA GLN B 682 -9.98 3.20 20.99
C GLN B 682 -9.70 4.64 20.59
N VAL B 683 -10.73 5.36 20.12
CA VAL B 683 -10.53 6.76 19.74
C VAL B 683 -10.24 7.60 20.97
N VAL B 684 -10.90 7.32 22.09
CA VAL B 684 -10.61 8.05 23.32
C VAL B 684 -9.19 7.74 23.81
N SER B 685 -8.76 6.49 23.64
CA SER B 685 -7.38 6.15 23.98
C SER B 685 -6.38 6.91 23.13
N ASP B 686 -6.65 7.01 21.82
CA ASP B 686 -5.75 7.78 20.95
C ASP B 686 -5.78 9.26 21.30
N LEU B 687 -6.94 9.78 21.67
CA LEU B 687 -7.01 11.18 22.09
C LEU B 687 -6.22 11.41 23.38
N THR B 688 -6.31 10.49 24.33
CA THR B 688 -5.64 10.68 25.61
C THR B 688 -4.13 10.51 25.46
N GLN B 689 -3.68 9.50 24.72
CA GLN B 689 -2.26 9.25 24.57
C GLN B 689 -1.55 10.40 23.86
N ASN B 690 -2.19 10.97 22.84
CA ASN B 690 -1.61 12.07 22.08
C ASN B 690 -1.81 13.42 22.76
N GLN B 691 -2.09 13.42 24.07
CA GLN B 691 -2.17 14.63 24.88
C GLN B 691 -3.26 15.59 24.39
N PHE B 692 -4.36 15.06 23.86
CA PHE B 692 -5.49 15.94 23.52
C PHE B 692 -6.21 16.42 24.77
N PHE B 693 -6.22 15.62 25.83
CA PHE B 693 -6.93 15.93 27.06
C PHE B 693 -6.00 16.51 28.12
N GLU B 694 -5.01 17.32 27.72
CA GLU B 694 -4.15 17.95 28.71
C GLU B 694 -4.94 18.85 29.64
N ASN B 695 -5.86 19.64 29.08
CA ASN B 695 -6.82 20.37 29.88
C ASN B 695 -7.94 19.43 30.30
N PRO B 696 -8.19 19.22 31.59
CA PRO B 696 -9.29 18.34 31.98
C PRO B 696 -10.66 18.84 31.55
N ALA B 697 -10.77 20.12 31.22
CA ALA B 697 -12.05 20.67 30.77
C ALA B 697 -12.44 20.18 29.38
N LEU B 698 -11.49 19.64 28.62
CA LEU B 698 -11.80 19.12 27.29
C LEU B 698 -12.51 17.77 27.35
N LEU B 699 -12.55 17.13 28.52
CA LEU B 699 -13.30 15.90 28.66
C LEU B 699 -14.81 16.14 28.67
N ASP B 700 -15.24 17.37 28.92
CA ASP B 700 -16.66 17.69 28.88
C ASP B 700 -17.18 17.80 27.45
N LEU B 701 -16.29 17.95 26.47
CA LEU B 701 -16.74 18.04 25.09
C LEU B 701 -17.27 16.71 24.58
N LEU B 702 -16.71 15.59 25.04
CA LEU B 702 -17.16 14.29 24.58
C LEU B 702 -18.58 14.01 25.04
N PHE B 703 -19.35 13.34 24.19
CA PHE B 703 -20.71 12.93 24.52
C PHE B 703 -20.92 11.52 24.02
N HIS B 704 -21.87 10.82 24.64
CA HIS B 704 -22.08 9.41 24.28
C HIS B 704 -22.75 9.26 22.94
N SER B 705 -23.70 10.14 22.62
CA SER B 705 -24.46 10.04 21.37
C SER B 705 -24.72 11.44 20.83
N ILE B 706 -25.27 11.50 19.62
CA ILE B 706 -25.60 12.79 19.02
C ILE B 706 -26.71 13.47 19.81
N HIS B 707 -27.72 12.70 20.23
CA HIS B 707 -28.82 13.28 20.98
C HIS B 707 -28.35 13.82 22.32
N ASP B 708 -27.42 13.12 22.97
CA ASP B 708 -26.86 13.63 24.21
C ASP B 708 -26.15 14.95 24.00
N ALA B 709 -25.39 15.07 22.90
CA ALA B 709 -24.70 16.32 22.61
C ALA B 709 -25.68 17.44 22.32
N VAL B 710 -26.74 17.16 21.57
CA VAL B 710 -27.75 18.17 21.26
C VAL B 710 -28.43 18.63 22.54
N LEU B 711 -28.79 17.70 23.42
CA LEU B 711 -29.42 18.07 24.68
C LEU B 711 -28.48 18.88 25.55
N GLY B 712 -27.20 18.52 25.57
CA GLY B 712 -26.23 19.29 26.33
C GLY B 712 -26.09 20.71 25.80
N SER B 713 -26.05 20.86 24.48
CA SER B 713 -25.98 22.20 23.90
C SER B 713 -27.24 23.01 24.24
N GLN B 714 -28.41 22.39 24.13
CA GLN B 714 -29.65 23.11 24.42
C GLN B 714 -29.72 23.53 25.88
N VAL B 715 -29.34 22.64 26.80
CA VAL B 715 -29.39 22.99 28.22
C VAL B 715 -28.35 24.04 28.54
N ARG B 716 -27.18 23.99 27.89
CA ARG B 716 -26.17 25.02 28.10
C ARG B 716 -26.66 26.38 27.63
N GLU B 717 -27.32 26.42 26.47
CA GLU B 717 -27.86 27.69 25.98
C GLU B 717 -28.97 28.21 26.89
N ALA B 718 -29.82 27.31 27.39
CA ALA B 718 -30.87 27.72 28.32
C ALA B 718 -30.29 28.27 29.61
N LEU B 719 -29.22 27.64 30.11
CA LEU B 719 -28.59 28.12 31.34
C LEU B 719 -27.88 29.44 31.11
N ALA B 720 -27.31 29.64 29.92
CA ALA B 720 -26.59 30.89 29.64
C ALA B 720 -27.51 32.10 29.66
N GLU B 721 -28.77 31.93 29.24
CA GLU B 721 -29.72 33.04 29.22
C GLU B 721 -29.98 33.56 30.63
N GLN B 722 -30.13 32.65 31.59
CA GLN B 722 -30.36 33.03 32.98
C GLN B 722 -29.07 33.52 33.62
CL CL C . 21.91 19.55 5.21
CL CL D . -3.52 -23.52 -18.01
#